data_8YGJ
#
_entry.id   8YGJ
#
_cell.length_a   1.00
_cell.length_b   1.00
_cell.length_c   1.00
_cell.angle_alpha   90.00
_cell.angle_beta   90.00
_cell.angle_gamma   90.00
#
_symmetry.space_group_name_H-M   'P 1'
#
loop_
_entity.id
_entity.type
_entity.pdbx_description
1 polymer 'RNA (137-MER)'
2 polymer 'DNA (51-MER)'
3 polymer "DNA (5'-D(P*TP*GP*AP*TP*GP*GP*CP*AP*GP*AP*GP*TP*AP*CP*TP*AP*G)-3')"
4 polymer 'Gag-Pol polyprotein'
5 polymer 'DNA (62-MER)'
6 polymer 'CRISPR-associated endonuclease Cas9/Csn1'
#
loop_
_entity_poly.entity_id
_entity_poly.type
_entity_poly.pdbx_seq_one_letter_code
_entity_poly.pdbx_strand_id
1 'polyribonucleotide'
;GGCCGUAGUGCUUGCUCUGAGUUUUAGAGCUAGAAAUAGCAAGUUAAAAUAAGGCUAGUCCGUUAUCAACUUGAAAAAGU
GGCACCGAGUCGGUGCUGGAGGAAGCAGGGCAACCAAACCACAGCGUGCUCAGUCUG
;
B
2 'polydeoxyribonucleotide'
;(DC)(DT)(DA)(DG)(DT)(DA)(DC)(DT)(DC)(DT)(DG)(DC)(DC)(DA)(DT)(DC)(DA)(DG)(DA)(DG)
(DC)(DA)(DA)(DG)(DC)(DA)(DC)(DT)(DA)(DC)(DG)(DG)(DC)(DC)(DG)(DA)(DT)(DT)(DG)(DC)
(DT)(DC)(DT)(DA)(DA)(DG)(DT)(DG)(DA)(DT)(DC)
;
C
3 'polydeoxyribonucleotide' (DT)(DG)(DA)(DT)(DG)(DG)(DC)(DA)(DG)(DA)(DG)(DT)(DA)(DC)(DT)(DA)(DG) D
4 'polypeptide(L)'
;TLNIEDEYRLHETSKEPDVSLGSTWLSDFPQAWAETGGMGLAVRQAPLIIPLKATSTPVSIKQYPMSQEARLGIKPHIQR
LLDQGILVPCQSPWNTPLLPVKKPGTNDYRPVQDLREVNKRVEDIHPTVPNPYNLLSGLPPSHQWYTVLDLKDAFFCLRL
HPTSQPLFAFEWRDPEMGISGQLTWTRLPQGFKNSPTLFNEALHRDLADFRIQHPDLILLQYVDDLLLAATSELDCQQGT
RALLQTLGNLGYRASAKKAQICQKQVKYLGYLLKEGQRWLTEARKETVMGQPTPKTPRQLREFLGKAGFCRLFIPGFAEM
AAPLYPLTKPGTLFNWGPDQQKAYQEIKQALLTAPALGLPDLTKPFELFVDEKQGYAKGVLTQKLGPWRRPVAYLSKKLD
PVAAGWPPCLRMVAAIAVLTKDAGKLTMGQPLVILAPHAVEALVKQPPDRWLSNARMTHYQALLLDTDRVQFGPVVALNP
ATLLPLPEEGLQHNCL
;
E
5 'polydeoxyribonucleotide'
;(DG)(DA)(DT)(DC)(DA)(DC)(DT)(DT)(DA)(DG)(DA)(DG)(DC)(DA)(DA)(DT)(DC)(DG)(DG)(DC)
(DC)(DC)(DA)(DG)(DA)(DC)(DT)(DG)(DA)(DG)(DC)(DA)(DC)(DG)(DC)(DT)(DG)(DT)(DG)(DG)
(DT)(DT)(DT)(DG)(DG)(DT)(DT)(DG)(DC)(DC)(DC)(DT)(DG)(DC)(DT)(DT)(DC)(DC)(DT)(DC)
(DC)(2DA)
;
F
6 'polypeptide(L)'
;DKKYSIGLAIGTNSVGWAVITDEYKVPSKKFKVLGNTDRHSIKKNLIGALLFDSGETAEATRLKRTARRRYTRRKNRICY
LQEIFSNEMAKVDDSFFHRLEESFLVEEDKKHERHPIFGNIVDEVAYHEKYPTIYHLRKKLVDSTDKADLRLIYLALAHM
IKFRGHFLIEGDLNPDNSDVDKLFIQLVQTYNQLFEENPINASGVDAKAILSARLSKSRRLENLIAQLPGEKKNGLFGNL
IALSLGLTPNFKSNFDLAEDAKLQLSKDTYDDDLDNLLAQIGDQYADLFLAAKNLSDAILLSDILRVNTEITKAPLSASM
IKRYDEHHQDLTLLKALVRQQLPEKYKEIFFDQSKNGYAGYIDGGASQEEFYKFIKPILEKMDGTEELLVKLNREDLLRK
QRTFDNGSIPHQIHLGELHAILRRQEDFYPFLKDNREKIEKILTFRIPYYVGPLARGNSRFAWMTRKSEETITPWNFEEV
VDKGASAQSFIERMTNFDKNLPNEKVLPKHSLLYEYFTVYNELTKVKYVTEGMRKPAFLSGEQKKAIVDLLFKTNRKVTV
KQLKEDYFKKIECFDSVEISGVEDRFNASLGTYHDLLKIIKDKDFLDNEENEDILEDIVLTLTLFEDREMIEERLKTYAH
LFDDKVMKQLKRRRYTGWGRLSRKLINGIRDKQSGKTILDFLKSDGFANRNFMQLIHDDSLTFKEDIQKAQVSGQGDSLH
EHIANLAGSPAIKKGILQTVKVVDELVKVMGRHKPENIVIEMARENQTTQKGQKNSRERMKRIEEGIKELGSQILKEHPV
ENTQLQNEKLYLYYLQNGRDMYVDQELDINRLSDYDVDAIVPQSFLKDDSIDNKVLTRSDKNRGKSDNVPSEEVVKKMKN
YWRQLLNAKLITQRKFDNLTKAERGGLSELDKAGFIKRQLVETRQITKHVAQILDSRMNTKYDENDKLIREVKVITLKSK
LVSDFRKDFQFYKVREINNYHHAHDAYLNAVVGTALIKKYPKLESEFVYGDYKVYDVRKMIAKSEQEIGKATAKYFFYSN
IMNFFKTEITLANGEIRKRPLIETNGETGEIVWDKGRDFATVRKVLSMPQVNIVKKTEVQTGGFSKESILPKRNSDKLIA
RKKDWDPKKYGGFDSPTVAYSVLVVAKVEKGKSKKLKSVKELLGITIMERSSFEKNPIDFLEAKGYKEVKKDLIIKLPKY
SLFELENGRKRMLASAGELQKGNELALPSKYVNFLYLASHYEKLKGSPEDNEQKQLFVEQHKHYLDEIIEQISEFSKRVI
LADANLDKVLSAYNKHRDKPIREQAENIIHLFTLTNLGAPAAFKYFDTTIDRKRYTSTKEVLDATLIHQSITGLYETRID
LSQLGGD
;
A
#
loop_
_chem_comp.id
_chem_comp.type
_chem_comp.name
_chem_comp.formula
2DA DNA linking 2',3'-DIDEOXYADENOSINE-5'-MONOPHOSPHATE 'C10 H14 N5 O5 P'
A RNA linking ADENOSINE-5'-MONOPHOSPHATE 'C10 H14 N5 O7 P'
C RNA linking CYTIDINE-5'-MONOPHOSPHATE 'C9 H14 N3 O8 P'
DA DNA linking 2'-DEOXYADENOSINE-5'-MONOPHOSPHATE 'C10 H14 N5 O6 P'
DC DNA linking 2'-DEOXYCYTIDINE-5'-MONOPHOSPHATE 'C9 H14 N3 O7 P'
DG DNA linking 2'-DEOXYGUANOSINE-5'-MONOPHOSPHATE 'C10 H14 N5 O7 P'
DT DNA linking THYMIDINE-5'-MONOPHOSPHATE 'C10 H15 N2 O8 P'
G RNA linking GUANOSINE-5'-MONOPHOSPHATE 'C10 H14 N5 O8 P'
U RNA linking URIDINE-5'-MONOPHOSPHATE 'C9 H13 N2 O9 P'
#
# COMPACT_ATOMS: atom_id res chain seq x y z
N THR D 24 -17.05 17.18 80.26
CA THR D 24 -17.37 16.06 81.19
C THR D 24 -18.00 14.88 80.45
N TRP D 25 -18.53 15.15 79.26
CA TRP D 25 -19.17 14.09 78.49
C TRP D 25 -18.15 13.06 78.03
N LEU D 26 -16.93 13.49 77.71
CA LEU D 26 -15.92 12.56 77.22
C LEU D 26 -15.60 11.50 78.27
N SER D 27 -15.50 11.91 79.53
CA SER D 27 -15.16 10.96 80.59
C SER D 27 -16.26 9.93 80.78
N ASP D 28 -17.52 10.35 80.67
CA ASP D 28 -18.62 9.47 81.05
C ASP D 28 -18.80 8.30 80.09
N PHE D 29 -18.51 8.49 78.81
CA PHE D 29 -18.73 7.46 77.79
C PHE D 29 -17.45 7.25 76.98
N PRO D 30 -16.46 6.56 77.56
CA PRO D 30 -15.23 6.29 76.80
C PRO D 30 -15.44 5.37 75.61
N GLN D 31 -16.52 4.58 75.59
CA GLN D 31 -16.74 3.59 74.55
C GLN D 31 -17.54 4.14 73.36
N ALA D 32 -17.89 5.43 73.38
CA ALA D 32 -18.72 6.02 72.33
C ALA D 32 -17.98 7.09 71.52
N TRP D 33 -16.97 7.72 72.08
CA TRP D 33 -16.27 8.80 71.41
C TRP D 33 -15.10 8.26 70.60
N ALA D 34 -14.90 8.83 69.41
CA ALA D 34 -13.84 8.33 68.53
C ALA D 34 -12.46 8.73 69.02
N GLU D 35 -12.36 9.84 69.77
CA GLU D 35 -11.06 10.26 70.29
C GLU D 35 -10.51 9.26 71.31
N THR D 36 -11.39 8.62 72.08
CA THR D 36 -10.98 7.64 73.08
C THR D 36 -11.06 6.21 72.55
N GLY D 37 -12.21 5.83 71.99
CA GLY D 37 -12.36 4.46 71.52
C GLY D 37 -11.49 4.17 70.30
N GLY D 38 -11.42 5.11 69.37
CA GLY D 38 -10.63 4.92 68.17
C GLY D 38 -11.40 4.22 67.06
N MET D 39 -10.67 3.47 66.23
CA MET D 39 -11.28 2.80 65.08
C MET D 39 -12.21 1.70 65.57
N GLY D 40 -13.52 1.93 65.47
CA GLY D 40 -14.50 1.01 65.98
C GLY D 40 -14.78 -0.15 65.05
N LEU D 41 -15.78 -0.93 65.42
CA LEU D 41 -16.17 -2.11 64.64
C LEU D 41 -17.66 -2.34 64.81
N ALA D 42 -18.31 -2.71 63.70
CA ALA D 42 -19.75 -3.00 63.70
C ALA D 42 -19.94 -4.40 64.27
N VAL D 43 -19.89 -4.49 65.60
CA VAL D 43 -19.99 -5.78 66.26
C VAL D 43 -21.35 -6.42 66.01
N ARG D 44 -22.41 -5.60 65.96
CA ARG D 44 -23.76 -6.16 65.87
C ARG D 44 -23.98 -6.88 64.56
N GLN D 45 -23.70 -6.22 63.44
CA GLN D 45 -23.96 -6.81 62.14
C GLN D 45 -22.88 -7.81 61.77
N ALA D 46 -23.28 -8.85 61.03
CA ALA D 46 -22.36 -9.85 60.55
C ALA D 46 -21.65 -9.38 59.31
N PRO D 47 -20.52 -10.01 58.95
CA PRO D 47 -19.88 -9.68 57.66
C PRO D 47 -20.85 -9.88 56.52
N LEU D 48 -20.82 -8.94 55.57
CA LEU D 48 -21.79 -8.90 54.48
C LEU D 48 -21.11 -9.28 53.17
N ILE D 49 -21.73 -10.19 52.43
CA ILE D 49 -21.23 -10.63 51.14
C ILE D 49 -21.72 -9.66 50.07
N ILE D 50 -20.80 -9.17 49.26
CA ILE D 50 -21.13 -8.26 48.17
C ILE D 50 -21.45 -9.11 46.93
N PRO D 51 -22.70 -9.16 46.50
CA PRO D 51 -23.03 -9.99 45.33
C PRO D 51 -22.55 -9.34 44.04
N LEU D 52 -22.36 -10.19 43.03
CA LEU D 52 -21.84 -9.76 41.74
C LEU D 52 -22.90 -9.99 40.65
N LYS D 53 -22.84 -9.14 39.62
CA LYS D 53 -23.79 -9.23 38.52
C LYS D 53 -23.68 -10.58 37.82
N ALA D 54 -24.76 -10.95 37.13
CA ALA D 54 -24.81 -12.23 36.45
C ALA D 54 -23.61 -12.42 35.53
N THR D 55 -23.20 -11.37 34.84
CA THR D 55 -22.09 -11.43 33.88
C THR D 55 -20.79 -10.92 34.46
N SER D 56 -20.72 -10.69 35.77
CA SER D 56 -19.51 -10.17 36.38
C SER D 56 -18.33 -11.09 36.08
N THR D 57 -17.28 -10.53 35.49
CA THR D 57 -16.05 -11.26 35.21
C THR D 57 -14.87 -10.47 35.74
N PRO D 58 -13.85 -11.13 36.27
CA PRO D 58 -12.73 -10.39 36.88
C PRO D 58 -12.10 -9.42 35.88
N VAL D 59 -11.78 -8.23 36.38
CA VAL D 59 -11.13 -7.19 35.60
C VAL D 59 -10.06 -6.55 36.46
N SER D 60 -9.05 -5.99 35.80
CA SER D 60 -7.94 -5.36 36.51
C SER D 60 -7.34 -4.27 35.63
N ILE D 61 -6.79 -3.25 36.27
CA ILE D 61 -6.15 -2.14 35.58
C ILE D 61 -4.96 -1.68 36.41
N LYS D 62 -3.90 -1.28 35.73
CA LYS D 62 -2.72 -0.77 36.42
C LYS D 62 -3.08 0.51 37.18
N GLN D 63 -2.62 0.60 38.43
CA GLN D 63 -2.91 1.76 39.26
C GLN D 63 -2.48 3.04 38.55
N TYR D 64 -3.38 4.01 38.49
CA TYR D 64 -3.10 5.27 37.82
C TYR D 64 -2.03 6.02 38.60
N PRO D 65 -0.89 6.34 38.01
CA PRO D 65 0.16 7.05 38.76
C PRO D 65 -0.41 8.26 39.51
N MET D 66 -0.16 8.31 40.80
CA MET D 66 -0.68 9.37 41.66
C MET D 66 0.31 10.51 41.75
N SER D 67 -0.23 11.71 41.96
CA SER D 67 0.60 12.90 42.08
C SER D 67 1.47 12.83 43.34
N GLN D 68 2.63 13.49 43.28
CA GLN D 68 3.57 13.46 44.39
C GLN D 68 2.89 13.87 45.70
N GLU D 69 2.40 15.10 45.77
CA GLU D 69 1.77 15.58 47.00
C GLU D 69 0.54 14.74 47.34
N ALA D 70 -0.21 14.32 46.32
CA ALA D 70 -1.36 13.45 46.57
C ALA D 70 -0.92 12.09 47.06
N ARG D 71 0.21 11.59 46.55
CA ARG D 71 0.73 10.31 47.02
C ARG D 71 1.10 10.38 48.49
N LEU D 72 1.75 11.47 48.91
CA LEU D 72 2.13 11.62 50.31
C LEU D 72 0.92 11.82 51.22
N GLY D 73 -0.19 12.32 50.69
CA GLY D 73 -1.38 12.50 51.51
C GLY D 73 -1.98 11.18 51.97
N ILE D 74 -2.06 10.20 51.07
CA ILE D 74 -2.70 8.95 51.41
C ILE D 74 -1.77 8.04 52.22
N LYS D 75 -0.46 8.17 52.03
CA LYS D 75 0.48 7.25 52.67
C LYS D 75 0.27 7.12 54.17
N PRO D 76 0.12 8.20 54.94
CA PRO D 76 -0.12 8.01 56.39
C PRO D 76 -1.39 7.25 56.68
N HIS D 77 -2.45 7.46 55.91
CA HIS D 77 -3.69 6.73 56.13
C HIS D 77 -3.49 5.23 55.88
N ILE D 78 -2.77 4.89 54.82
CA ILE D 78 -2.52 3.48 54.55
C ILE D 78 -1.80 2.84 55.72
N GLN D 79 -0.82 3.55 56.30
CA GLN D 79 -0.14 3.03 57.47
C GLN D 79 -1.11 2.86 58.64
N ARG D 80 -2.01 3.84 58.82
CA ARG D 80 -2.97 3.76 59.90
C ARG D 80 -4.05 2.72 59.60
N LEU D 81 -4.47 2.62 58.32
CA LEU D 81 -5.43 1.60 57.96
C LEU D 81 -4.83 0.19 58.08
N LEU D 82 -3.54 0.05 57.82
CA LEU D 82 -2.88 -1.23 58.00
C LEU D 82 -2.87 -1.64 59.47
N ASP D 83 -2.60 -0.67 60.36
CA ASP D 83 -2.58 -0.98 61.79
C ASP D 83 -3.97 -1.39 62.28
N GLN D 84 -5.01 -0.70 61.80
CA GLN D 84 -6.36 -0.99 62.24
C GLN D 84 -6.89 -2.31 61.69
N GLY D 85 -6.17 -2.96 60.77
CA GLY D 85 -6.65 -4.17 60.16
C GLY D 85 -7.57 -3.97 58.98
N ILE D 86 -7.90 -2.72 58.64
CA ILE D 86 -8.77 -2.48 57.50
C ILE D 86 -8.10 -2.95 56.22
N LEU D 87 -6.81 -2.66 56.07
CA LEU D 87 -6.04 -3.04 54.89
C LEU D 87 -5.10 -4.18 55.25
N VAL D 88 -5.18 -5.27 54.49
CA VAL D 88 -4.29 -6.41 54.68
C VAL D 88 -3.65 -6.75 53.33
N PRO D 89 -2.39 -7.17 53.28
CA PRO D 89 -1.81 -7.58 52.00
C PRO D 89 -2.50 -8.80 51.45
N CYS D 90 -2.69 -8.81 50.13
CA CYS D 90 -3.36 -9.92 49.46
C CYS D 90 -2.95 -9.92 48.00
N GLN D 91 -3.25 -11.03 47.33
CA GLN D 91 -3.06 -11.19 45.89
C GLN D 91 -4.40 -11.58 45.28
N SER D 92 -4.98 -10.69 44.48
CA SER D 92 -6.31 -10.88 43.93
C SER D 92 -6.32 -10.46 42.47
N PRO D 93 -7.23 -11.05 41.66
CA PRO D 93 -7.33 -10.62 40.26
C PRO D 93 -8.05 -9.29 40.07
N TRP D 94 -8.80 -8.83 41.06
CA TRP D 94 -9.44 -7.51 41.00
C TRP D 94 -8.50 -6.48 41.61
N ASN D 95 -8.19 -5.44 40.85
CA ASN D 95 -7.31 -4.37 41.34
C ASN D 95 -7.71 -3.06 40.65
N THR D 96 -8.42 -2.19 41.40
CA THR D 96 -8.78 -0.87 40.90
C THR D 96 -7.95 0.20 41.58
N PRO D 97 -7.58 1.26 40.88
CA PRO D 97 -6.70 2.28 41.47
C PRO D 97 -7.37 3.01 42.63
N LEU D 98 -6.55 3.78 43.33
CA LEU D 98 -6.98 4.57 44.48
C LEU D 98 -7.00 6.05 44.10
N LEU D 99 -7.99 6.80 44.60
CA LEU D 99 -8.15 8.21 44.26
C LEU D 99 -7.93 9.08 45.49
N PRO D 100 -7.02 10.05 45.43
CA PRO D 100 -6.80 10.96 46.57
C PRO D 100 -7.72 12.18 46.54
N VAL D 101 -8.94 12.04 47.04
CA VAL D 101 -9.93 13.13 47.00
C VAL D 101 -9.56 14.13 48.09
N LYS D 102 -8.90 15.22 47.69
CA LYS D 102 -8.52 16.27 48.62
C LYS D 102 -9.74 16.85 49.34
N LYS D 103 -9.64 16.94 50.66
CA LYS D 103 -10.69 17.58 51.45
C LYS D 103 -10.78 19.05 51.08
N PRO D 104 -11.98 19.65 51.16
CA PRO D 104 -12.06 21.12 51.01
C PRO D 104 -11.10 21.84 51.94
N GLY D 105 -10.99 21.39 53.19
CA GLY D 105 -10.00 21.92 54.10
C GLY D 105 -8.65 21.27 53.87
N THR D 106 -7.65 22.08 53.56
CA THR D 106 -6.31 21.57 53.22
C THR D 106 -6.51 20.51 52.14
N ASN D 107 -5.65 19.47 52.13
CA ASN D 107 -5.76 18.36 51.18
C ASN D 107 -5.60 17.05 51.97
N ASP D 108 -6.69 16.60 52.59
CA ASP D 108 -6.63 15.35 53.34
C ASP D 108 -6.39 14.14 52.45
N TYR D 109 -6.79 14.23 51.18
CA TYR D 109 -6.59 13.15 50.21
C TYR D 109 -7.10 11.82 50.75
N ARG D 110 -8.40 11.78 51.08
CA ARG D 110 -9.00 10.54 51.54
C ARG D 110 -8.75 9.43 50.52
N PRO D 111 -8.35 8.23 50.96
CA PRO D 111 -8.08 7.13 50.01
C PRO D 111 -9.35 6.44 49.52
N VAL D 112 -9.96 7.03 48.48
CA VAL D 112 -11.18 6.52 47.89
C VAL D 112 -10.84 5.84 46.57
N GLN D 113 -11.22 4.57 46.44
CA GLN D 113 -10.99 3.84 45.20
C GLN D 113 -11.74 4.46 44.04
N ASP D 114 -11.13 4.44 42.86
CA ASP D 114 -11.87 4.81 41.65
C ASP D 114 -13.10 3.94 41.51
N LEU D 115 -12.92 2.63 41.64
CA LEU D 115 -14.01 1.68 41.75
C LEU D 115 -15.03 1.81 40.62
N ARG D 116 -14.64 2.36 39.48
CA ARG D 116 -15.55 2.39 38.34
C ARG D 116 -15.91 0.97 37.91
N GLU D 117 -14.89 0.13 37.68
CA GLU D 117 -15.15 -1.24 37.22
C GLU D 117 -16.02 -2.00 38.22
N VAL D 118 -15.64 -1.96 39.50
CA VAL D 118 -16.37 -2.72 40.50
C VAL D 118 -17.82 -2.29 40.54
N ASN D 119 -18.07 -0.98 40.61
CA ASN D 119 -19.43 -0.48 40.54
C ASN D 119 -20.15 -1.03 39.32
N LYS D 120 -19.46 -1.05 38.17
CA LYS D 120 -20.06 -1.61 36.96
C LYS D 120 -20.33 -3.09 37.11
N ARG D 121 -19.35 -3.85 37.63
CA ARG D 121 -19.51 -5.29 37.75
C ARG D 121 -20.48 -5.67 38.84
N VAL D 122 -20.53 -4.91 39.94
CA VAL D 122 -21.40 -5.28 41.06
C VAL D 122 -22.85 -5.02 40.70
N GLU D 123 -23.75 -5.72 41.41
CA GLU D 123 -25.18 -5.58 41.19
C GLU D 123 -25.67 -4.22 41.70
N ASP D 124 -26.94 -3.95 41.42
CA ASP D 124 -27.62 -2.73 41.87
C ASP D 124 -28.78 -3.13 42.77
N ILE D 125 -28.86 -2.51 43.94
CA ILE D 125 -29.89 -2.81 44.92
C ILE D 125 -30.72 -1.56 45.17
N HIS D 126 -31.92 -1.77 45.71
CA HIS D 126 -32.82 -0.65 45.97
C HIS D 126 -32.19 0.31 46.98
N PRO D 127 -32.26 1.62 46.75
CA PRO D 127 -31.73 2.57 47.72
C PRO D 127 -32.78 3.02 48.73
N THR D 128 -32.29 3.36 49.93
CA THR D 128 -33.19 3.82 50.99
C THR D 128 -32.63 5.02 51.73
N VAL D 129 -31.70 5.76 51.13
CA VAL D 129 -31.19 6.97 51.78
C VAL D 129 -32.27 8.03 51.80
N PRO D 130 -32.50 8.73 52.91
CA PRO D 130 -33.49 9.80 52.92
C PRO D 130 -32.94 11.08 52.30
N ASN D 131 -33.77 11.73 51.48
CA ASN D 131 -33.38 12.99 50.87
C ASN D 131 -33.47 14.13 51.88
N PRO D 132 -32.53 15.07 51.85
CA PRO D 132 -32.50 16.13 52.89
C PRO D 132 -33.75 16.97 52.93
N TYR D 133 -34.57 16.98 51.89
CA TYR D 133 -35.76 17.80 51.86
C TYR D 133 -36.90 17.24 52.71
N ASN D 134 -36.69 16.08 53.34
CA ASN D 134 -37.71 15.45 54.17
C ASN D 134 -37.29 15.32 55.62
N LEU D 135 -36.04 14.93 55.90
CA LEU D 135 -35.56 14.81 57.26
C LEU D 135 -36.03 15.97 58.13
N LEU D 136 -35.78 17.19 57.66
CA LEU D 136 -36.18 18.37 58.42
C LEU D 136 -37.69 18.50 58.53
N SER D 137 -38.44 17.83 57.65
CA SER D 137 -39.89 17.86 57.75
C SER D 137 -40.40 17.08 58.96
N GLY D 138 -39.68 16.05 59.37
CA GLY D 138 -40.11 15.24 60.50
C GLY D 138 -39.93 15.91 61.85
N LEU D 139 -39.06 16.90 61.93
CA LEU D 139 -38.81 17.59 63.19
C LEU D 139 -40.01 18.44 63.58
N PRO D 140 -40.62 18.21 64.74
CA PRO D 140 -41.75 19.05 65.14
C PRO D 140 -41.27 20.25 65.96
N PRO D 141 -41.96 21.38 65.89
CA PRO D 141 -41.54 22.54 66.69
C PRO D 141 -41.63 22.32 68.18
N SER D 142 -42.38 21.31 68.63
CA SER D 142 -42.51 21.08 70.07
C SER D 142 -41.17 20.76 70.71
N HIS D 143 -40.35 19.94 70.05
CA HIS D 143 -39.04 19.57 70.57
C HIS D 143 -38.06 20.69 70.25
N GLN D 144 -37.70 21.47 71.27
CA GLN D 144 -36.86 22.65 71.08
C GLN D 144 -35.39 22.40 71.42
N TRP D 145 -35.08 21.31 72.13
CA TRP D 145 -33.72 21.00 72.54
C TRP D 145 -33.13 19.99 71.56
N TYR D 146 -31.90 20.24 71.13
CA TYR D 146 -31.28 19.48 70.05
C TYR D 146 -29.95 18.91 70.51
N THR D 147 -29.50 17.87 69.80
CA THR D 147 -28.20 17.25 70.07
C THR D 147 -27.72 16.61 68.78
N VAL D 148 -26.71 17.22 68.17
CA VAL D 148 -26.18 16.77 66.88
C VAL D 148 -24.95 15.90 67.14
N LEU D 149 -25.03 14.64 66.72
CA LEU D 149 -23.93 13.70 66.82
C LEU D 149 -23.55 13.24 65.42
N ASP D 150 -22.25 13.25 65.13
CA ASP D 150 -21.73 12.81 63.84
C ASP D 150 -20.85 11.58 64.05
N LEU D 151 -21.17 10.49 63.35
CA LEU D 151 -20.42 9.24 63.46
C LEU D 151 -19.19 9.33 62.57
N LYS D 152 -18.01 9.33 63.17
CA LYS D 152 -16.77 9.31 62.42
C LYS D 152 -16.49 7.92 61.87
N ASP D 153 -15.84 7.86 60.70
CA ASP D 153 -15.48 6.59 60.08
C ASP D 153 -16.71 5.71 59.90
N ALA D 154 -17.86 6.33 59.64
CA ALA D 154 -19.13 5.61 59.65
C ALA D 154 -19.10 4.40 58.73
N PHE D 155 -18.70 4.60 57.47
CA PHE D 155 -18.67 3.49 56.52
C PHE D 155 -17.73 2.38 56.98
N PHE D 156 -16.61 2.72 57.62
CA PHE D 156 -15.62 1.73 58.00
C PHE D 156 -16.10 0.77 59.08
N CYS D 157 -17.24 1.04 59.71
CA CYS D 157 -17.68 0.21 60.82
C CYS D 157 -18.10 -1.17 60.36
N LEU D 158 -18.75 -1.27 59.20
CA LEU D 158 -19.30 -2.54 58.76
C LEU D 158 -18.19 -3.45 58.24
N ARG D 159 -18.15 -4.68 58.74
CA ARG D 159 -17.15 -5.65 58.33
C ARG D 159 -17.49 -6.25 56.97
N LEU D 160 -16.46 -6.67 56.26
CA LEU D 160 -16.60 -7.31 54.96
C LEU D 160 -16.15 -8.77 55.05
N HIS D 161 -16.95 -9.65 54.46
CA HIS D 161 -16.62 -11.07 54.48
C HIS D 161 -15.34 -11.32 53.69
N PRO D 162 -14.46 -12.20 54.17
CA PRO D 162 -13.21 -12.45 53.43
C PRO D 162 -13.43 -12.96 52.01
N THR D 163 -14.57 -13.60 51.74
CA THR D 163 -14.83 -14.10 50.38
C THR D 163 -14.92 -12.94 49.40
N SER D 164 -15.59 -11.86 49.79
CA SER D 164 -15.76 -10.70 48.93
C SER D 164 -14.68 -9.65 49.12
N GLN D 165 -13.75 -9.86 50.06
CA GLN D 165 -12.64 -8.94 50.21
C GLN D 165 -11.83 -8.77 48.94
N PRO D 166 -11.52 -9.82 48.18
CA PRO D 166 -10.73 -9.63 46.96
C PRO D 166 -11.37 -8.69 45.96
N LEU D 167 -12.67 -8.41 46.08
CA LEU D 167 -13.33 -7.51 45.14
C LEU D 167 -12.67 -6.14 45.15
N PHE D 168 -12.38 -5.62 46.34
CA PHE D 168 -11.72 -4.32 46.48
C PHE D 168 -10.25 -4.55 46.76
N ALA D 169 -9.40 -3.93 45.93
CA ALA D 169 -7.97 -4.01 46.13
C ALA D 169 -7.30 -2.91 45.32
N PHE D 170 -6.07 -2.60 45.70
CA PHE D 170 -5.29 -1.60 44.99
C PHE D 170 -3.82 -1.85 45.27
N GLU D 171 -2.97 -1.38 44.36
CA GLU D 171 -1.55 -1.62 44.43
C GLU D 171 -0.88 -0.44 45.14
N TRP D 172 -0.19 -0.73 46.24
CA TRP D 172 0.52 0.29 47.01
C TRP D 172 1.89 -0.24 47.37
N ARG D 173 2.93 0.40 46.84
CA ARG D 173 4.31 0.00 47.08
C ARG D 173 5.06 1.20 47.64
N ASP D 174 5.58 1.05 48.86
CA ASP D 174 6.39 2.09 49.50
C ASP D 174 7.69 1.46 49.97
N PRO D 175 8.85 1.90 49.48
CA PRO D 175 10.11 1.29 49.95
C PRO D 175 10.29 1.39 51.45
N GLU D 176 9.82 2.47 52.08
CA GLU D 176 9.93 2.58 53.52
C GLU D 176 9.13 1.49 54.22
N MET D 177 7.91 1.24 53.74
CA MET D 177 7.10 0.18 54.34
C MET D 177 7.70 -1.19 54.06
N GLY D 178 8.26 -1.38 52.86
CA GLY D 178 8.85 -2.65 52.49
C GLY D 178 7.88 -3.67 51.94
N ILE D 179 6.61 -3.32 51.77
CA ILE D 179 5.60 -4.22 51.25
C ILE D 179 5.06 -3.65 49.95
N SER D 180 5.08 -4.45 48.90
CA SER D 180 4.56 -4.07 47.59
C SER D 180 3.57 -5.12 47.11
N GLY D 181 2.41 -4.67 46.66
CA GLY D 181 1.38 -5.57 46.17
C GLY D 181 0.02 -4.97 46.40
N GLN D 182 -0.99 -5.85 46.44
CA GLN D 182 -2.37 -5.44 46.64
C GLN D 182 -2.71 -5.40 48.12
N LEU D 183 -3.50 -4.41 48.51
CA LEU D 183 -3.95 -4.23 49.89
C LEU D 183 -5.47 -4.15 49.86
N THR D 184 -6.14 -5.28 50.06
CA THR D 184 -7.59 -5.30 50.02
C THR D 184 -8.15 -4.67 51.30
N TRP D 185 -9.47 -4.41 51.27
CA TRP D 185 -10.16 -3.81 52.40
C TRP D 185 -10.97 -4.86 53.14
N THR D 186 -10.77 -4.96 54.44
CA THR D 186 -11.54 -5.90 55.25
C THR D 186 -12.90 -5.34 55.64
N ARG D 187 -13.06 -4.03 55.59
CA ARG D 187 -14.32 -3.36 55.81
C ARG D 187 -14.91 -2.95 54.45
N LEU D 188 -15.93 -2.11 54.49
CA LEU D 188 -16.51 -1.57 53.26
C LEU D 188 -15.97 -0.17 53.05
N PRO D 189 -15.14 0.07 52.04
CA PRO D 189 -14.52 1.40 51.87
C PRO D 189 -15.48 2.37 51.17
N GLN D 190 -14.97 3.57 50.95
CA GLN D 190 -15.75 4.63 50.33
C GLN D 190 -15.75 4.50 48.81
N GLY D 191 -16.86 4.90 48.20
CA GLY D 191 -16.97 4.91 46.75
C GLY D 191 -17.89 3.84 46.21
N PHE D 192 -17.89 2.67 46.83
CA PHE D 192 -18.78 1.60 46.43
C PHE D 192 -20.20 2.11 46.34
N LYS D 193 -20.82 1.95 45.17
CA LYS D 193 -22.06 2.67 44.88
C LYS D 193 -23.21 2.26 45.79
N ASN D 194 -23.11 1.12 46.48
CA ASN D 194 -24.15 0.70 47.41
C ASN D 194 -23.75 0.87 48.87
N SER D 195 -22.58 1.43 49.16
CA SER D 195 -22.19 1.64 50.55
C SER D 195 -23.14 2.57 51.28
N PRO D 196 -23.50 3.74 50.74
CA PRO D 196 -24.39 4.65 51.49
C PRO D 196 -25.74 4.05 51.78
N THR D 197 -26.13 2.97 51.11
CA THR D 197 -27.42 2.33 51.36
C THR D 197 -27.33 1.33 52.51
N LEU D 198 -26.36 0.42 52.46
CA LEU D 198 -26.29 -0.62 53.47
C LEU D 198 -26.08 -0.02 54.86
N PHE D 199 -25.20 0.96 54.98
CA PHE D 199 -24.95 1.56 56.28
C PHE D 199 -26.24 2.11 56.88
N ASN D 200 -26.99 2.88 56.11
CA ASN D 200 -28.26 3.40 56.61
C ASN D 200 -29.18 2.27 57.03
N GLU D 201 -29.35 1.27 56.16
CA GLU D 201 -30.17 0.12 56.51
C GLU D 201 -29.68 -0.54 57.79
N ALA D 202 -28.37 -0.81 57.86
CA ALA D 202 -27.81 -1.48 59.04
C ALA D 202 -27.94 -0.60 60.28
N LEU D 203 -27.47 0.64 60.19
CA LEU D 203 -27.60 1.55 61.33
C LEU D 203 -29.05 1.78 61.70
N HIS D 204 -29.96 1.68 60.73
CA HIS D 204 -31.37 1.96 60.99
C HIS D 204 -31.92 1.04 62.07
N ARG D 205 -31.89 -0.28 61.84
CA ARG D 205 -32.41 -1.21 62.83
C ARG D 205 -31.75 -0.99 64.20
N ASP D 206 -30.47 -0.65 64.22
CA ASP D 206 -29.80 -0.41 65.50
C ASP D 206 -30.48 0.71 66.26
N LEU D 207 -30.65 1.87 65.63
CA LEU D 207 -31.34 2.98 66.26
C LEU D 207 -32.85 2.76 66.32
N ALA D 208 -33.38 1.84 65.50
CA ALA D 208 -34.82 1.57 65.53
C ALA D 208 -35.26 1.11 66.90
N ASP D 209 -34.51 0.19 67.51
CA ASP D 209 -34.85 -0.25 68.86
C ASP D 209 -34.67 0.86 69.88
N PHE D 210 -33.66 1.72 69.70
CA PHE D 210 -33.48 2.84 70.60
C PHE D 210 -34.75 3.68 70.71
N ARG D 211 -35.44 3.87 69.59
CA ARG D 211 -36.69 4.62 69.64
C ARG D 211 -37.75 3.86 70.41
N ILE D 212 -37.75 2.54 70.31
CA ILE D 212 -38.66 1.74 71.12
C ILE D 212 -38.39 1.99 72.60
N GLN D 213 -37.11 2.07 72.98
CA GLN D 213 -36.77 2.35 74.37
C GLN D 213 -37.11 3.78 74.76
N HIS D 214 -37.00 4.72 73.82
CA HIS D 214 -37.23 6.15 74.09
C HIS D 214 -38.18 6.72 73.04
N PRO D 215 -39.45 6.30 73.05
CA PRO D 215 -40.40 6.88 72.09
C PRO D 215 -40.57 8.38 72.24
N ASP D 216 -40.45 8.90 73.47
CA ASP D 216 -40.66 10.33 73.69
C ASP D 216 -39.72 11.16 72.84
N LEU D 217 -38.46 10.75 72.71
CA LEU D 217 -37.48 11.52 71.99
C LEU D 217 -37.69 11.37 70.48
N ILE D 218 -37.07 12.27 69.72
CA ILE D 218 -37.15 12.29 68.26
C ILE D 218 -35.72 12.33 67.74
N LEU D 219 -35.20 11.17 67.33
CA LEU D 219 -33.84 11.05 66.83
C LEU D 219 -33.86 11.05 65.30
N LEU D 220 -33.04 11.90 64.70
CA LEU D 220 -32.93 12.01 63.24
C LEU D 220 -31.65 11.31 62.80
N GLN D 221 -31.80 10.21 62.08
CA GLN D 221 -30.67 9.41 61.61
C GLN D 221 -30.34 9.79 60.17
N TYR D 222 -29.30 10.60 60.00
CA TYR D 222 -28.78 10.91 58.67
C TYR D 222 -27.87 9.77 58.24
N VAL D 223 -27.18 9.94 57.11
CA VAL D 223 -26.25 8.90 56.66
C VAL D 223 -25.20 8.63 57.74
N ASP D 224 -24.62 9.68 58.31
CA ASP D 224 -23.63 9.53 59.36
C ASP D 224 -23.81 10.57 60.47
N ASP D 225 -24.86 11.39 60.41
CA ASP D 225 -25.11 12.44 61.39
C ASP D 225 -26.41 12.12 62.12
N LEU D 226 -26.33 12.02 63.44
CA LEU D 226 -27.48 11.71 64.29
C LEU D 226 -27.83 12.96 65.08
N LEU D 227 -29.07 13.43 64.92
CA LEU D 227 -29.57 14.60 65.64
C LEU D 227 -30.70 14.14 66.54
N LEU D 228 -30.56 14.37 67.85
CA LEU D 228 -31.55 13.97 68.83
C LEU D 228 -32.30 15.22 69.30
N ALA D 229 -33.62 15.18 69.16
CA ALA D 229 -34.49 16.28 69.55
C ALA D 229 -35.31 15.86 70.76
N ALA D 230 -35.38 16.73 71.77
CA ALA D 230 -36.10 16.46 73.00
C ALA D 230 -37.00 17.64 73.34
N THR D 231 -37.87 17.42 74.33
CA THR D 231 -38.81 18.46 74.72
C THR D 231 -38.16 19.49 75.63
N SER D 232 -37.64 19.03 76.77
CA SER D 232 -36.99 19.90 77.74
C SER D 232 -35.50 19.62 77.76
N GLU D 233 -34.78 20.44 78.53
CA GLU D 233 -33.33 20.27 78.64
C GLU D 233 -32.99 18.94 79.30
N LEU D 234 -33.75 18.56 80.34
CA LEU D 234 -33.48 17.29 81.01
C LEU D 234 -33.77 16.11 80.09
N ASP D 235 -34.80 16.22 79.25
CA ASP D 235 -35.11 15.13 78.33
C ASP D 235 -33.96 14.89 77.36
N CYS D 236 -33.36 15.97 76.85
CA CYS D 236 -32.22 15.81 75.95
C CYS D 236 -31.04 15.20 76.68
N GLN D 237 -30.80 15.63 77.93
CA GLN D 237 -29.69 15.07 78.70
C GLN D 237 -29.87 13.58 78.94
N GLN D 238 -31.09 13.16 79.30
CA GLN D 238 -31.34 11.74 79.51
C GLN D 238 -31.17 10.95 78.22
N GLY D 239 -31.67 11.49 77.11
CA GLY D 239 -31.53 10.80 75.84
C GLY D 239 -30.08 10.73 75.38
N THR D 240 -29.33 11.81 75.58
CA THR D 240 -27.94 11.84 75.15
C THR D 240 -27.12 10.77 75.86
N ARG D 241 -27.30 10.65 77.18
CA ARG D 241 -26.56 9.63 77.92
C ARG D 241 -26.98 8.23 77.47
N ALA D 242 -28.28 8.01 77.29
CA ALA D 242 -28.74 6.72 76.79
C ALA D 242 -28.24 6.48 75.36
N LEU D 243 -28.29 7.51 74.53
CA LEU D 243 -27.85 7.35 73.14
C LEU D 243 -26.37 7.01 73.07
N LEU D 244 -25.54 7.68 73.89
CA LEU D 244 -24.11 7.40 73.88
C LEU D 244 -23.83 5.96 74.31
N GLN D 245 -24.52 5.49 75.34
CA GLN D 245 -24.31 4.11 75.80
C GLN D 245 -24.70 3.10 74.72
N THR D 246 -25.83 3.32 74.06
CA THR D 246 -26.28 2.39 73.03
C THR D 246 -25.29 2.34 71.87
N LEU D 247 -24.85 3.51 71.41
CA LEU D 247 -23.88 3.55 70.32
C LEU D 247 -22.54 2.98 70.75
N GLY D 248 -22.16 3.17 72.01
CA GLY D 248 -20.89 2.61 72.48
C GLY D 248 -20.89 1.10 72.44
N ASN D 249 -21.98 0.49 72.89
CA ASN D 249 -22.11 -0.96 72.81
C ASN D 249 -22.14 -1.42 71.36
N LEU D 250 -22.85 -0.68 70.50
CA LEU D 250 -22.97 -1.06 69.10
C LEU D 250 -21.66 -0.98 68.35
N GLY D 251 -20.67 -0.26 68.90
CA GLY D 251 -19.35 -0.18 68.31
C GLY D 251 -19.08 1.11 67.55
N TYR D 252 -20.13 1.81 67.11
CA TYR D 252 -19.93 3.07 66.41
C TYR D 252 -19.21 4.06 67.32
N ARG D 253 -18.39 4.91 66.73
CA ARG D 253 -17.65 5.92 67.47
C ARG D 253 -17.92 7.29 66.85
N ALA D 254 -18.30 8.25 67.71
CA ALA D 254 -18.62 9.60 67.27
C ALA D 254 -17.49 10.55 67.63
N SER D 255 -17.16 11.44 66.70
CA SER D 255 -16.14 12.45 66.96
C SER D 255 -16.66 13.47 67.98
N ALA D 256 -15.82 13.77 68.98
CA ALA D 256 -16.20 14.71 70.03
C ALA D 256 -15.80 16.14 69.71
N LYS D 257 -14.91 16.35 68.74
CA LYS D 257 -14.49 17.72 68.43
C LYS D 257 -15.65 18.56 67.92
N LYS D 258 -16.50 17.97 67.06
CA LYS D 258 -17.67 18.64 66.50
C LYS D 258 -18.90 17.86 66.90
N ALA D 259 -19.45 18.17 68.07
CA ALA D 259 -20.65 17.51 68.56
C ALA D 259 -21.40 18.50 69.46
N GLN D 260 -22.43 19.12 68.89
CA GLN D 260 -23.26 20.08 69.63
C GLN D 260 -24.21 19.31 70.54
N ILE D 261 -24.03 19.47 71.85
CA ILE D 261 -24.79 18.72 72.84
C ILE D 261 -25.54 19.70 73.73
N CYS D 262 -26.86 19.51 73.84
CA CYS D 262 -27.69 20.29 74.74
C CYS D 262 -27.53 21.79 74.48
N GLN D 263 -27.51 22.16 73.20
CA GLN D 263 -27.45 23.55 72.79
C GLN D 263 -28.67 23.89 71.94
N LYS D 264 -29.29 25.04 72.22
CA LYS D 264 -30.42 25.48 71.42
C LYS D 264 -29.99 25.79 70.00
N GLN D 265 -28.86 26.46 69.84
CA GLN D 265 -28.31 26.78 68.52
C GLN D 265 -27.46 25.60 68.05
N VAL D 266 -27.94 24.89 67.03
CA VAL D 266 -27.20 23.78 66.44
C VAL D 266 -27.18 23.95 64.92
N LYS D 267 -26.16 23.36 64.30
CA LYS D 267 -26.02 23.34 62.85
C LYS D 267 -26.20 21.90 62.37
N TYR D 268 -27.17 21.69 61.48
CA TYR D 268 -27.50 20.36 61.01
C TYR D 268 -27.95 20.44 59.56
N LEU D 269 -27.44 19.51 58.74
CA LEU D 269 -27.85 19.40 57.34
C LEU D 269 -27.68 20.72 56.60
N GLY D 270 -26.72 21.54 57.02
CA GLY D 270 -26.50 22.83 56.42
C GLY D 270 -27.48 23.91 56.82
N TYR D 271 -28.25 23.70 57.88
CA TYR D 271 -29.31 24.61 58.28
C TYR D 271 -29.20 24.92 59.76
N LEU D 272 -29.41 26.19 60.11
CA LEU D 272 -29.44 26.60 61.51
C LEU D 272 -30.81 26.28 62.11
N LEU D 273 -30.79 25.77 63.34
CA LEU D 273 -32.00 25.35 64.05
C LEU D 273 -32.09 26.14 65.35
N LYS D 274 -32.95 27.16 65.36
CA LYS D 274 -33.12 28.02 66.53
C LYS D 274 -34.59 28.37 66.67
N GLU D 275 -35.11 28.26 67.90
CA GLU D 275 -36.53 28.53 68.17
C GLU D 275 -37.43 27.72 67.25
N GLY D 276 -36.99 26.53 66.87
CA GLY D 276 -37.78 25.71 65.96
C GLY D 276 -38.02 26.34 64.62
N GLN D 277 -37.06 27.10 64.12
CA GLN D 277 -37.15 27.75 62.82
C GLN D 277 -35.94 27.36 61.97
N ARG D 278 -36.19 27.08 60.70
CA ARG D 278 -35.12 26.67 59.79
C ARG D 278 -34.44 27.93 59.26
N TRP D 279 -33.58 28.49 60.10
CA TRP D 279 -32.86 29.70 59.77
C TRP D 279 -31.90 29.44 58.62
N LEU D 280 -31.22 30.50 58.18
CA LEU D 280 -30.17 30.41 57.17
C LEU D 280 -28.88 30.95 57.75
N THR D 281 -27.79 30.20 57.52
CA THR D 281 -26.51 30.57 58.11
C THR D 281 -26.01 31.88 57.52
N GLU D 282 -25.42 32.72 58.38
CA GLU D 282 -24.88 33.99 57.93
C GLU D 282 -23.72 33.80 56.96
N ALA D 283 -22.92 32.76 57.16
CA ALA D 283 -21.78 32.53 56.26
C ALA D 283 -22.25 32.23 54.85
N ARG D 284 -23.33 31.46 54.70
CA ARG D 284 -23.83 31.14 53.38
C ARG D 284 -24.23 32.42 52.65
N LYS D 285 -24.95 33.31 53.32
CA LYS D 285 -25.40 34.55 52.69
C LYS D 285 -24.22 35.35 52.17
N GLU D 286 -23.10 35.34 52.89
CA GLU D 286 -21.93 36.08 52.45
C GLU D 286 -21.40 35.56 51.12
N THR D 287 -21.42 34.23 50.94
CA THR D 287 -20.85 33.65 49.73
C THR D 287 -21.59 34.12 48.49
N VAL D 288 -22.92 34.17 48.56
CA VAL D 288 -23.70 34.53 47.37
C VAL D 288 -23.42 35.98 46.99
N MET D 289 -23.46 36.89 47.96
CA MET D 289 -23.22 38.29 47.67
C MET D 289 -21.74 38.59 47.43
N GLY D 290 -20.84 37.80 48.02
CA GLY D 290 -19.43 38.10 47.91
C GLY D 290 -18.91 38.05 46.49
N GLN D 291 -19.44 37.16 45.67
CA GLN D 291 -18.95 37.03 44.30
C GLN D 291 -19.25 38.30 43.52
N PRO D 292 -18.33 38.75 42.65
CA PRO D 292 -18.63 39.93 41.82
C PRO D 292 -19.60 39.60 40.70
N THR D 293 -19.86 40.55 39.82
CA THR D 293 -20.78 40.32 38.71
C THR D 293 -20.17 39.28 37.77
N PRO D 294 -20.88 38.19 37.47
CA PRO D 294 -20.31 37.17 36.57
C PRO D 294 -20.09 37.73 35.18
N LYS D 295 -19.06 37.21 34.51
CA LYS D 295 -18.70 37.64 33.17
C LYS D 295 -18.74 36.52 32.15
N THR D 296 -18.83 35.28 32.58
CA THR D 296 -18.90 34.11 31.71
C THR D 296 -20.05 33.24 32.13
N PRO D 297 -20.57 32.39 31.23
CA PRO D 297 -21.65 31.48 31.65
C PRO D 297 -21.26 30.59 32.81
N ARG D 298 -19.98 30.22 32.91
CA ARG D 298 -19.51 29.47 34.07
C ARG D 298 -19.70 30.27 35.35
N GLN D 299 -19.27 31.53 35.34
CA GLN D 299 -19.39 32.37 36.53
C GLN D 299 -20.84 32.53 36.95
N LEU D 300 -21.73 32.72 35.98
CA LEU D 300 -23.15 32.89 36.32
C LEU D 300 -23.75 31.61 36.86
N ARG D 301 -23.32 30.45 36.32
CA ARG D 301 -23.80 29.19 36.86
C ARG D 301 -23.37 28.99 38.29
N GLU D 302 -22.11 29.33 38.60
CA GLU D 302 -21.63 29.28 39.98
C GLU D 302 -22.53 30.11 40.88
N PHE D 303 -22.79 31.36 40.49
CA PHE D 303 -23.67 32.22 41.28
C PHE D 303 -25.05 31.59 41.41
N LEU D 304 -25.65 31.21 40.29
CA LEU D 304 -26.99 30.63 40.34
C LEU D 304 -27.01 29.37 41.19
N GLY D 305 -25.96 28.56 41.12
CA GLY D 305 -25.88 27.38 41.97
C GLY D 305 -25.94 27.74 43.44
N LYS D 306 -25.16 28.76 43.84
CA LYS D 306 -25.22 29.22 45.23
C LYS D 306 -26.60 29.79 45.54
N ALA D 307 -27.16 30.58 44.62
CA ALA D 307 -28.48 31.17 44.86
C ALA D 307 -29.56 30.09 44.95
N GLY D 308 -29.51 29.10 44.06
CA GLY D 308 -30.59 28.14 43.97
C GLY D 308 -30.74 27.27 45.20
N PHE D 309 -29.67 27.11 45.97
CA PHE D 309 -29.80 26.38 47.24
C PHE D 309 -30.72 27.12 48.20
N CYS D 310 -30.83 28.44 48.05
CA CYS D 310 -31.64 29.27 48.94
C CYS D 310 -32.95 29.69 48.29
N ARG D 311 -33.37 29.01 47.23
CA ARG D 311 -34.63 29.33 46.57
C ARG D 311 -35.80 29.29 47.54
N LEU D 312 -35.72 28.45 48.58
CA LEU D 312 -36.85 28.25 49.47
C LEU D 312 -37.15 29.47 50.33
N PHE D 313 -36.20 30.39 50.48
CA PHE D 313 -36.38 31.59 51.29
C PHE D 313 -36.81 32.80 50.49
N ILE D 314 -36.33 32.95 49.26
CA ILE D 314 -36.63 34.12 48.44
C ILE D 314 -38.04 34.00 47.87
N PRO D 315 -38.94 34.95 48.14
CA PRO D 315 -40.27 34.88 47.53
C PRO D 315 -40.21 35.19 46.04
N GLY D 316 -40.97 34.43 45.26
CA GLY D 316 -41.00 34.63 43.83
C GLY D 316 -39.64 34.45 43.18
N PHE D 317 -38.90 33.42 43.61
CA PHE D 317 -37.55 33.22 43.09
C PHE D 317 -37.56 32.98 41.58
N ALA D 318 -38.60 32.34 41.06
CA ALA D 318 -38.62 32.00 39.63
C ALA D 318 -38.70 33.27 38.79
N GLU D 319 -39.61 34.18 39.14
CA GLU D 319 -39.73 35.42 38.38
C GLU D 319 -38.58 36.38 38.70
N MET D 320 -38.08 36.36 39.93
CA MET D 320 -37.00 37.27 40.30
C MET D 320 -35.75 36.98 39.48
N ALA D 321 -35.39 35.71 39.33
CA ALA D 321 -34.22 35.31 38.56
C ALA D 321 -34.59 34.88 37.14
N ALA D 322 -35.74 35.31 36.64
CA ALA D 322 -36.11 34.95 35.27
C ALA D 322 -35.13 35.49 34.24
N PRO D 323 -34.68 36.75 34.31
CA PRO D 323 -33.72 37.23 33.31
C PRO D 323 -32.43 36.42 33.25
N LEU D 324 -31.90 36.02 34.40
CA LEU D 324 -30.60 35.35 34.43
C LEU D 324 -30.63 34.00 33.73
N TYR D 325 -31.76 33.29 33.78
CA TYR D 325 -31.85 31.97 33.17
C TYR D 325 -31.43 31.98 31.70
N PRO D 326 -32.07 32.76 30.84
CA PRO D 326 -31.68 32.75 29.42
C PRO D 326 -30.28 33.28 29.18
N LEU D 327 -29.70 34.03 30.12
CA LEU D 327 -28.30 34.44 29.97
C LEU D 327 -27.38 33.23 30.07
N THR D 328 -27.73 32.24 30.89
CA THR D 328 -26.94 31.03 31.03
C THR D 328 -27.15 30.05 29.88
N LYS D 329 -28.25 30.17 29.13
CA LYS D 329 -28.65 29.20 28.12
C LYS D 329 -27.44 28.64 27.37
N PRO D 330 -27.37 27.33 27.14
CA PRO D 330 -26.15 26.75 26.56
C PRO D 330 -25.66 27.45 25.30
N GLY D 331 -26.57 27.83 24.40
CA GLY D 331 -26.16 28.42 23.14
C GLY D 331 -26.34 29.93 23.04
N THR D 332 -26.51 30.60 24.17
CA THR D 332 -26.71 32.04 24.17
C THR D 332 -25.37 32.77 24.28
N LEU D 333 -25.43 34.09 24.14
CA LEU D 333 -24.27 34.95 24.31
C LEU D 333 -24.34 35.64 25.66
N PHE D 334 -23.20 35.71 26.35
CA PHE D 334 -23.17 36.31 27.68
C PHE D 334 -23.11 37.82 27.60
N ASN D 335 -24.02 38.41 26.82
CA ASN D 335 -24.14 39.87 26.73
C ASN D 335 -24.98 40.35 27.92
N TRP D 336 -24.32 40.46 29.07
CA TRP D 336 -24.98 40.86 30.31
C TRP D 336 -25.91 42.04 30.07
N GLY D 337 -27.20 41.82 30.30
CA GLY D 337 -28.21 42.82 30.04
C GLY D 337 -28.56 43.63 31.28
N PRO D 338 -29.09 44.83 31.07
CA PRO D 338 -29.57 45.61 32.23
C PRO D 338 -30.61 44.88 33.05
N ASP D 339 -31.53 44.17 32.39
CA ASP D 339 -32.51 43.36 33.11
C ASP D 339 -31.80 42.29 33.95
N GLN D 340 -30.74 41.69 33.39
CA GLN D 340 -29.96 40.74 34.18
C GLN D 340 -29.31 41.42 35.37
N GLN D 341 -28.84 42.66 35.19
CA GLN D 341 -28.31 43.43 36.31
C GLN D 341 -29.39 43.64 37.36
N LYS D 342 -30.55 44.18 36.95
CA LYS D 342 -31.67 44.32 37.87
C LYS D 342 -31.99 42.99 38.53
N ALA D 343 -31.95 41.89 37.77
CA ALA D 343 -32.20 40.59 38.34
C ALA D 343 -31.12 40.23 39.36
N TYR D 344 -29.86 40.54 39.05
CA TYR D 344 -28.77 40.26 39.99
C TYR D 344 -28.98 41.03 41.29
N GLN D 345 -29.35 42.31 41.19
CA GLN D 345 -29.56 43.12 42.38
C GLN D 345 -30.72 42.59 43.21
N GLU D 346 -31.77 42.09 42.55
CA GLU D 346 -32.92 41.58 43.30
C GLU D 346 -32.53 40.39 44.16
N ILE D 347 -31.70 39.50 43.62
CA ILE D 347 -31.27 38.34 44.40
C ILE D 347 -30.35 38.78 45.52
N LYS D 348 -29.45 39.74 45.25
CA LYS D 348 -28.54 40.22 46.28
C LYS D 348 -29.31 40.84 47.44
N GLN D 349 -30.31 41.66 47.14
CA GLN D 349 -31.10 42.29 48.19
C GLN D 349 -32.07 41.32 48.83
N ALA D 350 -32.57 40.35 48.07
CA ALA D 350 -33.53 39.39 48.63
C ALA D 350 -32.88 38.54 49.71
N LEU D 351 -31.64 38.10 49.49
CA LEU D 351 -30.97 37.25 50.46
C LEU D 351 -30.54 38.01 51.71
N LEU D 352 -30.39 39.33 51.62
CA LEU D 352 -29.97 40.10 52.80
C LEU D 352 -31.02 40.03 53.90
N THR D 353 -32.29 40.11 53.54
CA THR D 353 -33.40 40.13 54.50
C THR D 353 -34.27 38.89 54.34
N ALA D 354 -33.65 37.73 54.16
CA ALA D 354 -34.41 36.50 54.05
C ALA D 354 -35.13 36.21 55.37
N PRO D 355 -36.39 35.80 55.33
CA PRO D 355 -37.13 35.54 56.56
C PRO D 355 -36.68 34.24 57.22
N ALA D 356 -37.31 33.91 58.34
CA ALA D 356 -37.01 32.71 59.09
C ALA D 356 -38.11 31.68 58.82
N LEU D 357 -37.80 30.71 57.97
CA LEU D 357 -38.74 29.64 57.67
C LEU D 357 -38.90 28.73 58.88
N GLY D 358 -40.15 28.49 59.28
CA GLY D 358 -40.42 27.64 60.42
C GLY D 358 -40.37 26.17 60.07
N LEU D 359 -40.12 25.36 61.09
CA LEU D 359 -40.11 23.91 60.90
C LEU D 359 -41.54 23.43 60.74
N PRO D 360 -41.87 22.69 59.67
CA PRO D 360 -43.25 22.25 59.48
C PRO D 360 -43.65 21.23 60.55
N ASP D 361 -44.85 21.41 61.09
CA ASP D 361 -45.42 20.51 62.08
C ASP D 361 -46.46 19.64 61.37
N LEU D 362 -46.19 18.34 61.32
CA LEU D 362 -47.05 17.43 60.58
C LEU D 362 -48.41 17.25 61.23
N THR D 363 -48.52 17.49 62.54
CA THR D 363 -49.78 17.26 63.23
C THR D 363 -50.86 18.23 62.73
N LYS D 364 -50.51 19.50 62.59
CA LYS D 364 -51.47 20.51 62.19
C LYS D 364 -51.55 20.61 60.67
N PRO D 365 -52.67 21.11 60.14
CA PRO D 365 -52.80 21.25 58.68
C PRO D 365 -51.95 22.38 58.14
N PHE D 366 -51.70 22.32 56.85
CA PHE D 366 -50.86 23.29 56.15
C PHE D 366 -51.72 24.30 55.39
N GLU D 367 -51.07 25.37 54.94
CA GLU D 367 -51.72 26.41 54.16
C GLU D 367 -50.76 26.91 53.09
N LEU D 368 -51.26 27.05 51.86
CA LEU D 368 -50.44 27.45 50.73
C LEU D 368 -51.11 28.60 49.99
N PHE D 369 -50.35 29.66 49.74
CA PHE D 369 -50.79 30.77 48.92
C PHE D 369 -50.23 30.63 47.51
N VAL D 370 -51.06 30.89 46.51
CA VAL D 370 -50.70 30.70 45.11
C VAL D 370 -50.94 32.00 44.36
N ASP D 371 -49.96 32.41 43.55
CA ASP D 371 -50.09 33.57 42.70
C ASP D 371 -49.30 33.32 41.42
N GLU D 372 -49.75 33.95 40.32
CA GLU D 372 -49.14 33.73 39.02
C GLU D 372 -49.21 35.02 38.21
N LYS D 373 -48.04 35.60 37.91
CA LYS D 373 -47.94 36.79 37.08
C LYS D 373 -46.92 36.55 35.98
N GLN D 374 -47.31 36.87 34.74
CA GLN D 374 -46.40 36.85 33.61
C GLN D 374 -45.74 35.49 33.43
N GLY D 375 -46.54 34.42 33.54
CA GLY D 375 -46.06 33.09 33.23
C GLY D 375 -45.14 32.47 34.25
N TYR D 376 -44.97 33.11 35.42
CA TYR D 376 -44.13 32.58 36.49
C TYR D 376 -44.98 32.40 37.73
N ALA D 377 -45.07 31.17 38.21
CA ALA D 377 -45.86 30.87 39.39
C ALA D 377 -45.04 31.13 40.64
N LYS D 378 -45.65 31.80 41.62
CA LYS D 378 -45.01 32.09 42.89
C LYS D 378 -46.00 31.86 44.02
N GLY D 379 -45.47 31.59 45.20
CA GLY D 379 -46.32 31.37 46.35
C GLY D 379 -45.47 31.07 47.58
N VAL D 380 -46.15 30.92 48.71
CA VAL D 380 -45.50 30.62 49.97
C VAL D 380 -46.32 29.57 50.71
N LEU D 381 -45.62 28.60 51.27
CA LEU D 381 -46.25 27.60 52.13
C LEU D 381 -46.12 28.05 53.58
N THR D 382 -47.26 28.24 54.24
CA THR D 382 -47.29 28.76 55.59
C THR D 382 -48.07 27.81 56.50
N GLN D 383 -47.89 28.00 57.80
CA GLN D 383 -48.63 27.25 58.80
C GLN D 383 -49.01 28.19 59.93
N LYS D 384 -50.05 27.82 60.67
CA LYS D 384 -50.54 28.65 61.75
C LYS D 384 -49.50 28.73 62.86
N LEU D 385 -49.24 29.95 63.33
CA LEU D 385 -48.34 30.21 64.44
C LEU D 385 -49.04 31.20 65.35
N GLY D 386 -49.64 30.71 66.43
CA GLY D 386 -50.48 31.53 67.28
C GLY D 386 -51.64 32.09 66.47
N PRO D 387 -51.86 33.41 66.54
CA PRO D 387 -52.86 34.03 65.66
C PRO D 387 -52.33 34.38 64.28
N TRP D 388 -51.03 34.28 64.05
CA TRP D 388 -50.43 34.62 62.76
C TRP D 388 -50.11 33.35 61.97
N ARG D 389 -49.72 33.56 60.72
CA ARG D 389 -49.25 32.49 59.85
C ARG D 389 -47.75 32.65 59.65
N ARG D 390 -47.00 31.56 59.84
CA ARG D 390 -45.56 31.59 59.68
C ARG D 390 -45.16 30.90 58.40
N PRO D 391 -44.36 31.52 57.54
CA PRO D 391 -43.94 30.84 56.30
C PRO D 391 -43.18 29.57 56.60
N VAL D 392 -43.43 28.54 55.79
CA VAL D 392 -42.71 27.28 55.87
C VAL D 392 -41.73 27.13 54.71
N ALA D 393 -42.16 27.45 53.49
CA ALA D 393 -41.29 27.37 52.33
C ALA D 393 -41.91 28.17 51.20
N TYR D 394 -41.07 28.94 50.50
CA TYR D 394 -41.50 29.71 49.34
C TYR D 394 -41.42 28.84 48.10
N LEU D 395 -42.54 28.70 47.40
CA LEU D 395 -42.62 27.87 46.21
C LEU D 395 -42.77 28.76 44.98
N SER D 396 -41.97 28.50 43.96
CA SER D 396 -42.02 29.25 42.71
C SER D 396 -41.56 28.34 41.58
N LYS D 397 -42.18 28.51 40.42
CA LYS D 397 -41.85 27.70 39.25
C LYS D 397 -42.14 28.46 37.98
N LYS D 398 -41.38 28.16 36.94
CA LYS D 398 -41.69 28.59 35.58
C LYS D 398 -42.76 27.68 35.00
N LEU D 399 -43.86 28.28 34.52
CA LEU D 399 -44.87 27.51 33.83
C LEU D 399 -44.33 26.99 32.50
N ASP D 400 -44.79 25.80 32.10
CA ASP D 400 -44.36 25.23 30.84
C ASP D 400 -44.87 26.08 29.68
N PRO D 401 -44.18 26.03 28.53
CA PRO D 401 -44.60 26.89 27.41
C PRO D 401 -46.04 26.67 26.97
N VAL D 402 -46.57 25.46 27.12
CA VAL D 402 -47.96 25.21 26.73
C VAL D 402 -48.90 26.06 27.58
N ALA D 403 -48.65 26.12 28.89
CA ALA D 403 -49.48 26.93 29.77
C ALA D 403 -49.10 28.41 29.74
N ALA D 404 -47.98 28.77 29.12
CA ALA D 404 -47.59 30.17 29.06
C ALA D 404 -48.58 30.99 28.23
N GLY D 405 -49.07 30.42 27.13
CA GLY D 405 -50.01 31.11 26.28
C GLY D 405 -51.45 31.02 26.73
N TRP D 406 -51.74 30.37 27.84
CA TRP D 406 -53.10 30.27 28.33
C TRP D 406 -53.58 31.64 28.83
N PRO D 407 -54.88 31.88 28.81
CA PRO D 407 -55.41 33.14 29.34
C PRO D 407 -55.18 33.24 30.83
N PRO D 408 -55.25 34.45 31.40
CA PRO D 408 -54.94 34.59 32.84
C PRO D 408 -55.83 33.74 33.73
N CYS D 409 -57.09 33.53 33.35
CA CYS D 409 -57.96 32.68 34.16
C CYS D 409 -57.44 31.25 34.20
N LEU D 410 -57.01 30.72 33.06
CA LEU D 410 -56.50 29.35 33.01
C LEU D 410 -55.07 29.22 33.52
N ARG D 411 -54.29 30.31 33.48
CA ARG D 411 -52.90 30.24 33.90
C ARG D 411 -52.79 29.96 35.40
N MET D 412 -53.70 30.52 36.19
CA MET D 412 -53.66 30.27 37.63
C MET D 412 -53.92 28.81 37.95
N VAL D 413 -54.79 28.15 37.19
CA VAL D 413 -55.06 26.74 37.43
C VAL D 413 -53.79 25.92 37.26
N ALA D 414 -53.01 26.20 36.21
CA ALA D 414 -51.76 25.50 36.01
C ALA D 414 -50.75 25.86 37.10
N ALA D 415 -50.76 27.11 37.55
CA ALA D 415 -49.84 27.51 38.61
C ALA D 415 -50.10 26.75 39.89
N ILE D 416 -51.38 26.54 40.23
CA ILE D 416 -51.71 25.79 41.43
C ILE D 416 -51.21 24.36 41.31
N ALA D 417 -51.40 23.74 40.15
CA ALA D 417 -50.97 22.35 39.97
C ALA D 417 -49.47 22.22 40.10
N VAL D 418 -48.71 23.17 39.53
CA VAL D 418 -47.25 23.11 39.63
C VAL D 418 -46.81 23.30 41.07
N LEU D 419 -47.37 24.30 41.75
CA LEU D 419 -46.99 24.56 43.13
C LEU D 419 -47.52 23.48 44.07
N THR D 420 -48.72 22.96 43.79
CA THR D 420 -49.27 21.91 44.62
C THR D 420 -48.42 20.65 44.58
N LYS D 421 -47.84 20.35 43.42
CA LYS D 421 -46.90 19.23 43.34
C LYS D 421 -45.67 19.49 44.20
N ASP D 422 -45.19 20.73 44.20
CA ASP D 422 -44.02 21.07 45.01
C ASP D 422 -44.33 20.94 46.50
N ALA D 423 -45.54 21.31 46.91
CA ALA D 423 -45.88 21.25 48.33
C ALA D 423 -45.89 19.81 48.84
N GLY D 424 -46.21 18.85 47.98
CA GLY D 424 -46.22 17.46 48.40
C GLY D 424 -44.85 16.96 48.83
N LYS D 425 -43.79 17.53 48.25
CA LYS D 425 -42.44 17.15 48.62
C LYS D 425 -42.03 17.67 49.99
N LEU D 426 -42.83 18.53 50.60
CA LEU D 426 -42.53 19.10 51.91
C LEU D 426 -43.61 18.79 52.94
N THR D 427 -44.87 18.82 52.55
CA THR D 427 -45.95 18.51 53.48
C THR D 427 -46.08 17.03 53.77
N MET D 428 -45.33 16.18 53.08
CA MET D 428 -45.37 14.74 53.27
C MET D 428 -46.71 14.14 52.87
N GLY D 429 -47.38 14.77 51.89
CA GLY D 429 -48.68 14.32 51.45
C GLY D 429 -49.84 14.84 52.25
N GLN D 430 -49.60 15.57 53.33
CA GLN D 430 -50.68 16.09 54.14
C GLN D 430 -51.40 17.22 53.40
N PRO D 431 -52.70 17.39 53.62
CA PRO D 431 -53.45 18.40 52.88
C PRO D 431 -53.17 19.81 53.37
N LEU D 432 -53.43 20.76 52.48
CA LEU D 432 -53.24 22.18 52.77
C LEU D 432 -54.40 22.96 52.16
N VAL D 433 -54.51 24.22 52.55
CA VAL D 433 -55.55 25.12 52.05
C VAL D 433 -54.99 25.87 50.85
N ILE D 434 -55.47 25.55 49.66
CA ILE D 434 -55.08 26.24 48.43
C ILE D 434 -55.82 27.58 48.41
N LEU D 435 -55.11 28.66 48.73
CA LEU D 435 -55.68 29.99 48.76
C LEU D 435 -55.10 30.81 47.62
N ALA D 436 -55.97 31.38 46.79
CA ALA D 436 -55.58 32.21 45.67
C ALA D 436 -56.56 33.37 45.53
N PRO D 437 -56.12 34.50 44.98
CA PRO D 437 -57.05 35.64 44.82
C PRO D 437 -58.31 35.29 44.04
N HIS D 438 -58.17 34.70 42.86
CA HIS D 438 -59.30 34.38 42.02
C HIS D 438 -60.05 33.17 42.56
N ALA D 439 -61.15 32.82 41.89
CA ALA D 439 -62.00 31.71 42.30
C ALA D 439 -61.98 30.60 41.25
N VAL D 440 -60.79 30.28 40.75
CA VAL D 440 -60.65 29.33 39.66
C VAL D 440 -60.87 27.90 40.15
N GLU D 441 -61.11 27.74 41.45
CA GLU D 441 -61.35 26.39 41.98
C GLU D 441 -62.63 25.81 41.38
N ALA D 442 -63.64 26.64 41.15
CA ALA D 442 -64.83 26.20 40.44
C ALA D 442 -64.59 26.09 38.95
N LEU D 443 -63.61 26.83 38.41
CA LEU D 443 -63.30 26.75 36.99
C LEU D 443 -62.78 25.37 36.61
N VAL D 444 -62.08 24.70 37.52
CA VAL D 444 -61.55 23.37 37.21
C VAL D 444 -62.69 22.40 36.96
N LYS D 445 -63.78 22.52 37.71
CA LYS D 445 -64.93 21.65 37.51
C LYS D 445 -65.53 21.82 36.12
N GLN D 446 -65.65 23.07 35.66
CA GLN D 446 -66.26 23.39 34.36
C GLN D 446 -65.30 24.30 33.60
N PRO D 447 -64.22 23.75 33.05
CA PRO D 447 -63.28 24.57 32.29
C PRO D 447 -63.96 25.12 31.03
N PRO D 448 -63.56 26.32 30.58
CA PRO D 448 -64.15 26.89 29.37
C PRO D 448 -63.77 26.13 28.10
N MET D 457 -56.03 18.24 30.33
CA MET D 457 -56.60 18.93 31.49
C MET D 457 -57.21 17.93 32.47
N THR D 458 -57.43 16.70 32.00
CA THR D 458 -57.96 15.66 32.88
C THR D 458 -57.00 15.35 34.01
N HIS D 459 -55.69 15.40 33.75
CA HIS D 459 -54.71 15.18 34.80
C HIS D 459 -54.84 16.21 35.90
N TYR D 460 -54.96 17.49 35.53
CA TYR D 460 -55.08 18.55 36.53
C TYR D 460 -56.31 18.35 37.41
N GLN D 461 -57.41 17.83 36.83
CA GLN D 461 -58.62 17.65 37.60
C GLN D 461 -58.41 16.66 38.75
N ALA D 462 -57.74 15.54 38.46
CA ALA D 462 -57.52 14.54 39.50
C ALA D 462 -56.62 15.08 40.60
N LEU D 463 -55.59 15.85 40.23
CA LEU D 463 -54.65 16.36 41.24
C LEU D 463 -55.32 17.37 42.15
N LEU D 464 -56.17 18.24 41.59
CA LEU D 464 -56.74 19.35 42.34
C LEU D 464 -58.07 19.00 43.00
N LEU D 465 -58.74 17.94 42.57
CA LEU D 465 -60.04 17.57 43.11
C LEU D 465 -59.96 16.49 44.17
N ASP D 466 -58.78 16.01 44.53
CA ASP D 466 -58.63 14.99 45.55
C ASP D 466 -58.87 15.62 46.91
N THR D 467 -60.07 15.40 47.46
CA THR D 467 -60.39 15.99 48.77
C THR D 467 -59.52 15.43 49.88
N ASP D 468 -58.97 14.23 49.70
CA ASP D 468 -58.13 13.64 50.74
C ASP D 468 -56.82 14.39 50.87
N ARG D 469 -56.25 14.85 49.76
CA ARG D 469 -54.94 15.49 49.75
C ARG D 469 -54.99 16.99 49.52
N VAL D 470 -56.05 17.51 48.90
CA VAL D 470 -56.14 18.93 48.59
C VAL D 470 -57.58 19.40 48.78
N GLN D 471 -57.72 20.67 49.14
CA GLN D 471 -59.02 21.31 49.23
C GLN D 471 -58.82 22.81 49.08
N PHE D 472 -59.91 23.50 48.75
CA PHE D 472 -59.88 24.94 48.53
C PHE D 472 -60.69 25.62 49.64
N GLY D 473 -60.05 26.56 50.33
CA GLY D 473 -60.70 27.30 51.38
C GLY D 473 -61.40 28.54 50.84
N PRO D 474 -61.71 29.49 51.71
CA PRO D 474 -62.35 30.73 51.24
C PRO D 474 -61.43 31.49 50.29
N VAL D 475 -62.01 31.92 49.16
CA VAL D 475 -61.25 32.67 48.18
C VAL D 475 -60.91 34.04 48.76
N VAL D 476 -59.63 34.42 48.66
CA VAL D 476 -59.15 35.67 49.23
C VAL D 476 -57.82 36.00 48.58
N ALA D 477 -57.54 37.30 48.47
CA ALA D 477 -56.28 37.74 47.90
C ALA D 477 -55.14 37.50 48.90
N LEU D 478 -53.93 37.87 48.49
CA LEU D 478 -52.75 37.68 49.31
C LEU D 478 -51.79 38.83 49.09
N ASN D 479 -50.97 39.10 50.10
CA ASN D 479 -50.03 40.21 50.01
C ASN D 479 -48.97 39.93 48.95
N PRO D 480 -48.58 40.95 48.17
CA PRO D 480 -47.57 40.68 47.12
C PRO D 480 -46.27 40.10 47.65
N ALA D 481 -45.85 40.50 48.85
CA ALA D 481 -44.62 39.95 49.41
C ALA D 481 -44.76 38.45 49.67
N THR D 482 -45.91 38.02 50.16
CA THR D 482 -46.14 36.61 50.41
C THR D 482 -46.29 35.84 49.09
P 2DA E 62 -20.24 14.34 56.23
OP1 2DA E 62 -21.70 14.56 56.26
OP2 2DA E 62 -19.48 14.33 57.51
O5' 2DA E 62 -19.96 12.97 55.47
C5' 2DA E 62 -18.64 12.55 55.23
C4' 2DA E 62 -18.58 11.05 54.99
O4' 2DA E 62 -19.40 10.71 53.82
C3' 2DA E 62 -17.17 10.52 54.68
C2' 2DA E 62 -17.44 9.45 53.63
C1' 2DA E 62 -18.62 10.02 52.87
N9 2DA E 62 -18.24 10.95 51.79
C8 2DA E 62 -17.84 12.24 51.91
N7 2DA E 62 -17.55 12.82 50.78
C5 2DA E 62 -17.75 11.82 49.84
C6 2DA E 62 -17.62 11.81 48.44
N6 2DA E 62 -17.23 12.87 47.74
N1 2DA E 62 -17.89 10.66 47.79
C2 2DA E 62 -18.29 9.60 48.51
N3 2DA E 62 -18.46 9.49 49.83
C4 2DA E 62 -18.18 10.66 50.44
N ASP F 1 -15.65 5.29 23.80
CA ASP F 1 -15.75 4.98 22.34
C ASP F 1 -16.23 6.19 21.57
N LYS F 2 -15.62 6.43 20.41
CA LYS F 2 -15.96 7.58 19.58
C LYS F 2 -15.79 7.18 18.12
N LYS F 3 -16.72 7.62 17.28
CA LYS F 3 -16.64 7.34 15.86
C LYS F 3 -15.40 7.99 15.27
N TYR F 4 -14.72 7.27 14.39
CA TYR F 4 -13.46 7.72 13.82
C TYR F 4 -13.30 7.13 12.44
N SER F 5 -12.39 7.71 11.67
CA SER F 5 -12.08 7.26 10.32
C SER F 5 -10.58 7.17 10.15
N ILE F 6 -10.15 6.26 9.28
CA ILE F 6 -8.73 6.04 9.00
C ILE F 6 -8.48 6.46 7.56
N GLY F 7 -7.55 7.39 7.37
CA GLY F 7 -7.15 7.84 6.04
C GLY F 7 -5.76 7.32 5.72
N LEU F 8 -5.61 6.80 4.50
CA LEU F 8 -4.36 6.20 4.07
C LEU F 8 -3.93 6.79 2.75
N ALA F 9 -2.62 6.88 2.57
CA ALA F 9 -2.02 7.24 1.28
C ALA F 9 -0.88 6.27 1.03
N ILE F 10 -0.90 5.65 -0.14
CA ILE F 10 0.01 4.56 -0.47
C ILE F 10 0.97 5.03 -1.54
N GLY F 11 2.26 4.80 -1.32
CA GLY F 11 3.29 5.06 -2.30
C GLY F 11 4.12 3.82 -2.54
N THR F 12 5.05 3.94 -3.48
CA THR F 12 5.95 2.82 -3.75
C THR F 12 6.85 2.56 -2.56
N ASN F 13 7.24 3.60 -1.82
CA ASN F 13 8.13 3.45 -0.67
C ASN F 13 7.67 4.30 0.50
N SER F 14 6.35 4.43 0.70
CA SER F 14 5.84 5.17 1.84
C SER F 14 4.34 4.93 1.95
N VAL F 15 3.86 4.77 3.19
CA VAL F 15 2.44 4.57 3.46
C VAL F 15 2.05 5.48 4.62
N GLY F 16 1.43 6.61 4.30
CA GLY F 16 0.94 7.49 5.34
C GLY F 16 -0.39 7.01 5.91
N TRP F 17 -0.68 7.46 7.13
CA TRP F 17 -1.91 7.07 7.81
C TRP F 17 -2.32 8.19 8.76
N ALA F 18 -3.61 8.19 9.10
CA ALA F 18 -4.13 9.22 10.00
C ALA F 18 -5.52 8.84 10.52
N VAL F 19 -5.74 9.04 11.81
CA VAL F 19 -7.03 8.79 12.45
C VAL F 19 -7.67 10.12 12.77
N ILE F 20 -8.94 10.29 12.36
CA ILE F 20 -9.67 11.52 12.62
C ILE F 20 -11.02 11.18 13.24
N THR F 21 -11.59 12.15 13.93
CA THR F 21 -12.88 12.03 14.58
C THR F 21 -13.96 12.58 13.67
N ASP F 22 -15.17 12.74 14.21
CA ASP F 22 -16.27 13.25 13.41
C ASP F 22 -16.10 14.73 13.07
N GLU F 23 -15.27 15.46 13.80
CA GLU F 23 -15.06 16.88 13.56
C GLU F 23 -13.75 17.17 12.84
N TYR F 24 -13.13 16.16 12.24
CA TYR F 24 -11.89 16.34 11.50
C TYR F 24 -10.75 16.76 12.42
N LYS F 25 -10.68 16.16 13.61
CA LYS F 25 -9.64 16.45 14.59
C LYS F 25 -8.87 15.18 14.88
N VAL F 26 -7.54 15.26 14.85
CA VAL F 26 -6.69 14.09 15.12
C VAL F 26 -6.66 13.85 16.63
N PRO F 27 -6.96 12.63 17.10
CA PRO F 27 -6.92 12.38 18.55
C PRO F 27 -5.50 12.31 19.11
N SER F 28 -5.39 11.96 20.39
CA SER F 28 -4.08 11.86 21.05
C SER F 28 -4.25 11.07 22.33
N LYS F 29 -3.38 10.10 22.56
CA LYS F 29 -3.42 9.32 23.79
C LYS F 29 -2.02 8.98 24.26
N LYS F 30 -1.90 8.72 25.56
CA LYS F 30 -0.66 8.25 26.16
C LYS F 30 -0.49 6.76 25.93
N PHE F 31 0.71 6.36 25.50
CA PHE F 31 1.03 4.97 25.22
C PHE F 31 2.08 4.48 26.21
N LYS F 32 1.88 3.30 26.77
CA LYS F 32 2.86 2.72 27.68
C LYS F 32 4.14 2.36 26.92
N VAL F 33 5.26 2.48 27.61
CA VAL F 33 6.58 2.16 27.06
C VAL F 33 7.18 1.02 27.88
N LEU F 34 7.56 -0.05 27.21
CA LEU F 34 8.20 -1.19 27.87
C LEU F 34 9.71 -0.99 27.86
N GLY F 35 10.44 -2.04 28.21
CA GLY F 35 11.89 -1.99 28.25
C GLY F 35 12.42 -1.93 29.66
N ASN F 36 13.48 -1.15 29.88
CA ASN F 36 14.09 -1.05 31.20
C ASN F 36 14.45 0.37 31.60
N THR F 37 14.16 1.37 30.78
CA THR F 37 14.39 2.75 31.17
C THR F 37 13.34 3.19 32.18
N ASP F 38 13.56 4.38 32.75
CA ASP F 38 12.61 4.90 33.73
C ASP F 38 11.29 5.30 33.08
N ARG F 39 11.33 5.74 31.82
CA ARG F 39 10.14 6.23 31.16
C ARG F 39 9.09 5.12 31.05
N HIS F 40 7.86 5.44 31.44
CA HIS F 40 6.79 4.47 31.47
C HIS F 40 5.57 4.89 30.65
N SER F 41 5.55 6.09 30.10
CA SER F 41 4.43 6.54 29.29
C SER F 41 4.92 7.64 28.36
N ILE F 42 4.20 7.83 27.26
CA ILE F 42 4.56 8.83 26.27
C ILE F 42 3.30 9.23 25.52
N LYS F 43 3.20 10.51 25.17
CA LYS F 43 2.04 11.07 24.49
C LYS F 43 2.35 11.23 23.01
N LYS F 44 1.43 10.76 22.16
CA LYS F 44 1.66 10.79 20.73
C LYS F 44 0.36 11.07 19.98
N ASN F 45 0.46 11.88 18.92
CA ASN F 45 -0.66 12.12 18.04
C ASN F 45 -0.89 10.90 17.16
N LEU F 46 -2.16 10.63 16.85
CA LEU F 46 -2.53 9.47 16.04
C LEU F 46 -2.48 9.83 14.55
N ILE F 47 -1.27 10.11 14.08
CA ILE F 47 -1.04 10.43 12.67
C ILE F 47 0.44 10.23 12.40
N GLY F 48 0.75 9.60 11.26
CA GLY F 48 2.14 9.32 10.94
C GLY F 48 2.25 8.67 9.59
N ALA F 49 3.46 8.19 9.29
CA ALA F 49 3.74 7.56 8.02
C ALA F 49 4.84 6.52 8.19
N LEU F 50 4.80 5.50 7.34
CA LEU F 50 5.76 4.41 7.37
C LEU F 50 6.57 4.46 6.09
N LEU F 51 7.90 4.48 6.23
CA LEU F 51 8.80 4.53 5.08
C LEU F 51 9.57 3.22 4.99
N PHE F 52 9.75 2.73 3.75
CA PHE F 52 10.45 1.48 3.54
C PHE F 52 11.12 1.51 2.17
N ASP F 53 12.13 0.66 2.00
CA ASP F 53 12.80 0.52 0.72
C ASP F 53 11.89 -0.18 -0.28
N SER F 54 11.98 0.24 -1.54
CA SER F 54 11.10 -0.27 -2.57
C SER F 54 11.39 -1.76 -2.83
N GLY F 55 10.33 -2.48 -3.20
CA GLY F 55 10.49 -3.87 -3.55
C GLY F 55 11.14 -4.05 -4.91
N GLU F 56 11.59 -5.28 -5.17
CA GLU F 56 12.30 -5.60 -6.39
C GLU F 56 11.65 -6.79 -7.07
N THR F 57 11.81 -6.85 -8.40
CA THR F 57 11.30 -7.96 -9.18
C THR F 57 12.29 -9.11 -9.17
N ALA F 58 11.89 -10.23 -9.75
CA ALA F 58 12.71 -11.43 -9.81
C ALA F 58 13.53 -11.51 -11.10
N GLU F 59 13.62 -10.41 -11.85
CA GLU F 59 14.33 -10.45 -13.13
C GLU F 59 15.81 -10.76 -12.92
N ALA F 60 16.45 -10.08 -11.98
CA ALA F 60 17.88 -10.29 -11.76
C ALA F 60 18.14 -11.70 -11.26
N THR F 61 17.30 -12.19 -10.36
CA THR F 61 17.48 -13.56 -9.86
C THR F 61 17.32 -14.57 -10.99
N ARG F 62 16.35 -14.36 -11.86
CA ARG F 62 16.17 -15.27 -12.98
C ARG F 62 17.39 -15.26 -13.89
N LEU F 63 17.94 -14.09 -14.17
CA LEU F 63 19.12 -14.01 -15.02
C LEU F 63 20.30 -14.73 -14.37
N LYS F 64 20.49 -14.54 -13.07
CA LYS F 64 21.58 -15.22 -12.38
C LYS F 64 21.40 -16.73 -12.46
N ARG F 65 20.18 -17.21 -12.24
CA ARG F 65 19.92 -18.65 -12.29
C ARG F 65 20.24 -19.20 -13.67
N THR F 66 19.83 -18.49 -14.71
CA THR F 66 20.12 -18.94 -16.07
C THR F 66 21.62 -19.00 -16.31
N ALA F 67 22.36 -18.00 -15.83
CA ALA F 67 23.80 -18.02 -16.01
C ALA F 67 24.43 -19.22 -15.32
N ARG F 68 23.97 -19.53 -14.10
CA ARG F 68 24.53 -20.68 -13.39
C ARG F 68 24.29 -21.96 -14.16
N ARG F 69 23.07 -22.16 -14.66
CA ARG F 69 22.77 -23.36 -15.43
C ARG F 69 23.63 -23.43 -16.68
N ARG F 70 23.85 -22.29 -17.33
CA ARG F 70 24.66 -22.28 -18.55
C ARG F 70 26.10 -22.70 -18.26
N TYR F 71 26.68 -22.17 -17.18
CA TYR F 71 28.05 -22.56 -16.84
C TYR F 71 28.15 -24.03 -16.50
N THR F 72 27.17 -24.55 -15.75
CA THR F 72 27.19 -25.98 -15.42
C THR F 72 27.12 -26.83 -16.68
N ARG F 73 26.26 -26.47 -17.62
CA ARG F 73 26.15 -27.28 -18.84
C ARG F 73 27.41 -27.20 -19.69
N ARG F 74 28.06 -26.03 -19.73
CA ARG F 74 29.30 -25.91 -20.49
C ARG F 74 30.39 -26.80 -19.90
N LYS F 75 30.52 -26.78 -18.57
CA LYS F 75 31.48 -27.69 -17.94
C LYS F 75 31.15 -29.14 -18.24
N ASN F 76 29.86 -29.48 -18.27
CA ASN F 76 29.49 -30.85 -18.57
C ASN F 76 29.86 -31.23 -20.00
N ARG F 77 29.73 -30.30 -20.95
CA ARG F 77 30.16 -30.58 -22.32
C ARG F 77 31.65 -30.88 -22.37
N ILE F 78 32.45 -30.04 -21.70
CA ILE F 78 33.89 -30.26 -21.70
C ILE F 78 34.21 -31.61 -21.05
N CYS F 79 33.49 -31.96 -19.99
CA CYS F 79 33.71 -33.24 -19.33
C CYS F 79 33.39 -34.40 -20.27
N TYR F 80 32.34 -34.27 -21.07
CA TYR F 80 32.02 -35.31 -22.05
C TYR F 80 33.16 -35.48 -23.04
N LEU F 81 33.69 -34.37 -23.55
CA LEU F 81 34.80 -34.47 -24.50
C LEU F 81 36.00 -35.16 -23.85
N GLN F 82 36.35 -34.77 -22.63
CA GLN F 82 37.49 -35.39 -21.96
C GLN F 82 37.25 -36.88 -21.74
N GLU F 83 36.03 -37.26 -21.38
CA GLU F 83 35.73 -38.67 -21.19
C GLU F 83 35.90 -39.46 -22.48
N ILE F 84 35.50 -38.87 -23.61
CA ILE F 84 35.71 -39.55 -24.88
C ILE F 84 37.20 -39.72 -25.14
N PHE F 85 37.99 -38.67 -24.88
CA PHE F 85 39.41 -38.71 -25.27
C PHE F 85 40.31 -39.43 -24.28
N SER F 86 39.83 -39.76 -23.08
CA SER F 86 40.71 -40.26 -22.02
C SER F 86 41.41 -41.56 -22.42
N ASN F 87 40.71 -42.46 -23.12
CA ASN F 87 41.27 -43.78 -23.36
C ASN F 87 42.62 -43.68 -24.10
N GLU F 88 42.70 -42.83 -25.12
CA GLU F 88 43.93 -42.63 -25.86
C GLU F 88 44.83 -41.58 -25.23
N MET F 89 44.26 -40.59 -24.54
CA MET F 89 45.10 -39.61 -23.87
C MET F 89 45.94 -40.28 -22.80
N ALA F 90 45.44 -41.38 -22.22
CA ALA F 90 46.24 -42.10 -21.22
C ALA F 90 47.55 -42.58 -21.82
N LYS F 91 47.52 -43.10 -23.05
CA LYS F 91 48.75 -43.56 -23.68
C LYS F 91 49.59 -42.39 -24.17
N VAL F 92 48.97 -41.39 -24.79
CA VAL F 92 49.73 -40.31 -25.41
C VAL F 92 50.41 -39.44 -24.34
N ASP F 93 49.64 -39.00 -23.35
CA ASP F 93 50.17 -38.19 -22.25
C ASP F 93 49.22 -38.33 -21.08
N ASP F 94 49.63 -39.05 -20.04
CA ASP F 94 48.70 -39.41 -18.97
C ASP F 94 48.21 -38.18 -18.22
N SER F 95 49.10 -37.22 -17.95
CA SER F 95 48.77 -36.10 -17.08
C SER F 95 48.33 -34.86 -17.86
N PHE F 96 47.87 -35.03 -19.09
CA PHE F 96 47.45 -33.88 -19.89
C PHE F 96 46.23 -33.22 -19.29
N PHE F 97 45.18 -33.99 -19.01
CA PHE F 97 43.98 -33.42 -18.45
C PHE F 97 44.22 -32.89 -17.03
N HIS F 98 45.08 -33.56 -16.26
CA HIS F 98 45.42 -33.06 -14.94
C HIS F 98 46.10 -31.70 -15.04
N ARG F 99 47.04 -31.55 -15.97
CA ARG F 99 47.69 -30.26 -16.16
C ARG F 99 46.69 -29.21 -16.59
N LEU F 100 45.71 -29.59 -17.41
CA LEU F 100 44.68 -28.64 -17.83
C LEU F 100 43.82 -28.19 -16.66
N GLU F 101 43.48 -29.11 -15.75
CA GLU F 101 42.56 -28.76 -14.67
C GLU F 101 43.17 -27.78 -13.69
N GLU F 102 44.50 -27.79 -13.53
CA GLU F 102 45.18 -26.95 -12.56
C GLU F 102 45.96 -25.82 -13.21
N SER F 103 45.47 -25.30 -14.34
CA SER F 103 46.14 -24.17 -14.97
C SER F 103 46.09 -22.94 -14.07
N PHE F 104 44.95 -22.72 -13.42
CA PHE F 104 44.78 -21.63 -12.46
C PHE F 104 45.38 -22.05 -11.13
N LEU F 105 46.71 -21.94 -11.04
CA LEU F 105 47.40 -22.28 -9.80
C LEU F 105 48.82 -21.76 -9.89
N VAL F 106 49.33 -21.23 -8.78
CA VAL F 106 50.69 -20.70 -8.75
C VAL F 106 51.66 -21.86 -8.90
N GLU F 107 52.93 -21.56 -9.16
CA GLU F 107 53.89 -22.62 -9.44
C GLU F 107 54.06 -23.56 -8.27
N GLU F 108 54.14 -23.02 -7.04
CA GLU F 108 54.36 -23.87 -5.88
C GLU F 108 53.18 -24.81 -5.65
N ASP F 109 51.96 -24.33 -5.89
CA ASP F 109 50.78 -25.15 -5.64
C ASP F 109 50.58 -26.23 -6.69
N LYS F 110 51.12 -26.05 -7.89
CA LYS F 110 50.94 -27.04 -8.95
C LYS F 110 51.59 -28.36 -8.58
N LYS F 111 50.88 -29.45 -8.87
CA LYS F 111 51.41 -30.80 -8.67
C LYS F 111 52.03 -31.38 -9.93
N HIS F 112 52.04 -30.63 -11.03
CA HIS F 112 52.70 -31.06 -12.25
C HIS F 112 53.57 -29.93 -12.79
N GLU F 113 54.11 -30.09 -14.00
CA GLU F 113 54.88 -29.03 -14.61
C GLU F 113 53.97 -27.84 -14.92
N ARG F 114 54.56 -26.65 -14.88
CA ARG F 114 53.81 -25.42 -15.11
C ARG F 114 53.38 -25.25 -16.56
N HIS F 115 53.84 -26.10 -17.47
CA HIS F 115 53.47 -26.02 -18.88
C HIS F 115 52.33 -26.98 -19.16
N PRO F 116 51.16 -26.51 -19.60
CA PRO F 116 50.00 -27.39 -19.68
C PRO F 116 50.01 -28.41 -20.82
N ILE F 117 50.36 -28.00 -22.04
CA ILE F 117 50.17 -28.89 -23.19
C ILE F 117 51.27 -29.95 -23.25
N PHE F 118 52.54 -29.53 -23.23
CA PHE F 118 53.65 -30.45 -23.43
C PHE F 118 54.50 -30.67 -22.20
N GLY F 119 54.43 -29.80 -21.20
CA GLY F 119 55.16 -30.02 -19.97
C GLY F 119 56.62 -29.61 -20.00
N ASN F 120 57.13 -29.14 -21.14
CA ASN F 120 58.50 -28.64 -21.22
C ASN F 120 58.55 -27.33 -21.96
N ILE F 121 59.52 -26.49 -21.57
CA ILE F 121 59.58 -25.13 -22.07
C ILE F 121 59.88 -25.12 -23.56
N VAL F 122 60.75 -26.03 -24.01
CA VAL F 122 61.13 -26.05 -25.42
C VAL F 122 59.91 -26.32 -26.29
N ASP F 123 59.14 -27.36 -25.95
CA ASP F 123 57.97 -27.69 -26.75
C ASP F 123 56.90 -26.61 -26.65
N GLU F 124 56.73 -26.02 -25.47
CA GLU F 124 55.72 -24.96 -25.34
C GLU F 124 56.08 -23.77 -26.23
N VAL F 125 57.34 -23.34 -26.19
CA VAL F 125 57.74 -22.20 -27.00
C VAL F 125 57.63 -22.53 -28.48
N ALA F 126 58.02 -23.74 -28.87
CA ALA F 126 57.91 -24.11 -30.27
C ALA F 126 56.46 -24.09 -30.73
N TYR F 127 55.54 -24.63 -29.92
CA TYR F 127 54.14 -24.65 -30.29
C TYR F 127 53.57 -23.25 -30.41
N HIS F 128 53.91 -22.37 -29.46
CA HIS F 128 53.41 -21.00 -29.53
C HIS F 128 54.02 -20.23 -30.69
N GLU F 129 55.22 -20.61 -31.13
CA GLU F 129 55.79 -19.98 -32.30
C GLU F 129 55.11 -20.45 -33.57
N LYS F 130 54.83 -21.75 -33.68
CA LYS F 130 54.22 -22.28 -34.88
C LYS F 130 52.77 -21.81 -35.02
N TYR F 131 52.00 -21.83 -33.93
CA TYR F 131 50.61 -21.40 -33.94
C TYR F 131 50.43 -20.28 -32.93
N PRO F 132 50.59 -19.02 -33.35
CA PRO F 132 50.45 -17.92 -32.38
C PRO F 132 49.06 -17.84 -31.76
N THR F 133 48.01 -18.21 -32.49
CA THR F 133 46.65 -18.18 -31.97
C THR F 133 46.00 -19.53 -32.23
N ILE F 134 44.87 -19.76 -31.56
CA ILE F 134 44.18 -21.03 -31.70
C ILE F 134 43.59 -21.16 -33.09
N TYR F 135 43.29 -20.05 -33.75
CA TYR F 135 42.73 -20.11 -35.09
C TYR F 135 43.76 -20.59 -36.11
N HIS F 136 45.03 -20.27 -35.90
CA HIS F 136 46.07 -20.84 -36.76
C HIS F 136 46.07 -22.36 -36.66
N LEU F 137 46.00 -22.88 -35.43
CA LEU F 137 45.95 -24.32 -35.24
C LEU F 137 44.70 -24.91 -35.88
N ARG F 138 43.57 -24.24 -35.73
CA ARG F 138 42.33 -24.75 -36.30
C ARG F 138 42.43 -24.83 -37.82
N LYS F 139 42.96 -23.78 -38.46
CA LYS F 139 43.09 -23.81 -39.91
C LYS F 139 44.08 -24.88 -40.35
N LYS F 140 45.21 -25.01 -39.67
CA LYS F 140 46.16 -26.04 -40.03
C LYS F 140 45.55 -27.43 -39.90
N LEU F 141 44.79 -27.67 -38.83
CA LEU F 141 44.18 -28.97 -38.65
C LEU F 141 43.14 -29.24 -39.72
N VAL F 142 42.38 -28.21 -40.10
CA VAL F 142 41.36 -28.40 -41.14
C VAL F 142 42.01 -28.73 -42.48
N ASP F 143 43.08 -28.02 -42.83
CA ASP F 143 43.65 -28.13 -44.17
C ASP F 143 44.61 -29.30 -44.32
N SER F 144 45.54 -29.46 -43.39
CA SER F 144 46.57 -30.49 -43.54
C SER F 144 45.96 -31.88 -43.54
N THR F 145 46.65 -32.80 -44.21
CA THR F 145 46.20 -34.18 -44.33
C THR F 145 47.11 -35.17 -43.60
N ASP F 146 48.19 -34.70 -42.99
CA ASP F 146 49.13 -35.56 -42.30
C ASP F 146 48.67 -35.80 -40.86
N LYS F 147 49.41 -36.64 -40.14
CA LYS F 147 49.10 -36.92 -38.74
C LYS F 147 49.35 -35.69 -37.87
N ALA F 148 48.51 -35.51 -36.86
CA ALA F 148 48.64 -34.42 -35.92
C ALA F 148 48.58 -34.98 -34.50
N ASP F 149 49.16 -34.24 -33.57
CA ASP F 149 49.21 -34.71 -32.19
C ASP F 149 47.82 -34.71 -31.56
N LEU F 150 47.52 -35.77 -30.82
CA LEU F 150 46.21 -35.91 -30.22
C LEU F 150 45.92 -34.77 -29.26
N ARG F 151 46.95 -34.25 -28.58
CA ARG F 151 46.74 -33.13 -27.67
C ARG F 151 46.23 -31.91 -28.43
N LEU F 152 46.85 -31.60 -29.58
CA LEU F 152 46.41 -30.45 -30.37
C LEU F 152 45.03 -30.69 -30.95
N ILE F 153 44.75 -31.92 -31.39
CA ILE F 153 43.41 -32.22 -31.89
C ILE F 153 42.38 -31.94 -30.79
N TYR F 154 42.67 -32.41 -29.59
CA TYR F 154 41.74 -32.19 -28.48
C TYR F 154 41.60 -30.70 -28.20
N LEU F 155 42.70 -29.96 -28.26
CA LEU F 155 42.63 -28.53 -27.95
C LEU F 155 41.72 -27.81 -28.91
N ALA F 156 41.87 -28.09 -30.22
CA ALA F 156 41.01 -27.44 -31.20
C ALA F 156 39.56 -27.84 -31.02
N LEU F 157 39.31 -29.14 -30.83
CA LEU F 157 37.94 -29.61 -30.66
C LEU F 157 37.31 -29.01 -29.41
N ALA F 158 38.09 -28.90 -28.33
CA ALA F 158 37.58 -28.34 -27.09
C ALA F 158 37.25 -26.86 -27.24
N HIS F 159 38.10 -26.11 -27.95
CA HIS F 159 37.77 -24.71 -28.20
C HIS F 159 36.46 -24.60 -28.97
N MET F 160 36.33 -25.40 -30.03
CA MET F 160 35.12 -25.34 -30.85
C MET F 160 33.88 -25.68 -30.02
N ILE F 161 33.96 -26.72 -29.20
CA ILE F 161 32.80 -27.15 -28.44
C ILE F 161 32.47 -26.16 -27.33
N LYS F 162 33.50 -25.63 -26.66
CA LYS F 162 33.27 -24.68 -25.58
C LYS F 162 32.58 -23.43 -26.11
N PHE F 163 33.22 -22.73 -27.05
CA PHE F 163 32.65 -21.51 -27.61
C PHE F 163 31.93 -21.82 -28.92
N ARG F 164 30.71 -22.32 -28.79
CA ARG F 164 29.82 -22.51 -29.93
C ARG F 164 29.20 -21.17 -30.32
N GLY F 165 28.63 -21.13 -31.52
CA GLY F 165 28.00 -19.93 -32.02
C GLY F 165 26.54 -19.85 -31.60
N HIS F 166 25.85 -18.86 -32.17
CA HIS F 166 24.44 -18.68 -31.90
C HIS F 166 23.61 -19.71 -32.65
N PHE F 167 22.45 -20.05 -32.07
CA PHE F 167 21.54 -21.02 -32.67
C PHE F 167 20.34 -20.35 -33.34
N LEU F 168 20.47 -19.09 -33.72
CA LEU F 168 19.37 -18.39 -34.37
C LEU F 168 19.03 -19.08 -35.69
N ILE F 169 19.95 -19.03 -36.65
CA ILE F 169 19.73 -19.70 -37.93
C ILE F 169 19.69 -21.20 -37.70
N GLU F 170 18.58 -21.83 -38.05
CA GLU F 170 18.47 -23.28 -38.02
C GLU F 170 18.58 -23.83 -39.45
N GLY F 171 18.75 -25.15 -39.53
CA GLY F 171 18.97 -25.77 -40.82
C GLY F 171 20.44 -25.97 -41.11
N ASP F 172 20.86 -25.73 -42.35
CA ASP F 172 22.24 -25.92 -42.77
C ASP F 172 22.76 -24.65 -43.43
N LEU F 173 24.06 -24.41 -43.25
CA LEU F 173 24.76 -23.27 -43.87
C LEU F 173 26.03 -23.80 -44.51
N ASN F 174 25.93 -24.26 -45.75
CA ASN F 174 27.10 -24.74 -46.47
C ASN F 174 28.06 -23.57 -46.67
N PRO F 175 29.20 -23.54 -45.97
CA PRO F 175 30.09 -22.37 -46.07
C PRO F 175 30.63 -22.12 -47.46
N ASP F 176 30.57 -23.10 -48.36
CA ASP F 176 31.16 -22.94 -49.68
C ASP F 176 30.52 -21.80 -50.45
N ASN F 177 29.25 -21.49 -50.16
CA ASN F 177 28.56 -20.40 -50.83
C ASN F 177 29.02 -19.08 -50.21
N SER F 178 29.81 -18.31 -50.95
CA SER F 178 30.33 -17.06 -50.42
C SER F 178 30.24 -15.89 -51.38
N ASP F 179 29.79 -16.09 -52.62
CA ASP F 179 29.59 -14.99 -53.54
C ASP F 179 28.31 -14.24 -53.18
N VAL F 180 28.13 -13.06 -53.77
CA VAL F 180 26.90 -12.30 -53.56
C VAL F 180 26.29 -11.95 -54.91
N ASP F 181 26.98 -11.12 -55.68
CA ASP F 181 26.41 -10.66 -56.95
C ASP F 181 26.54 -11.71 -58.04
N LYS F 182 27.61 -12.51 -58.01
CA LYS F 182 27.72 -13.60 -58.97
C LYS F 182 26.62 -14.62 -58.75
N LEU F 183 26.37 -14.97 -57.48
CA LEU F 183 25.29 -15.92 -57.19
C LEU F 183 23.92 -15.32 -57.49
N PHE F 184 23.75 -14.01 -57.27
CA PHE F 184 22.48 -13.39 -57.65
C PHE F 184 22.29 -13.43 -59.16
N ILE F 185 23.37 -13.24 -59.92
CA ILE F 185 23.28 -13.35 -61.37
C ILE F 185 22.94 -14.78 -61.77
N GLN F 186 23.52 -15.77 -61.07
CA GLN F 186 23.15 -17.15 -61.33
C GLN F 186 21.67 -17.39 -61.07
N LEU F 187 21.15 -16.83 -59.97
CA LEU F 187 19.72 -16.93 -59.69
C LEU F 187 18.89 -16.31 -60.80
N VAL F 188 19.31 -15.12 -61.27
CA VAL F 188 18.58 -14.46 -62.35
C VAL F 188 18.62 -15.31 -63.62
N GLN F 189 19.75 -15.96 -63.87
CA GLN F 189 19.87 -16.84 -65.03
C GLN F 189 18.89 -17.99 -64.92
N THR F 190 18.81 -18.62 -63.75
CA THR F 190 17.85 -19.70 -63.54
C THR F 190 16.42 -19.19 -63.70
N TYR F 191 16.15 -17.99 -63.20
CA TYR F 191 14.83 -17.39 -63.32
C TYR F 191 14.45 -17.23 -64.79
N ASN F 192 15.37 -16.71 -65.59
CA ASN F 192 15.11 -16.56 -67.02
C ASN F 192 14.91 -17.91 -67.68
N GLN F 193 15.76 -18.88 -67.35
CA GLN F 193 15.64 -20.21 -67.94
C GLN F 193 14.27 -20.82 -67.66
N LEU F 194 13.79 -20.71 -66.43
CA LEU F 194 12.49 -21.30 -66.08
C LEU F 194 11.36 -20.48 -66.69
N PHE F 195 11.30 -19.19 -66.36
CA PHE F 195 10.26 -18.28 -66.86
C PHE F 195 10.82 -17.56 -68.07
N GLU F 196 10.83 -18.25 -69.21
CA GLU F 196 11.40 -17.71 -70.44
C GLU F 196 10.43 -16.82 -71.21
N GLU F 197 9.18 -16.69 -70.73
CA GLU F 197 8.22 -15.85 -71.44
C GLU F 197 8.68 -14.40 -71.43
N ASN F 198 9.18 -13.91 -70.29
CA ASN F 198 9.64 -12.54 -70.17
C ASN F 198 11.08 -12.54 -69.67
N PRO F 199 11.99 -11.82 -70.31
CA PRO F 199 13.38 -11.78 -69.83
C PRO F 199 13.51 -10.95 -68.57
N ILE F 200 14.54 -11.28 -67.79
CA ILE F 200 14.89 -10.52 -66.59
C ILE F 200 16.40 -10.38 -66.57
N ASN F 201 16.89 -9.13 -66.62
CA ASN F 201 18.32 -8.86 -66.68
C ASN F 201 18.67 -7.85 -65.59
N ALA F 202 19.81 -8.07 -64.94
CA ALA F 202 20.30 -7.20 -63.87
C ALA F 202 21.66 -6.60 -64.20
N SER F 203 21.96 -6.48 -65.50
CA SER F 203 23.22 -5.89 -65.91
C SER F 203 23.28 -4.42 -65.50
N GLY F 204 24.44 -4.00 -65.02
CA GLY F 204 24.60 -2.64 -64.57
C GLY F 204 23.90 -2.32 -63.27
N VAL F 205 23.57 -3.34 -62.48
CA VAL F 205 22.88 -3.17 -61.21
C VAL F 205 23.83 -3.64 -60.11
N ASP F 206 24.10 -2.76 -59.14
CA ASP F 206 24.99 -3.07 -58.03
C ASP F 206 24.26 -3.97 -57.02
N ALA F 207 24.10 -5.23 -57.42
CA ALA F 207 23.39 -6.18 -56.58
C ALA F 207 24.11 -6.39 -55.25
N LYS F 208 25.45 -6.49 -55.29
CA LYS F 208 26.20 -6.69 -54.07
C LYS F 208 26.00 -5.54 -53.10
N ALA F 209 26.08 -4.30 -53.61
CA ALA F 209 25.91 -3.14 -52.74
C ALA F 209 24.47 -3.04 -52.22
N ILE F 210 23.49 -3.38 -53.06
CA ILE F 210 22.10 -3.31 -52.64
C ILE F 210 21.82 -4.32 -51.55
N LEU F 211 22.28 -5.55 -51.73
CA LEU F 211 21.99 -6.62 -50.76
C LEU F 211 22.81 -6.46 -49.48
N SER F 212 24.06 -5.98 -49.59
CA SER F 212 24.93 -5.82 -48.44
C SER F 212 24.70 -4.50 -47.70
N ALA F 213 23.70 -3.73 -48.11
CA ALA F 213 23.44 -2.45 -47.46
C ALA F 213 23.01 -2.67 -46.00
N ARG F 214 23.39 -1.74 -45.14
CA ARG F 214 23.05 -1.80 -43.73
C ARG F 214 21.60 -1.41 -43.45
N LEU F 215 20.86 -0.99 -44.46
CA LEU F 215 19.47 -0.59 -44.27
C LEU F 215 18.61 -1.82 -43.94
N SER F 216 17.32 -1.58 -43.74
CA SER F 216 16.40 -2.65 -43.39
C SER F 216 16.24 -3.62 -44.55
N LYS F 217 15.78 -4.83 -44.22
CA LYS F 217 15.55 -5.85 -45.24
C LYS F 217 14.50 -5.38 -46.24
N SER F 218 13.42 -4.78 -45.75
CA SER F 218 12.38 -4.27 -46.65
C SER F 218 12.94 -3.17 -47.54
N ARG F 219 13.76 -2.29 -46.98
CA ARG F 219 14.35 -1.22 -47.78
C ARG F 219 15.26 -1.80 -48.87
N ARG F 220 16.06 -2.81 -48.53
CA ARG F 220 16.92 -3.43 -49.52
C ARG F 220 16.10 -4.10 -50.62
N LEU F 221 15.01 -4.78 -50.23
CA LEU F 221 14.15 -5.40 -51.23
C LEU F 221 13.54 -4.36 -52.16
N GLU F 222 13.07 -3.24 -51.58
CA GLU F 222 12.50 -2.18 -52.39
C GLU F 222 13.52 -1.60 -53.34
N ASN F 223 14.75 -1.38 -52.86
CA ASN F 223 15.80 -0.83 -53.72
C ASN F 223 16.11 -1.79 -54.86
N LEU F 224 16.22 -3.09 -54.56
CA LEU F 224 16.52 -4.05 -55.62
C LEU F 224 15.38 -4.13 -56.63
N ILE F 225 14.13 -4.06 -56.16
CA ILE F 225 13.00 -4.07 -57.08
C ILE F 225 13.03 -2.85 -57.97
N ALA F 226 13.29 -1.67 -57.39
CA ALA F 226 13.31 -0.44 -58.18
C ALA F 226 14.43 -0.48 -59.21
N GLN F 227 15.60 -0.99 -58.82
CA GLN F 227 16.75 -1.07 -59.72
C GLN F 227 16.67 -2.24 -60.69
N LEU F 228 15.51 -2.89 -60.81
CA LEU F 228 15.33 -4.02 -61.70
C LEU F 228 14.12 -3.74 -62.60
N PRO F 229 14.29 -3.68 -63.92
CA PRO F 229 13.16 -3.42 -64.80
C PRO F 229 12.38 -4.70 -65.11
N GLY F 230 11.13 -4.49 -65.52
CA GLY F 230 10.28 -5.59 -65.93
C GLY F 230 9.51 -6.28 -64.83
N GLU F 231 9.74 -5.91 -63.57
CA GLU F 231 9.03 -6.52 -62.45
C GLU F 231 8.87 -5.50 -61.35
N LYS F 232 7.82 -5.69 -60.55
CA LYS F 232 7.49 -4.81 -59.44
C LYS F 232 7.49 -5.62 -58.14
N LYS F 233 7.22 -4.92 -57.04
CA LYS F 233 7.10 -5.60 -55.75
C LYS F 233 5.96 -6.61 -55.79
N ASN F 234 6.08 -7.63 -54.94
CA ASN F 234 5.12 -8.72 -54.82
C ASN F 234 5.07 -9.60 -56.07
N GLY F 235 6.02 -9.45 -56.98
CA GLY F 235 6.14 -10.36 -58.10
C GLY F 235 6.84 -11.64 -57.70
N LEU F 236 7.02 -12.51 -58.69
CA LEU F 236 7.73 -13.76 -58.43
C LEU F 236 9.19 -13.50 -58.06
N PHE F 237 9.87 -12.65 -58.85
CA PHE F 237 11.24 -12.31 -58.54
C PHE F 237 11.35 -11.59 -57.20
N GLY F 238 10.44 -10.66 -56.93
CA GLY F 238 10.46 -9.97 -55.65
C GLY F 238 10.25 -10.91 -54.48
N ASN F 239 9.32 -11.85 -54.62
CA ASN F 239 9.09 -12.82 -53.55
C ASN F 239 10.31 -13.71 -53.35
N LEU F 240 10.95 -14.14 -54.43
CA LEU F 240 12.17 -14.95 -54.28
C LEU F 240 13.26 -14.16 -53.57
N ILE F 241 13.42 -12.89 -53.95
CA ILE F 241 14.44 -12.06 -53.30
C ILE F 241 14.13 -11.88 -51.83
N ALA F 242 12.86 -11.65 -51.50
CA ALA F 242 12.46 -11.48 -50.10
C ALA F 242 12.73 -12.75 -49.30
N LEU F 243 12.39 -13.90 -49.87
CA LEU F 243 12.65 -15.17 -49.20
C LEU F 243 14.15 -15.37 -48.98
N SER F 244 14.96 -15.06 -50.00
CA SER F 244 16.40 -15.23 -49.87
C SER F 244 16.97 -14.32 -48.79
N LEU F 245 16.53 -13.06 -48.74
CA LEU F 245 17.09 -12.12 -47.77
C LEU F 245 16.51 -12.29 -46.38
N GLY F 246 15.39 -13.01 -46.23
CA GLY F 246 14.86 -13.30 -44.91
C GLY F 246 13.38 -13.00 -44.77
N LEU F 247 12.86 -12.09 -45.59
CA LEU F 247 11.45 -11.77 -45.53
C LEU F 247 10.62 -12.98 -45.96
N THR F 248 9.41 -13.09 -45.41
CA THR F 248 8.54 -14.22 -45.67
C THR F 248 7.46 -13.83 -46.66
N PRO F 249 7.59 -14.16 -47.95
CA PRO F 249 6.57 -13.76 -48.93
C PRO F 249 5.56 -14.86 -49.19
N ASN F 250 4.41 -14.49 -49.75
CA ASN F 250 3.37 -15.46 -50.13
C ASN F 250 3.40 -15.63 -51.64
N PHE F 251 3.88 -16.80 -52.09
CA PHE F 251 3.98 -17.08 -53.51
C PHE F 251 2.65 -17.44 -54.15
N LYS F 252 1.54 -17.33 -53.40
CA LYS F 252 0.23 -17.66 -53.97
C LYS F 252 -0.05 -16.82 -55.21
N SER F 253 0.13 -15.51 -55.11
CA SER F 253 -0.10 -14.64 -56.27
C SER F 253 0.83 -15.03 -57.42
N ASN F 254 2.08 -15.39 -57.12
CA ASN F 254 3.03 -15.72 -58.17
C ASN F 254 2.56 -16.90 -59.00
N PHE F 255 2.01 -17.94 -58.34
CA PHE F 255 1.56 -19.14 -59.03
C PHE F 255 0.06 -19.38 -58.87
N ASP F 256 -0.69 -18.37 -58.42
CA ASP F 256 -2.13 -18.50 -58.24
C ASP F 256 -2.48 -19.76 -57.45
N LEU F 257 -1.72 -20.01 -56.38
CA LEU F 257 -1.87 -21.23 -55.61
C LEU F 257 -3.17 -21.28 -54.82
N ALA F 258 -3.88 -20.16 -54.69
CA ALA F 258 -5.13 -20.10 -53.94
C ALA F 258 -4.94 -20.68 -52.52
N GLU F 259 -3.85 -20.29 -51.89
CA GLU F 259 -3.53 -20.74 -50.54
C GLU F 259 -2.61 -19.71 -49.90
N ASP F 260 -2.16 -20.01 -48.68
CA ASP F 260 -1.24 -19.11 -47.99
C ASP F 260 0.08 -19.01 -48.76
N ALA F 261 0.68 -20.14 -49.10
CA ALA F 261 1.91 -20.18 -49.88
C ALA F 261 2.98 -19.27 -49.29
N LYS F 262 3.06 -19.23 -47.96
CA LYS F 262 4.05 -18.44 -47.25
C LYS F 262 5.17 -19.36 -46.80
N LEU F 263 6.40 -19.04 -47.19
CA LEU F 263 7.58 -19.84 -46.86
C LEU F 263 8.63 -18.94 -46.23
N GLN F 264 9.01 -19.27 -44.99
CA GLN F 264 10.09 -18.60 -44.29
C GLN F 264 11.23 -19.61 -44.18
N LEU F 265 12.24 -19.45 -45.02
CA LEU F 265 13.31 -20.44 -45.12
C LEU F 265 13.89 -20.79 -43.75
N SER F 266 14.08 -19.79 -42.89
CA SER F 266 14.75 -20.02 -41.61
C SER F 266 13.98 -21.02 -40.75
N LYS F 267 12.66 -20.88 -40.68
CA LYS F 267 11.86 -21.78 -39.86
C LYS F 267 11.83 -23.17 -40.49
N ASP F 268 11.96 -24.19 -39.64
CA ASP F 268 12.04 -25.57 -40.15
C ASP F 268 10.68 -26.11 -40.57
N THR F 269 9.60 -25.71 -39.90
CA THR F 269 8.27 -26.11 -40.35
C THR F 269 8.00 -25.56 -41.74
N TYR F 270 8.52 -24.37 -42.04
CA TYR F 270 8.36 -23.82 -43.37
C TYR F 270 9.21 -24.58 -44.38
N ASP F 271 10.17 -25.38 -43.93
CA ASP F 271 10.83 -26.31 -44.85
C ASP F 271 9.84 -27.35 -45.35
N ASP F 272 8.98 -27.86 -44.46
CA ASP F 272 7.94 -28.78 -44.91
C ASP F 272 6.88 -28.05 -45.73
N ASP F 273 6.63 -26.78 -45.42
CA ASP F 273 5.74 -26.00 -46.29
C ASP F 273 6.32 -25.89 -47.69
N LEU F 274 7.63 -25.67 -47.79
CA LEU F 274 8.29 -25.62 -49.09
C LEU F 274 8.23 -26.97 -49.77
N ASP F 275 8.36 -28.05 -48.99
CA ASP F 275 8.20 -29.38 -49.55
C ASP F 275 6.83 -29.54 -50.21
N ASN F 276 5.77 -29.14 -49.51
CA ASN F 276 4.44 -29.29 -50.09
C ASN F 276 4.25 -28.36 -51.28
N LEU F 277 4.90 -27.19 -51.27
CA LEU F 277 4.77 -26.29 -52.40
C LEU F 277 5.49 -26.85 -53.62
N LEU F 278 6.61 -27.55 -53.41
CA LEU F 278 7.27 -28.24 -54.52
C LEU F 278 6.39 -29.38 -55.02
N ALA F 279 5.73 -30.09 -54.10
CA ALA F 279 4.75 -31.08 -54.52
C ALA F 279 3.71 -30.45 -55.44
N GLN F 280 3.22 -29.27 -55.08
CA GLN F 280 2.23 -28.58 -55.91
C GLN F 280 2.80 -28.24 -57.27
N ILE F 281 3.98 -27.62 -57.31
CA ILE F 281 4.52 -27.04 -58.54
C ILE F 281 5.50 -27.99 -59.21
N GLY F 282 5.40 -29.28 -58.93
CA GLY F 282 6.28 -30.25 -59.56
C GLY F 282 7.73 -30.01 -59.21
N ASP F 283 8.60 -30.10 -60.21
CA ASP F 283 10.05 -30.00 -60.00
C ASP F 283 10.68 -28.77 -60.64
N GLN F 284 10.02 -28.15 -61.61
CA GLN F 284 10.63 -27.01 -62.30
C GLN F 284 11.13 -25.95 -61.31
N TYR F 285 10.21 -25.40 -60.52
CA TYR F 285 10.58 -24.35 -59.58
C TYR F 285 11.35 -24.89 -58.37
N ALA F 286 11.35 -26.20 -58.16
CA ALA F 286 12.11 -26.77 -57.04
C ALA F 286 13.58 -26.37 -57.13
N ASP F 287 14.17 -26.49 -58.31
CA ASP F 287 15.57 -26.09 -58.49
C ASP F 287 15.75 -24.60 -58.24
N LEU F 288 14.79 -23.78 -58.68
CA LEU F 288 14.85 -22.35 -58.41
C LEU F 288 14.84 -22.07 -56.91
N PHE F 289 14.02 -22.81 -56.16
CA PHE F 289 14.00 -22.66 -54.71
C PHE F 289 15.35 -23.07 -54.11
N LEU F 290 15.92 -24.18 -54.57
CA LEU F 290 17.26 -24.56 -54.12
C LEU F 290 18.26 -23.45 -54.38
N ALA F 291 18.18 -22.82 -55.56
CA ALA F 291 19.08 -21.72 -55.86
C ALA F 291 18.87 -20.55 -54.91
N ALA F 292 17.61 -20.23 -54.62
CA ALA F 292 17.32 -19.17 -53.66
C ALA F 292 17.93 -19.49 -52.29
N LYS F 293 17.76 -20.72 -51.84
CA LYS F 293 18.39 -21.17 -50.59
C LYS F 293 19.90 -20.90 -50.63
N ASN F 294 20.57 -21.38 -51.69
CA ASN F 294 21.99 -21.14 -51.82
C ASN F 294 22.31 -19.65 -51.74
N LEU F 295 21.50 -18.83 -52.41
CA LEU F 295 21.73 -17.39 -52.38
C LEU F 295 21.66 -16.85 -50.97
N SER F 296 20.63 -17.23 -50.21
CA SER F 296 20.49 -16.75 -48.84
C SER F 296 21.70 -17.16 -48.01
N ASP F 297 22.09 -18.43 -48.14
CA ASP F 297 23.26 -18.92 -47.42
C ASP F 297 24.47 -18.05 -47.74
N ALA F 298 24.73 -17.84 -49.02
CA ALA F 298 25.89 -17.05 -49.42
C ALA F 298 25.81 -15.64 -48.87
N ILE F 299 24.64 -15.01 -48.96
CA ILE F 299 24.46 -13.65 -48.43
C ILE F 299 24.90 -13.60 -46.98
N LEU F 300 24.24 -14.39 -46.13
CA LEU F 300 24.53 -14.30 -44.70
C LEU F 300 25.96 -14.70 -44.39
N LEU F 301 26.48 -15.73 -45.08
CA LEU F 301 27.85 -16.17 -44.82
C LEU F 301 28.86 -15.09 -45.17
N SER F 302 28.64 -14.40 -46.29
CA SER F 302 29.52 -13.29 -46.65
C SER F 302 29.40 -12.16 -45.63
N ASP F 303 28.18 -11.87 -45.20
CA ASP F 303 27.99 -10.85 -44.18
C ASP F 303 28.83 -11.14 -42.95
N ILE F 304 28.83 -12.40 -42.51
CA ILE F 304 29.48 -12.75 -41.24
C ILE F 304 30.97 -13.11 -41.39
N LEU F 305 31.45 -13.41 -42.59
CA LEU F 305 32.82 -13.87 -42.81
C LEU F 305 33.67 -12.86 -43.57
N ARG F 306 33.17 -12.32 -44.67
CA ARG F 306 33.91 -11.35 -45.47
C ARG F 306 35.28 -11.91 -45.89
N VAL F 307 35.32 -13.19 -46.21
CA VAL F 307 36.54 -13.83 -46.70
C VAL F 307 36.17 -14.91 -47.69
N ASN F 308 37.01 -15.07 -48.71
CA ASN F 308 36.80 -16.12 -49.70
C ASN F 308 36.90 -17.50 -49.06
N THR F 309 36.14 -18.46 -49.61
CA THR F 309 36.07 -19.81 -49.06
C THR F 309 36.57 -20.90 -49.99
N GLU F 310 36.81 -20.59 -51.27
CA GLU F 310 37.24 -21.64 -52.19
C GLU F 310 38.63 -22.17 -51.84
N ILE F 311 39.55 -21.30 -51.43
CA ILE F 311 40.92 -21.73 -51.17
C ILE F 311 40.98 -22.65 -49.97
N THR F 312 40.21 -22.35 -48.92
CA THR F 312 40.29 -23.11 -47.67
C THR F 312 38.89 -23.43 -47.17
N LYS F 313 38.77 -24.56 -46.49
CA LYS F 313 37.51 -24.98 -45.89
C LYS F 313 37.34 -24.45 -44.48
N ALA F 314 38.24 -23.62 -44.01
CA ALA F 314 38.14 -22.99 -42.69
C ALA F 314 37.93 -21.50 -42.87
N PRO F 315 36.73 -21.07 -43.30
CA PRO F 315 36.55 -19.64 -43.59
C PRO F 315 36.68 -18.75 -42.37
N LEU F 316 36.06 -19.12 -41.25
CA LEU F 316 36.15 -18.30 -40.06
C LEU F 316 37.58 -18.22 -39.54
N SER F 317 38.27 -19.35 -39.49
CA SER F 317 39.64 -19.34 -39.02
C SER F 317 40.53 -18.54 -39.95
N ALA F 318 40.29 -18.65 -41.26
CA ALA F 318 41.07 -17.85 -42.21
C ALA F 318 40.82 -16.37 -42.01
N SER F 319 39.57 -15.98 -41.75
CA SER F 319 39.27 -14.57 -41.51
C SER F 319 39.97 -14.09 -40.24
N MET F 320 39.97 -14.91 -39.20
CA MET F 320 40.66 -14.54 -37.97
C MET F 320 42.17 -14.42 -38.19
N ILE F 321 42.74 -15.32 -39.00
CA ILE F 321 44.16 -15.25 -39.30
C ILE F 321 44.46 -13.99 -40.09
N LYS F 322 43.60 -13.63 -41.04
CA LYS F 322 43.80 -12.41 -41.80
C LYS F 322 43.73 -11.19 -40.89
N ARG F 323 42.79 -11.19 -39.94
CA ARG F 323 42.69 -10.10 -39.00
C ARG F 323 43.95 -10.02 -38.14
N TYR F 324 44.49 -11.18 -37.76
CA TYR F 324 45.73 -11.21 -37.00
C TYR F 324 46.89 -10.61 -37.80
N ASP F 325 46.99 -10.99 -39.08
CA ASP F 325 48.07 -10.48 -39.93
C ASP F 325 47.94 -8.97 -40.13
N GLU F 326 46.72 -8.50 -40.37
CA GLU F 326 46.52 -7.06 -40.50
C GLU F 326 46.87 -6.35 -39.21
N HIS F 327 46.52 -6.93 -38.07
CA HIS F 327 46.90 -6.34 -36.79
C HIS F 327 48.41 -6.24 -36.69
N HIS F 328 49.12 -7.30 -37.07
CA HIS F 328 50.57 -7.29 -36.96
C HIS F 328 51.18 -6.22 -37.87
N GLN F 329 50.74 -6.17 -39.12
CA GLN F 329 51.29 -5.20 -40.07
C GLN F 329 50.99 -3.77 -39.63
N ASP F 330 49.75 -3.51 -39.21
CA ASP F 330 49.38 -2.19 -38.78
C ASP F 330 50.16 -1.79 -37.54
N LEU F 331 50.36 -2.73 -36.61
CA LEU F 331 51.12 -2.41 -35.41
C LEU F 331 52.56 -2.06 -35.75
N THR F 332 53.19 -2.82 -36.65
CA THR F 332 54.56 -2.51 -37.02
C THR F 332 54.65 -1.14 -37.71
N LEU F 333 53.72 -0.87 -38.63
CA LEU F 333 53.73 0.42 -39.31
C LEU F 333 53.53 1.57 -38.32
N LEU F 334 52.60 1.40 -37.38
CA LEU F 334 52.35 2.44 -36.40
C LEU F 334 53.56 2.65 -35.51
N LYS F 335 54.22 1.57 -35.10
CA LYS F 335 55.43 1.69 -34.29
C LYS F 335 56.47 2.53 -35.02
N ALA F 336 56.73 2.18 -36.29
CA ALA F 336 57.74 2.91 -37.05
C ALA F 336 57.34 4.36 -37.23
N LEU F 337 56.07 4.61 -37.58
CA LEU F 337 55.64 5.98 -37.82
C LEU F 337 55.76 6.83 -36.56
N VAL F 338 55.36 6.28 -35.42
CA VAL F 338 55.46 7.04 -34.18
C VAL F 338 56.92 7.33 -33.86
N ARG F 339 57.77 6.30 -33.94
CA ARG F 339 59.19 6.50 -33.62
C ARG F 339 59.80 7.56 -34.52
N GLN F 340 59.44 7.57 -35.80
CA GLN F 340 60.05 8.51 -36.74
C GLN F 340 59.48 9.92 -36.58
N GLN F 341 58.17 10.07 -36.76
CA GLN F 341 57.58 11.41 -36.79
C GLN F 341 57.55 12.03 -35.40
N LEU F 342 57.12 11.28 -34.40
CA LEU F 342 56.88 11.83 -33.06
C LEU F 342 57.40 10.85 -32.03
N PRO F 343 58.64 11.00 -31.56
CA PRO F 343 59.16 10.16 -30.48
C PRO F 343 58.85 10.65 -29.08
N GLU F 344 58.02 11.69 -28.94
CA GLU F 344 57.73 12.25 -27.63
C GLU F 344 56.62 11.49 -26.90
N LYS F 345 55.94 10.57 -27.57
CA LYS F 345 54.85 9.85 -26.93
C LYS F 345 54.86 8.36 -27.23
N TYR F 346 55.95 7.81 -27.78
CA TYR F 346 56.02 6.37 -27.95
C TYR F 346 55.84 5.66 -26.61
N LYS F 347 56.48 6.17 -25.56
CA LYS F 347 56.35 5.59 -24.24
C LYS F 347 54.88 5.59 -23.80
N GLU F 348 54.30 6.78 -23.64
CA GLU F 348 52.92 6.85 -23.18
C GLU F 348 51.99 5.99 -24.02
N ILE F 349 52.26 5.86 -25.32
CA ILE F 349 51.34 5.18 -26.20
C ILE F 349 51.47 3.66 -26.10
N PHE F 350 52.69 3.14 -25.97
CA PHE F 350 52.92 1.70 -26.05
C PHE F 350 53.39 1.07 -24.75
N PHE F 351 53.49 1.84 -23.66
CA PHE F 351 54.01 1.34 -22.40
C PHE F 351 53.18 1.71 -21.18
N ASP F 352 52.40 2.79 -21.23
CA ASP F 352 51.66 3.26 -20.06
C ASP F 352 50.30 2.58 -20.03
N GLN F 353 50.10 1.72 -19.04
CA GLN F 353 48.83 1.02 -18.90
C GLN F 353 47.76 1.85 -18.23
N SER F 354 48.12 2.95 -17.58
CA SER F 354 47.12 3.80 -16.93
C SER F 354 46.28 4.52 -17.96
N LYS F 355 46.92 5.13 -18.96
CA LYS F 355 46.21 5.85 -20.00
C LYS F 355 45.86 4.92 -21.14
N ASN F 356 44.95 5.37 -22.00
CA ASN F 356 44.58 4.59 -23.16
C ASN F 356 45.72 4.59 -24.18
N GLY F 357 45.58 3.76 -25.20
CA GLY F 357 46.61 3.52 -26.18
C GLY F 357 46.75 2.04 -26.39
N TYR F 358 47.85 1.63 -27.00
CA TYR F 358 48.05 0.21 -27.23
C TYR F 358 48.29 -0.53 -25.92
N ALA F 359 49.06 0.06 -25.01
CA ALA F 359 49.35 -0.60 -23.74
C ALA F 359 48.07 -0.81 -22.94
N GLY F 360 47.24 0.23 -22.83
CA GLY F 360 45.98 0.08 -22.14
C GLY F 360 44.97 -0.75 -22.90
N TYR F 361 45.13 -0.85 -24.21
CA TYR F 361 44.24 -1.69 -25.01
C TYR F 361 44.53 -3.16 -24.78
N ILE F 362 45.81 -3.52 -24.68
CA ILE F 362 46.20 -4.92 -24.58
C ILE F 362 46.30 -5.33 -23.12
N ASP F 363 47.24 -4.73 -22.38
CA ASP F 363 47.43 -5.10 -20.98
C ASP F 363 46.33 -4.52 -20.09
N GLY F 364 45.93 -3.27 -20.34
CA GLY F 364 44.92 -2.62 -19.53
C GLY F 364 43.52 -3.05 -19.95
N GLY F 365 42.54 -2.38 -19.36
CA GLY F 365 41.15 -2.70 -19.60
C GLY F 365 40.47 -1.84 -20.65
N ALA F 366 41.20 -1.02 -21.38
CA ALA F 366 40.58 -0.15 -22.36
C ALA F 366 39.96 -0.98 -23.48
N SER F 367 38.80 -0.53 -23.96
CA SER F 367 38.08 -1.24 -25.00
C SER F 367 38.46 -0.66 -26.37
N GLN F 368 37.90 -1.26 -27.43
CA GLN F 368 38.23 -0.80 -28.77
C GLN F 368 37.80 0.64 -28.98
N GLU F 369 36.62 1.00 -28.49
CA GLU F 369 36.13 2.37 -28.68
C GLU F 369 37.03 3.37 -27.98
N GLU F 370 37.43 3.08 -26.73
CA GLU F 370 38.32 3.99 -26.02
C GLU F 370 39.68 4.07 -26.71
N PHE F 371 40.18 2.94 -27.19
CA PHE F 371 41.46 2.96 -27.89
C PHE F 371 41.39 3.83 -29.13
N TYR F 372 40.31 3.68 -29.92
CA TYR F 372 40.17 4.50 -31.12
C TYR F 372 40.04 5.96 -30.76
N LYS F 373 39.29 6.28 -29.70
CA LYS F 373 39.17 7.67 -29.28
C LYS F 373 40.53 8.24 -28.91
N PHE F 374 41.36 7.45 -28.24
CA PHE F 374 42.66 7.93 -27.81
C PHE F 374 43.61 8.08 -28.98
N ILE F 375 43.52 7.17 -29.96
CA ILE F 375 44.52 7.12 -31.03
C ILE F 375 44.14 7.91 -32.26
N LYS F 376 42.88 8.38 -32.37
CA LYS F 376 42.49 9.15 -33.54
C LYS F 376 43.28 10.44 -33.67
N PRO F 377 43.25 11.35 -32.70
CA PRO F 377 43.95 12.64 -32.89
C PRO F 377 45.41 12.46 -33.27
N ILE F 378 46.09 11.50 -32.66
CA ILE F 378 47.50 11.27 -32.99
C ILE F 378 47.63 10.82 -34.43
N LEU F 379 46.72 9.96 -34.89
CA LEU F 379 46.75 9.52 -36.28
C LEU F 379 46.53 10.69 -37.22
N GLU F 380 45.58 11.57 -36.88
CA GLU F 380 45.29 12.71 -37.74
C GLU F 380 46.48 13.66 -37.81
N LYS F 381 47.11 13.93 -36.67
CA LYS F 381 48.27 14.84 -36.64
C LYS F 381 49.55 14.07 -36.97
N MET F 382 49.56 13.51 -38.18
CA MET F 382 50.68 12.71 -38.65
C MET F 382 50.68 12.76 -40.17
N ASP F 383 51.55 11.97 -40.79
CA ASP F 383 51.67 11.90 -42.24
C ASP F 383 51.70 10.45 -42.68
N GLY F 384 51.14 10.20 -43.85
CA GLY F 384 51.11 8.84 -44.40
C GLY F 384 50.28 7.87 -43.58
N THR F 385 49.16 8.33 -43.03
CA THR F 385 48.28 7.50 -42.23
C THR F 385 46.87 7.47 -42.82
N GLU F 386 46.75 7.67 -44.13
CA GLU F 386 45.43 7.71 -44.75
C GLU F 386 44.73 6.35 -44.64
N GLU F 387 45.45 5.28 -44.97
CA GLU F 387 44.84 3.95 -44.88
C GLU F 387 44.55 3.58 -43.43
N LEU F 388 45.41 3.99 -42.50
CA LEU F 388 45.15 3.72 -41.09
C LEU F 388 43.86 4.42 -40.64
N LEU F 389 43.68 5.67 -41.05
CA LEU F 389 42.46 6.38 -40.70
C LEU F 389 41.24 5.75 -41.36
N VAL F 390 41.38 5.28 -42.60
CA VAL F 390 40.27 4.62 -43.27
C VAL F 390 39.87 3.37 -42.49
N LYS F 391 40.86 2.58 -42.07
CA LYS F 391 40.57 1.39 -41.29
C LYS F 391 39.93 1.75 -39.96
N LEU F 392 40.42 2.82 -39.32
CA LEU F 392 39.82 3.25 -38.05
C LEU F 392 38.36 3.61 -38.24
N ASN F 393 38.05 4.34 -39.30
CA ASN F 393 36.66 4.70 -39.56
C ASN F 393 35.81 3.47 -39.86
N ARG F 394 36.39 2.51 -40.58
CA ARG F 394 35.69 1.27 -40.90
C ARG F 394 35.66 0.28 -39.75
N GLU F 395 36.28 0.62 -38.61
CA GLU F 395 36.31 -0.26 -37.44
C GLU F 395 37.03 -1.57 -37.75
N ASP F 396 38.21 -1.45 -38.35
CA ASP F 396 39.02 -2.62 -38.70
C ASP F 396 40.49 -2.35 -38.43
N LEU F 397 40.80 -1.62 -37.36
CA LEU F 397 42.16 -1.26 -37.02
C LEU F 397 42.56 -1.96 -35.72
N LEU F 398 43.63 -2.74 -35.79
CA LEU F 398 44.22 -3.40 -34.61
C LEU F 398 43.14 -4.14 -33.83
N ARG F 399 42.58 -5.16 -34.48
CA ARG F 399 41.45 -5.89 -33.93
C ARG F 399 41.91 -7.17 -33.23
N LYS F 400 41.24 -7.49 -32.13
CA LYS F 400 41.46 -8.73 -31.41
C LYS F 400 40.54 -9.81 -31.95
N GLN F 401 41.04 -11.04 -31.95
CA GLN F 401 40.28 -12.15 -32.51
C GLN F 401 38.99 -12.38 -31.73
N ARG F 402 39.05 -12.28 -30.40
CA ARG F 402 37.89 -12.43 -29.54
C ARG F 402 37.35 -11.05 -29.20
N THR F 403 36.21 -10.69 -29.78
CA THR F 403 35.64 -9.37 -29.60
C THR F 403 34.14 -9.49 -29.36
N PHE F 404 33.56 -8.36 -28.96
CA PHE F 404 32.14 -8.29 -28.67
C PHE F 404 31.26 -8.50 -29.89
N ASP F 405 31.79 -8.32 -31.09
CA ASP F 405 31.02 -8.50 -32.31
C ASP F 405 31.01 -9.93 -32.80
N ASN F 406 31.69 -10.84 -32.13
CA ASN F 406 31.76 -12.23 -32.53
C ASN F 406 30.48 -12.97 -32.27
N GLY F 407 29.42 -12.30 -31.86
CA GLY F 407 28.16 -12.95 -31.56
C GLY F 407 27.32 -13.28 -32.76
N SER F 408 27.77 -12.92 -33.96
CA SER F 408 27.02 -13.17 -35.18
C SER F 408 27.49 -14.43 -35.91
N ILE F 409 28.41 -15.18 -35.32
CA ILE F 409 28.90 -16.41 -35.95
C ILE F 409 27.93 -17.52 -35.59
N PRO F 410 27.24 -18.12 -36.55
CA PRO F 410 26.37 -19.25 -36.23
C PRO F 410 27.19 -20.45 -35.81
N HIS F 411 26.57 -21.33 -35.03
CA HIS F 411 27.26 -22.53 -34.61
C HIS F 411 27.53 -23.47 -35.76
N GLN F 412 26.88 -23.27 -36.91
CA GLN F 412 27.11 -24.15 -38.05
C GLN F 412 28.51 -23.97 -38.63
N ILE F 413 29.10 -22.79 -38.50
CA ILE F 413 30.47 -22.60 -38.96
C ILE F 413 31.43 -23.42 -38.11
N HIS F 414 31.28 -23.35 -36.79
CA HIS F 414 32.12 -24.14 -35.91
C HIS F 414 31.87 -25.63 -36.15
N LEU F 415 30.62 -26.00 -36.40
CA LEU F 415 30.31 -27.40 -36.71
C LEU F 415 31.02 -27.84 -37.98
N GLY F 416 31.03 -27.00 -39.01
CA GLY F 416 31.72 -27.35 -40.23
C GLY F 416 33.22 -27.51 -40.03
N GLU F 417 33.83 -26.59 -39.28
CA GLU F 417 35.26 -26.72 -39.01
C GLU F 417 35.55 -27.99 -38.22
N LEU F 418 34.74 -28.29 -37.22
CA LEU F 418 34.95 -29.49 -36.42
C LEU F 418 34.80 -30.74 -37.28
N HIS F 419 33.79 -30.77 -38.14
CA HIS F 419 33.59 -31.92 -39.01
C HIS F 419 34.76 -32.08 -39.97
N ALA F 420 35.28 -30.97 -40.50
CA ALA F 420 36.42 -31.06 -41.39
C ALA F 420 37.63 -31.63 -40.66
N ILE F 421 37.88 -31.18 -39.44
CA ILE F 421 39.01 -31.73 -38.67
C ILE F 421 38.80 -33.22 -38.44
N LEU F 422 37.59 -33.61 -38.06
CA LEU F 422 37.33 -35.02 -37.79
C LEU F 422 37.53 -35.86 -39.05
N ARG F 423 37.09 -35.36 -40.20
CA ARG F 423 37.29 -36.11 -41.43
C ARG F 423 38.76 -36.23 -41.77
N ARG F 424 39.53 -35.15 -41.58
CA ARG F 424 40.95 -35.21 -41.90
C ARG F 424 41.67 -36.21 -41.03
N GLN F 425 41.39 -36.21 -39.73
CA GLN F 425 42.20 -36.95 -38.77
C GLN F 425 41.61 -38.30 -38.38
N GLU F 426 40.53 -38.74 -39.01
CA GLU F 426 39.89 -39.98 -38.61
C GLU F 426 40.61 -41.21 -39.12
N ASP F 427 41.51 -41.06 -40.09
CA ASP F 427 42.20 -42.23 -40.65
C ASP F 427 43.19 -42.81 -39.65
N PHE F 428 43.99 -41.95 -39.02
CA PHE F 428 45.01 -42.44 -38.11
C PHE F 428 44.43 -42.91 -36.77
N TYR F 429 43.41 -42.22 -36.27
CA TYR F 429 42.79 -42.59 -35.01
C TYR F 429 41.44 -43.24 -35.26
N PRO F 430 41.29 -44.55 -35.08
CA PRO F 430 39.97 -45.17 -35.31
C PRO F 430 38.88 -44.64 -34.40
N PHE F 431 39.22 -44.27 -33.16
CA PHE F 431 38.17 -43.84 -32.24
C PHE F 431 37.58 -42.50 -32.65
N LEU F 432 38.35 -41.65 -33.32
CA LEU F 432 37.77 -40.42 -33.86
C LEU F 432 36.75 -40.73 -34.94
N LYS F 433 37.01 -41.73 -35.78
CA LYS F 433 36.03 -42.14 -36.77
C LYS F 433 34.80 -42.72 -36.09
N ASP F 434 35.00 -43.48 -35.01
CA ASP F 434 33.89 -44.15 -34.35
C ASP F 434 33.04 -43.19 -33.51
N ASN F 435 33.59 -42.06 -33.07
CA ASN F 435 32.88 -41.13 -32.20
C ASN F 435 32.60 -39.79 -32.86
N ARG F 436 32.67 -39.74 -34.19
CA ARG F 436 32.38 -38.49 -34.90
C ARG F 436 30.94 -38.04 -34.64
N GLU F 437 29.99 -38.97 -34.72
CA GLU F 437 28.60 -38.61 -34.54
C GLU F 437 28.36 -38.03 -33.15
N LYS F 438 28.90 -38.68 -32.12
CA LYS F 438 28.64 -38.21 -30.77
C LYS F 438 29.40 -36.93 -30.45
N ILE F 439 30.58 -36.72 -31.03
CA ILE F 439 31.26 -35.44 -30.85
C ILE F 439 30.42 -34.33 -31.46
N GLU F 440 29.92 -34.54 -32.67
CA GLU F 440 29.10 -33.51 -33.31
C GLU F 440 27.82 -33.27 -32.52
N LYS F 441 27.24 -34.32 -31.97
CA LYS F 441 26.06 -34.14 -31.13
C LYS F 441 26.38 -33.33 -29.88
N ILE F 442 27.55 -33.57 -29.29
CA ILE F 442 27.98 -32.76 -28.16
C ILE F 442 27.98 -31.29 -28.56
N LEU F 443 28.55 -31.00 -29.73
CA LEU F 443 28.62 -29.60 -30.15
C LEU F 443 27.24 -29.01 -30.41
N THR F 444 26.36 -29.77 -31.04
CA THR F 444 25.11 -29.22 -31.57
C THR F 444 23.87 -29.68 -30.79
N PHE F 445 24.01 -30.00 -29.51
CA PHE F 445 22.87 -30.31 -28.67
C PHE F 445 22.56 -29.14 -27.75
N ARG F 446 21.27 -28.79 -27.67
CA ARG F 446 20.78 -27.82 -26.70
C ARG F 446 19.43 -28.31 -26.19
N ILE F 447 19.18 -28.11 -24.91
CA ILE F 447 17.93 -28.60 -24.32
C ILE F 447 16.77 -27.76 -24.85
N PRO F 448 15.67 -28.36 -25.29
CA PRO F 448 14.55 -27.54 -25.78
C PRO F 448 14.01 -26.65 -24.68
N TYR F 449 13.53 -25.48 -25.08
CA TYR F 449 13.05 -24.52 -24.08
C TYR F 449 11.80 -25.01 -23.36
N TYR F 450 11.08 -25.97 -23.93
CA TYR F 450 9.89 -26.50 -23.26
C TYR F 450 10.20 -27.63 -22.30
N VAL F 451 11.35 -28.30 -22.45
CA VAL F 451 11.72 -29.35 -21.52
C VAL F 451 12.14 -28.76 -20.18
N GLY F 452 12.92 -27.67 -20.21
CA GLY F 452 13.33 -27.01 -19.00
C GLY F 452 14.44 -27.76 -18.29
N PRO F 453 14.67 -27.42 -17.01
CA PRO F 453 15.75 -28.09 -16.27
C PRO F 453 15.49 -29.59 -16.14
N LEU F 454 16.58 -30.35 -16.16
CA LEU F 454 16.51 -31.80 -16.05
C LEU F 454 16.72 -32.22 -14.60
N ALA F 455 15.71 -31.93 -13.78
CA ALA F 455 15.77 -32.22 -12.36
C ALA F 455 15.29 -33.64 -12.09
N ARG F 456 15.25 -34.01 -10.81
CA ARG F 456 14.76 -35.32 -10.39
C ARG F 456 13.85 -35.17 -9.19
N GLY F 457 12.94 -34.20 -9.23
CA GLY F 457 11.98 -34.00 -8.17
C GLY F 457 12.43 -33.14 -7.02
N ASN F 458 13.61 -32.51 -7.11
CA ASN F 458 14.09 -31.62 -6.07
C ASN F 458 14.35 -30.21 -6.61
N SER F 459 13.57 -29.80 -7.61
CA SER F 459 13.69 -28.47 -8.19
C SER F 459 12.29 -27.89 -8.36
N ARG F 460 12.08 -26.70 -7.80
CA ARG F 460 10.77 -26.05 -7.94
C ARG F 460 10.52 -25.63 -9.38
N PHE F 461 11.53 -25.13 -10.08
CA PHE F 461 11.36 -24.67 -11.47
C PHE F 461 11.50 -25.82 -12.46
N ALA F 462 10.80 -26.94 -12.24
CA ALA F 462 11.07 -28.13 -13.05
C ALA F 462 9.78 -28.82 -13.43
N TRP F 463 9.64 -29.10 -14.72
CA TRP F 463 8.55 -29.91 -15.25
C TRP F 463 9.15 -30.86 -16.27
N MET F 464 9.04 -32.16 -16.01
CA MET F 464 9.59 -33.12 -16.96
C MET F 464 9.20 -34.52 -16.49
N THR F 465 8.98 -35.40 -17.46
CA THR F 465 8.66 -36.79 -17.20
C THR F 465 9.64 -37.64 -18.00
N ARG F 466 10.23 -38.63 -17.36
CA ARG F 466 11.28 -39.45 -17.95
C ARG F 466 10.77 -40.87 -18.19
N LYS F 467 10.93 -41.36 -19.42
CA LYS F 467 10.49 -42.72 -19.71
C LYS F 467 11.31 -43.75 -18.96
N SER F 468 12.54 -43.41 -18.57
CA SER F 468 13.41 -44.31 -17.82
C SER F 468 14.27 -43.47 -16.89
N GLU F 469 14.79 -44.11 -15.85
CA GLU F 469 15.50 -43.42 -14.79
C GLU F 469 16.99 -43.27 -15.03
N GLU F 470 17.52 -43.76 -16.15
CA GLU F 470 18.95 -43.64 -16.39
C GLU F 470 19.35 -42.18 -16.52
N THR F 471 20.66 -41.93 -16.39
CA THR F 471 21.19 -40.58 -16.50
C THR F 471 20.97 -40.05 -17.92
N ILE F 472 20.59 -38.79 -18.01
CA ILE F 472 20.35 -38.14 -19.29
C ILE F 472 21.66 -37.62 -19.86
N THR F 473 21.98 -38.02 -21.07
CA THR F 473 23.10 -37.51 -21.84
C THR F 473 22.58 -37.07 -23.20
N PRO F 474 23.29 -36.18 -23.88
CA PRO F 474 22.80 -35.71 -25.19
C PRO F 474 22.60 -36.84 -26.19
N TRP F 475 23.20 -38.00 -25.97
CA TRP F 475 23.09 -39.13 -26.88
C TRP F 475 21.88 -40.02 -26.60
N ASN F 476 21.18 -39.81 -25.48
CA ASN F 476 19.96 -40.56 -25.21
C ASN F 476 18.85 -39.65 -24.69
N PHE F 477 18.92 -38.35 -25.00
CA PHE F 477 17.88 -37.44 -24.57
C PHE F 477 16.53 -37.86 -25.14
N GLU F 478 16.50 -38.23 -26.42
CA GLU F 478 15.25 -38.64 -27.04
C GLU F 478 14.74 -39.95 -26.42
N GLU F 479 15.66 -40.85 -26.09
CA GLU F 479 15.27 -42.15 -25.56
C GLU F 479 14.90 -42.12 -24.08
N VAL F 480 15.23 -41.05 -23.36
CA VAL F 480 14.94 -40.95 -21.93
C VAL F 480 13.80 -39.97 -21.66
N VAL F 481 13.93 -38.73 -22.13
CA VAL F 481 12.96 -37.69 -21.80
C VAL F 481 11.73 -37.84 -22.69
N ASP F 482 10.56 -37.71 -22.08
CA ASP F 482 9.28 -37.72 -22.79
C ASP F 482 8.95 -36.30 -23.22
N LYS F 483 9.42 -35.92 -24.40
CA LYS F 483 9.28 -34.53 -24.85
C LYS F 483 7.83 -34.11 -24.97
N GLY F 484 6.96 -35.00 -25.44
CA GLY F 484 5.56 -34.63 -25.57
C GLY F 484 4.92 -34.26 -24.24
N ALA F 485 5.11 -35.13 -23.24
CA ALA F 485 4.61 -34.81 -21.90
C ALA F 485 5.28 -33.56 -21.35
N SER F 486 6.58 -33.39 -21.61
CA SER F 486 7.27 -32.20 -21.14
C SER F 486 6.63 -30.93 -21.69
N ALA F 487 6.30 -30.93 -22.98
CA ALA F 487 5.68 -29.76 -23.59
C ALA F 487 4.27 -29.54 -23.07
N GLN F 488 3.49 -30.61 -22.95
CA GLN F 488 2.15 -30.47 -22.40
C GLN F 488 2.19 -29.85 -21.01
N SER F 489 3.10 -30.33 -20.16
CA SER F 489 3.23 -29.77 -18.82
C SER F 489 3.72 -28.33 -18.88
N PHE F 490 4.69 -28.05 -19.75
CA PHE F 490 5.13 -26.68 -19.99
C PHE F 490 3.93 -25.75 -20.14
N ILE F 491 3.08 -26.04 -21.13
CA ILE F 491 1.96 -25.15 -21.40
C ILE F 491 0.98 -25.13 -20.23
N GLU F 492 0.52 -26.31 -19.80
CA GLU F 492 -0.52 -26.36 -18.77
C GLU F 492 -0.05 -25.80 -17.44
N ARG F 493 1.26 -25.65 -17.24
CA ARG F 493 1.78 -25.17 -15.98
C ARG F 493 1.64 -23.66 -15.83
N MET F 494 1.27 -22.95 -16.90
CA MET F 494 1.15 -21.50 -16.88
C MET F 494 -0.23 -21.01 -17.25
N THR F 495 -1.10 -21.85 -17.81
CA THR F 495 -2.44 -21.42 -18.12
C THR F 495 -3.23 -21.21 -16.83
N ASN F 496 -4.44 -20.68 -16.97
CA ASN F 496 -5.25 -20.30 -15.84
C ASN F 496 -6.36 -21.33 -15.61
N PHE F 497 -7.09 -21.15 -14.53
CA PHE F 497 -8.19 -22.01 -14.15
C PHE F 497 -9.50 -21.28 -14.41
N ASP F 498 -10.61 -21.95 -14.08
CA ASP F 498 -11.93 -21.38 -14.22
C ASP F 498 -12.36 -20.86 -12.86
N LYS F 499 -12.63 -19.55 -12.77
CA LYS F 499 -12.98 -18.98 -11.48
C LYS F 499 -14.28 -19.55 -10.94
N ASN F 500 -15.24 -19.84 -11.84
CA ASN F 500 -16.48 -20.45 -11.39
C ASN F 500 -16.21 -21.74 -10.63
N LEU F 501 -15.37 -22.61 -11.19
CA LEU F 501 -14.93 -23.85 -10.55
C LEU F 501 -13.41 -23.82 -10.48
N PRO F 502 -12.82 -23.21 -9.45
CA PRO F 502 -11.36 -22.98 -9.47
C PRO F 502 -10.54 -24.24 -9.17
N ASN F 503 -10.92 -25.34 -9.81
CA ASN F 503 -10.17 -26.59 -9.75
C ASN F 503 -9.82 -27.13 -11.12
N GLU F 504 -10.65 -26.88 -12.13
CA GLU F 504 -10.46 -27.42 -13.47
C GLU F 504 -9.72 -26.44 -14.37
N LYS F 505 -9.00 -26.99 -15.34
CA LYS F 505 -8.26 -26.19 -16.30
C LYS F 505 -9.20 -25.60 -17.35
N VAL F 506 -8.84 -24.42 -17.84
CA VAL F 506 -9.66 -23.75 -18.84
C VAL F 506 -9.54 -24.48 -20.18
N LEU F 507 -10.57 -24.34 -21.00
CA LEU F 507 -10.60 -24.96 -22.32
C LEU F 507 -9.87 -24.10 -23.33
N PRO F 508 -9.38 -24.70 -24.42
CA PRO F 508 -8.83 -23.88 -25.52
C PRO F 508 -9.89 -22.96 -26.08
N LYS F 509 -9.45 -21.78 -26.51
CA LYS F 509 -10.39 -20.78 -27.00
C LYS F 509 -11.17 -21.29 -28.20
N HIS F 510 -10.49 -21.98 -29.11
CA HIS F 510 -11.12 -22.49 -30.32
C HIS F 510 -11.72 -23.88 -30.13
N SER F 511 -11.93 -24.28 -28.88
CA SER F 511 -12.55 -25.58 -28.63
C SER F 511 -13.97 -25.63 -29.17
N LEU F 512 -14.34 -26.78 -29.72
CA LEU F 512 -15.66 -26.92 -30.31
C LEU F 512 -16.75 -26.75 -29.26
N LEU F 513 -16.53 -27.30 -28.06
CA LEU F 513 -17.52 -27.14 -27.00
C LEU F 513 -17.70 -25.68 -26.64
N TYR F 514 -16.59 -24.93 -26.56
CA TYR F 514 -16.69 -23.50 -26.30
C TYR F 514 -17.47 -22.79 -27.39
N GLU F 515 -17.21 -23.14 -28.66
CA GLU F 515 -17.93 -22.49 -29.75
C GLU F 515 -19.43 -22.77 -29.64
N TYR F 516 -19.80 -24.02 -29.35
CA TYR F 516 -21.21 -24.35 -29.18
C TYR F 516 -21.81 -23.57 -28.02
N PHE F 517 -21.07 -23.47 -26.91
CA PHE F 517 -21.58 -22.76 -25.75
C PHE F 517 -21.86 -21.30 -26.07
N THR F 518 -20.91 -20.62 -26.72
CA THR F 518 -21.12 -19.21 -27.04
C THR F 518 -22.27 -19.05 -28.02
N VAL F 519 -22.35 -19.92 -29.03
CA VAL F 519 -23.41 -19.80 -30.02
C VAL F 519 -24.77 -19.94 -29.35
N TYR F 520 -24.92 -20.95 -28.49
CA TYR F 520 -26.21 -21.14 -27.83
C TYR F 520 -26.50 -20.03 -26.84
N ASN F 521 -25.48 -19.52 -26.16
CA ASN F 521 -25.70 -18.42 -25.22
C ASN F 521 -26.22 -17.19 -25.93
N GLU F 522 -25.66 -16.86 -27.09
CA GLU F 522 -26.17 -15.71 -27.82
C GLU F 522 -27.52 -16.02 -28.46
N LEU F 523 -27.78 -17.28 -28.81
CA LEU F 523 -29.01 -17.62 -29.51
C LEU F 523 -30.23 -17.64 -28.58
N THR F 524 -30.05 -18.06 -27.33
CA THR F 524 -31.20 -18.19 -26.43
C THR F 524 -31.81 -16.86 -26.03
N LYS F 525 -31.13 -15.74 -26.28
CA LYS F 525 -31.58 -14.43 -25.85
C LYS F 525 -32.06 -13.57 -27.01
N VAL F 526 -32.78 -14.17 -27.96
CA VAL F 526 -33.34 -13.45 -29.10
C VAL F 526 -34.85 -13.63 -29.08
N LYS F 527 -35.57 -12.57 -29.46
CA LYS F 527 -37.02 -12.60 -29.55
C LYS F 527 -37.45 -12.04 -30.90
N TYR F 528 -38.47 -12.65 -31.48
CA TYR F 528 -39.00 -12.24 -32.78
C TYR F 528 -40.47 -11.86 -32.66
N VAL F 529 -40.92 -11.03 -33.59
CA VAL F 529 -42.31 -10.59 -33.65
C VAL F 529 -42.79 -10.75 -35.09
N THR F 530 -43.86 -11.52 -35.28
CA THR F 530 -44.49 -11.68 -36.57
C THR F 530 -45.98 -11.37 -36.45
N GLU F 531 -46.62 -11.16 -37.59
CA GLU F 531 -48.03 -10.84 -37.59
C GLU F 531 -48.83 -11.95 -36.93
N GLY F 532 -49.84 -11.57 -36.17
CA GLY F 532 -50.67 -12.51 -35.44
C GLY F 532 -50.15 -12.93 -34.10
N MET F 533 -49.08 -12.32 -33.60
CA MET F 533 -48.53 -12.60 -32.28
C MET F 533 -48.88 -11.46 -31.34
N ARG F 534 -49.42 -11.81 -30.17
CA ARG F 534 -49.77 -10.80 -29.18
C ARG F 534 -48.54 -10.02 -28.75
N LYS F 535 -47.45 -10.71 -28.47
CA LYS F 535 -46.22 -10.09 -28.00
C LYS F 535 -45.05 -10.88 -28.54
N PRO F 536 -43.83 -10.37 -28.38
CA PRO F 536 -42.66 -11.14 -28.83
C PRO F 536 -42.56 -12.48 -28.12
N ALA F 537 -41.99 -13.45 -28.81
CA ALA F 537 -41.87 -14.81 -28.31
C ALA F 537 -40.41 -15.25 -28.34
N PHE F 538 -39.97 -15.87 -27.26
CA PHE F 538 -38.62 -16.40 -27.19
C PHE F 538 -38.45 -17.56 -28.15
N LEU F 539 -37.19 -17.86 -28.49
CA LEU F 539 -36.86 -18.89 -29.47
C LEU F 539 -37.03 -20.26 -28.83
N SER F 540 -37.86 -21.10 -29.44
CA SER F 540 -38.10 -22.45 -28.94
C SER F 540 -36.83 -23.30 -29.05
N GLY F 541 -36.79 -24.36 -28.24
CA GLY F 541 -35.66 -25.28 -28.30
C GLY F 541 -35.49 -25.90 -29.67
N GLU F 542 -36.58 -26.41 -30.24
CA GLU F 542 -36.50 -26.98 -31.58
C GLU F 542 -36.12 -25.92 -32.60
N GLN F 543 -36.62 -24.70 -32.43
CA GLN F 543 -36.25 -23.61 -33.32
C GLN F 543 -34.75 -23.36 -33.29
N LYS F 544 -34.18 -23.29 -32.08
CA LYS F 544 -32.73 -23.13 -31.96
C LYS F 544 -31.99 -24.29 -32.61
N LYS F 545 -32.46 -25.52 -32.39
CA LYS F 545 -31.85 -26.68 -33.01
C LYS F 545 -31.79 -26.50 -34.52
N ALA F 546 -32.96 -26.35 -35.15
CA ALA F 546 -33.02 -26.20 -36.59
C ALA F 546 -32.13 -25.04 -37.07
N ILE F 547 -32.15 -23.92 -36.36
CA ILE F 547 -31.38 -22.77 -36.79
C ILE F 547 -29.88 -23.10 -36.78
N VAL F 548 -29.42 -23.75 -35.71
CA VAL F 548 -28.02 -24.14 -35.64
C VAL F 548 -27.69 -25.11 -36.77
N ASP F 549 -28.59 -26.06 -37.03
CA ASP F 549 -28.30 -27.10 -38.01
C ASP F 549 -28.36 -26.61 -39.45
N LEU F 550 -29.04 -25.49 -39.70
CA LEU F 550 -29.22 -25.01 -41.07
C LEU F 550 -28.47 -23.73 -41.38
N LEU F 551 -28.03 -22.96 -40.37
CA LEU F 551 -27.38 -21.68 -40.61
C LEU F 551 -25.93 -21.66 -40.14
N PHE F 552 -25.67 -21.98 -38.87
CA PHE F 552 -24.32 -21.84 -38.36
C PHE F 552 -23.38 -22.86 -38.97
N LYS F 553 -23.84 -24.09 -39.16
CA LYS F 553 -23.04 -25.15 -39.73
C LYS F 553 -22.97 -25.06 -41.26
N THR F 554 -23.53 -24.01 -41.85
CA THR F 554 -23.51 -23.81 -43.29
C THR F 554 -22.89 -22.50 -43.72
N ASN F 555 -22.86 -21.49 -42.85
CA ASN F 555 -22.28 -20.20 -43.18
C ASN F 555 -21.38 -19.75 -42.03
N ARG F 556 -20.34 -18.99 -42.38
CA ARG F 556 -19.39 -18.54 -41.37
C ARG F 556 -20.03 -17.54 -40.42
N LYS F 557 -20.70 -16.52 -40.95
CA LYS F 557 -21.30 -15.45 -40.17
C LYS F 557 -22.80 -15.43 -40.40
N VAL F 558 -23.58 -15.47 -39.32
CA VAL F 558 -25.03 -15.47 -39.40
C VAL F 558 -25.53 -14.03 -39.26
N THR F 559 -26.42 -13.63 -40.18
CA THR F 559 -27.01 -12.31 -40.17
C THR F 559 -28.53 -12.42 -40.06
N VAL F 560 -29.14 -11.48 -39.33
CA VAL F 560 -30.57 -11.55 -39.05
C VAL F 560 -31.38 -11.65 -40.34
N LYS F 561 -30.88 -11.07 -41.43
CA LYS F 561 -31.62 -11.17 -42.69
C LYS F 561 -31.66 -12.62 -43.19
N GLN F 562 -30.52 -13.30 -43.15
CA GLN F 562 -30.51 -14.72 -43.50
C GLN F 562 -31.36 -15.52 -42.53
N LEU F 563 -31.34 -15.15 -41.25
CA LEU F 563 -32.19 -15.83 -40.28
C LEU F 563 -33.65 -15.69 -40.63
N LYS F 564 -34.07 -14.50 -41.07
CA LYS F 564 -35.48 -14.27 -41.38
C LYS F 564 -35.88 -14.94 -42.68
N GLU F 565 -35.02 -14.90 -43.70
CA GLU F 565 -35.40 -15.40 -45.01
C GLU F 565 -35.20 -16.90 -45.12
N ASP F 566 -34.00 -17.39 -44.81
CA ASP F 566 -33.68 -18.79 -45.05
C ASP F 566 -34.52 -19.71 -44.17
N TYR F 567 -34.90 -19.28 -42.97
CA TYR F 567 -35.64 -20.12 -42.05
C TYR F 567 -37.04 -19.61 -41.77
N PHE F 568 -37.19 -18.38 -41.28
CA PHE F 568 -38.52 -17.89 -40.91
C PHE F 568 -39.43 -17.79 -42.13
N LYS F 569 -38.91 -17.28 -43.23
CA LYS F 569 -39.74 -17.15 -44.43
C LYS F 569 -39.92 -18.50 -45.12
N LYS F 570 -38.85 -19.30 -45.22
CA LYS F 570 -38.92 -20.56 -45.94
C LYS F 570 -39.61 -21.64 -45.11
N ILE F 571 -39.12 -21.89 -43.90
CA ILE F 571 -39.66 -22.97 -43.08
C ILE F 571 -40.90 -22.51 -42.33
N GLU F 572 -40.76 -21.49 -41.49
CA GLU F 572 -41.88 -21.03 -40.70
C GLU F 572 -42.97 -20.41 -41.57
N CYS F 573 -42.66 -20.05 -42.81
CA CYS F 573 -43.64 -19.52 -43.76
C CYS F 573 -44.28 -18.24 -43.22
N PHE F 574 -43.49 -17.40 -42.56
CA PHE F 574 -43.93 -16.10 -42.10
C PHE F 574 -43.08 -15.03 -42.78
N ASP F 575 -43.67 -14.34 -43.77
CA ASP F 575 -42.93 -13.32 -44.49
C ASP F 575 -42.57 -12.15 -43.60
N SER F 576 -43.50 -11.72 -42.75
CA SER F 576 -43.31 -10.57 -41.87
C SER F 576 -42.83 -11.06 -40.50
N VAL F 577 -41.54 -10.88 -40.24
CA VAL F 577 -40.94 -11.22 -38.95
C VAL F 577 -40.04 -10.08 -38.53
N GLU F 578 -40.11 -9.71 -37.26
CA GLU F 578 -39.34 -8.60 -36.69
C GLU F 578 -38.50 -9.15 -35.55
N ILE F 579 -37.21 -9.40 -35.83
CA ILE F 579 -36.32 -9.91 -34.79
C ILE F 579 -36.02 -8.81 -33.78
N SER F 580 -35.64 -9.22 -32.57
CA SER F 580 -35.35 -8.27 -31.51
C SER F 580 -34.35 -8.87 -30.54
N GLY F 581 -33.59 -7.99 -29.89
CA GLY F 581 -32.61 -8.41 -28.90
C GLY F 581 -31.29 -8.86 -29.46
N VAL F 582 -31.07 -8.75 -30.77
CA VAL F 582 -29.83 -9.18 -31.40
C VAL F 582 -29.42 -8.16 -32.44
N GLU F 583 -28.11 -8.04 -32.65
CA GLU F 583 -27.58 -7.15 -33.66
C GLU F 583 -27.77 -7.78 -35.05
N ASP F 584 -27.76 -6.92 -36.06
CA ASP F 584 -27.90 -7.35 -37.45
C ASP F 584 -27.13 -8.62 -37.73
N ARG F 585 -25.90 -8.70 -37.24
CA ARG F 585 -25.04 -9.87 -37.41
C ARG F 585 -24.66 -10.41 -36.04
N PHE F 586 -24.66 -11.74 -35.90
CA PHE F 586 -24.35 -12.37 -34.63
C PHE F 586 -22.86 -12.32 -34.35
N ASN F 587 -22.51 -12.22 -33.07
CA ASN F 587 -21.12 -12.15 -32.67
C ASN F 587 -20.45 -13.52 -32.73
N ALA F 588 -20.93 -14.47 -31.93
CA ALA F 588 -20.32 -15.78 -31.86
C ALA F 588 -20.78 -16.66 -33.02
N SER F 589 -19.85 -17.46 -33.52
CA SER F 589 -20.15 -18.40 -34.60
C SER F 589 -19.21 -19.58 -34.50
N LEU F 590 -19.60 -20.69 -35.13
CA LEU F 590 -18.81 -21.91 -35.11
C LEU F 590 -17.63 -21.77 -36.10
N GLY F 591 -16.66 -20.96 -35.68
CA GLY F 591 -15.49 -20.74 -36.52
C GLY F 591 -14.65 -22.00 -36.69
N THR F 592 -14.43 -22.73 -35.60
CA THR F 592 -13.63 -23.94 -35.68
C THR F 592 -14.34 -25.03 -36.48
N TYR F 593 -15.67 -25.08 -36.39
CA TYR F 593 -16.41 -26.12 -37.10
C TYR F 593 -16.20 -26.01 -38.61
N HIS F 594 -16.21 -24.79 -39.15
CA HIS F 594 -16.01 -24.63 -40.58
C HIS F 594 -14.57 -24.95 -40.98
N ASP F 595 -13.61 -24.65 -40.12
CA ASP F 595 -12.21 -24.92 -40.44
C ASP F 595 -11.97 -26.42 -40.61
N LEU F 596 -12.54 -27.23 -39.72
CA LEU F 596 -12.33 -28.68 -39.81
C LEU F 596 -13.15 -29.29 -40.93
N LEU F 597 -14.31 -28.70 -41.27
CA LEU F 597 -15.17 -29.30 -42.28
C LEU F 597 -14.47 -29.37 -43.62
N LYS F 598 -13.74 -28.32 -43.98
CA LYS F 598 -13.05 -28.29 -45.27
C LYS F 598 -11.78 -29.14 -45.28
N ILE F 599 -11.37 -29.69 -44.14
CA ILE F 599 -10.18 -30.53 -44.05
C ILE F 599 -10.56 -32.00 -43.93
N ILE F 600 -11.32 -32.35 -42.88
CA ILE F 600 -11.69 -33.76 -42.70
C ILE F 600 -12.78 -34.16 -43.68
N LYS F 601 -13.58 -33.21 -44.17
CA LYS F 601 -14.61 -33.48 -45.16
C LYS F 601 -15.54 -34.61 -44.70
N ASP F 602 -16.05 -34.49 -43.49
CA ASP F 602 -16.99 -35.49 -42.97
C ASP F 602 -17.99 -34.78 -42.05
N LYS F 603 -19.11 -34.38 -42.62
CA LYS F 603 -20.17 -33.76 -41.82
C LYS F 603 -20.73 -34.75 -40.81
N ASP F 604 -20.85 -36.02 -41.20
CA ASP F 604 -21.33 -37.03 -40.27
C ASP F 604 -20.39 -37.17 -39.08
N PHE F 605 -19.08 -37.18 -39.34
CA PHE F 605 -18.12 -37.27 -38.24
C PHE F 605 -18.18 -36.03 -37.36
N LEU F 606 -18.30 -34.85 -37.95
CA LEU F 606 -18.30 -33.62 -37.15
C LEU F 606 -19.59 -33.49 -36.35
N ASP F 607 -20.69 -34.04 -36.83
CA ASP F 607 -21.97 -33.96 -36.13
C ASP F 607 -22.18 -35.09 -35.13
N ASN F 608 -21.50 -36.21 -35.32
CA ASN F 608 -21.68 -37.35 -34.42
C ASN F 608 -21.19 -37.00 -33.02
N GLU F 609 -21.83 -37.61 -32.02
CA GLU F 609 -21.59 -37.25 -30.63
C GLU F 609 -20.47 -38.05 -29.98
N GLU F 610 -20.28 -39.30 -30.37
CA GLU F 610 -19.33 -40.16 -29.66
C GLU F 610 -17.88 -39.84 -29.98
N ASN F 611 -17.62 -39.01 -30.98
CA ASN F 611 -16.26 -38.57 -31.30
C ASN F 611 -15.98 -37.15 -30.82
N GLU F 612 -16.87 -36.59 -29.98
CA GLU F 612 -16.63 -35.25 -29.46
C GLU F 612 -15.37 -35.21 -28.61
N ASP F 613 -15.11 -36.29 -27.86
CA ASP F 613 -13.87 -36.36 -27.10
C ASP F 613 -12.66 -36.35 -28.03
N ILE F 614 -12.74 -37.06 -29.15
CA ILE F 614 -11.64 -37.07 -30.11
C ILE F 614 -11.41 -35.68 -30.67
N LEU F 615 -12.49 -34.98 -31.02
CA LEU F 615 -12.36 -33.64 -31.56
C LEU F 615 -11.75 -32.69 -30.52
N GLU F 616 -12.19 -32.81 -29.27
CA GLU F 616 -11.63 -31.98 -28.21
C GLU F 616 -10.15 -32.25 -28.05
N ASP F 617 -9.75 -33.52 -28.09
CA ASP F 617 -8.32 -33.85 -28.02
C ASP F 617 -7.56 -33.27 -29.19
N ILE F 618 -8.17 -33.29 -30.38
CA ILE F 618 -7.49 -32.78 -31.57
C ILE F 618 -7.22 -31.29 -31.41
N VAL F 619 -8.23 -30.53 -31.01
CA VAL F 619 -8.04 -29.09 -30.85
C VAL F 619 -7.09 -28.81 -29.70
N LEU F 620 -7.15 -29.62 -28.65
CA LEU F 620 -6.24 -29.43 -27.53
C LEU F 620 -4.80 -29.65 -27.96
N THR F 621 -4.54 -30.69 -28.76
CA THR F 621 -3.20 -30.93 -29.27
C THR F 621 -2.74 -29.77 -30.14
N LEU F 622 -3.62 -29.31 -31.04
CA LEU F 622 -3.23 -28.22 -31.94
C LEU F 622 -2.90 -26.96 -31.16
N THR F 623 -3.68 -26.66 -30.11
CA THR F 623 -3.40 -25.48 -29.31
C THR F 623 -2.14 -25.66 -28.47
N LEU F 624 -1.97 -26.83 -27.87
CA LEU F 624 -0.86 -27.05 -26.94
C LEU F 624 0.47 -27.03 -27.67
N PHE F 625 0.59 -27.81 -28.73
CA PHE F 625 1.90 -28.07 -29.33
C PHE F 625 2.18 -27.08 -30.45
N GLU F 626 3.43 -26.63 -30.52
CA GLU F 626 3.85 -25.65 -31.50
C GLU F 626 4.72 -26.23 -32.60
N ASP F 627 5.45 -27.31 -32.32
CA ASP F 627 6.33 -27.91 -33.31
C ASP F 627 5.62 -29.04 -34.05
N ARG F 628 5.86 -29.09 -35.37
CA ARG F 628 5.17 -30.04 -36.22
C ARG F 628 5.49 -31.47 -35.84
N GLU F 629 6.73 -31.74 -35.46
CA GLU F 629 7.12 -33.11 -35.14
C GLU F 629 6.32 -33.62 -33.94
N MET F 630 6.21 -32.80 -32.88
CA MET F 630 5.45 -33.23 -31.72
C MET F 630 3.96 -33.30 -32.03
N ILE F 631 3.45 -32.38 -32.86
CA ILE F 631 2.05 -32.49 -33.24
C ILE F 631 1.79 -33.82 -33.93
N GLU F 632 2.68 -34.19 -34.85
CA GLU F 632 2.53 -35.45 -35.56
C GLU F 632 2.63 -36.64 -34.62
N GLU F 633 3.60 -36.61 -33.70
CA GLU F 633 3.77 -37.75 -32.81
C GLU F 633 2.59 -37.88 -31.86
N ARG F 634 1.92 -36.77 -31.54
CA ARG F 634 0.71 -36.84 -30.73
C ARG F 634 -0.48 -37.33 -31.54
N LEU F 635 -0.55 -36.98 -32.82
CA LEU F 635 -1.66 -37.40 -33.67
C LEU F 635 -1.42 -38.75 -34.32
N LYS F 636 -0.39 -39.49 -33.90
CA LYS F 636 -0.16 -40.81 -34.49
C LYS F 636 -1.28 -41.76 -34.13
N THR F 637 -1.81 -41.67 -32.91
CA THR F 637 -2.91 -42.54 -32.52
C THR F 637 -4.14 -42.32 -33.41
N TYR F 638 -4.27 -41.12 -33.97
CA TYR F 638 -5.41 -40.77 -34.80
C TYR F 638 -5.11 -40.91 -36.29
N ALA F 639 -3.93 -41.43 -36.63
CA ALA F 639 -3.58 -41.59 -38.05
C ALA F 639 -4.59 -42.48 -38.77
N HIS F 640 -5.09 -43.51 -38.09
CA HIS F 640 -6.08 -44.39 -38.70
C HIS F 640 -7.36 -43.63 -39.06
N LEU F 641 -7.73 -42.63 -38.27
CA LEU F 641 -8.97 -41.91 -38.52
C LEU F 641 -8.97 -41.22 -39.87
N PHE F 642 -7.85 -40.58 -40.24
CA PHE F 642 -7.76 -39.78 -41.45
C PHE F 642 -6.50 -40.13 -42.23
N ASP F 643 -6.60 -40.00 -43.56
CA ASP F 643 -5.50 -40.33 -44.44
C ASP F 643 -4.32 -39.39 -44.22
N ASP F 644 -3.18 -39.78 -44.79
CA ASP F 644 -1.95 -39.00 -44.63
C ASP F 644 -2.14 -37.55 -45.05
N LYS F 645 -2.85 -37.31 -46.15
CA LYS F 645 -3.10 -35.94 -46.59
C LYS F 645 -3.81 -35.13 -45.51
N VAL F 646 -4.92 -35.66 -45.00
CA VAL F 646 -5.65 -34.98 -43.93
C VAL F 646 -4.74 -34.76 -42.73
N MET F 647 -3.91 -35.75 -42.40
CA MET F 647 -3.00 -35.59 -41.27
C MET F 647 -2.03 -34.44 -41.50
N LYS F 648 -1.49 -34.34 -42.71
CA LYS F 648 -0.58 -33.24 -43.02
C LYS F 648 -1.30 -31.91 -42.91
N GLN F 649 -2.54 -31.84 -43.41
CA GLN F 649 -3.29 -30.59 -43.31
C GLN F 649 -3.53 -30.21 -41.85
N LEU F 650 -3.90 -31.18 -41.02
CA LEU F 650 -4.07 -30.91 -39.60
C LEU F 650 -2.77 -30.35 -39.02
N LYS F 651 -1.66 -31.05 -39.25
CA LYS F 651 -0.38 -30.58 -38.73
C LYS F 651 -0.09 -29.16 -39.20
N ARG F 652 -0.51 -28.83 -40.42
CA ARG F 652 -0.35 -27.46 -40.90
C ARG F 652 -1.18 -26.50 -40.06
N ARG F 653 -2.41 -26.87 -39.74
CA ARG F 653 -3.29 -25.99 -38.98
C ARG F 653 -2.70 -25.73 -37.59
N ARG F 654 -2.84 -24.48 -37.13
CA ARG F 654 -2.30 -24.08 -35.83
C ARG F 654 -3.30 -23.14 -35.17
N TYR F 655 -3.88 -23.58 -34.05
CA TYR F 655 -4.80 -22.77 -33.26
C TYR F 655 -4.06 -22.21 -32.04
N THR F 656 -4.25 -20.92 -31.77
CA THR F 656 -3.66 -20.27 -30.61
C THR F 656 -4.76 -19.58 -29.81
N GLY F 657 -4.76 -19.77 -28.50
CA GLY F 657 -5.72 -19.10 -27.64
C GLY F 657 -6.44 -20.03 -26.68
N TRP F 658 -6.52 -19.61 -25.41
CA TRP F 658 -7.18 -20.37 -24.36
C TRP F 658 -8.46 -19.65 -23.92
N GLY F 659 -9.50 -20.42 -23.67
CA GLY F 659 -10.78 -19.88 -23.26
C GLY F 659 -10.78 -19.50 -21.80
N ARG F 660 -11.99 -19.36 -21.25
CA ARG F 660 -12.16 -18.96 -19.86
C ARG F 660 -13.17 -19.82 -19.10
N LEU F 661 -13.61 -20.93 -19.69
CA LEU F 661 -14.61 -21.79 -19.05
C LEU F 661 -14.11 -23.23 -19.07
N SER F 662 -14.00 -23.84 -17.90
CA SER F 662 -13.60 -25.23 -17.80
C SER F 662 -14.68 -26.16 -18.34
N ARG F 663 -14.24 -27.32 -18.84
CA ARG F 663 -15.18 -28.29 -19.40
C ARG F 663 -16.18 -28.74 -18.33
N LYS F 664 -15.70 -28.99 -17.12
CA LYS F 664 -16.61 -29.33 -16.02
C LYS F 664 -17.72 -28.30 -15.90
N LEU F 665 -17.34 -27.02 -15.85
CA LEU F 665 -18.34 -25.97 -15.70
C LEU F 665 -19.31 -25.95 -16.86
N ILE F 666 -18.80 -26.12 -18.09
CA ILE F 666 -19.67 -25.99 -19.25
C ILE F 666 -20.65 -27.16 -19.35
N ASN F 667 -20.16 -28.39 -19.16
CA ASN F 667 -20.96 -29.57 -19.49
C ASN F 667 -21.03 -30.64 -18.40
N GLY F 668 -20.07 -30.72 -17.49
CA GLY F 668 -20.03 -31.85 -16.57
C GLY F 668 -21.09 -31.77 -15.49
N ILE F 669 -21.19 -30.64 -14.80
CA ILE F 669 -22.14 -30.50 -13.71
C ILE F 669 -23.56 -30.57 -14.26
N ARG F 670 -24.44 -31.25 -13.53
CA ARG F 670 -25.83 -31.41 -13.92
C ARG F 670 -26.74 -31.00 -12.77
N ASP F 671 -27.91 -30.47 -13.13
CA ASP F 671 -28.89 -30.11 -12.12
C ASP F 671 -29.43 -31.37 -11.45
N LYS F 672 -29.62 -31.28 -10.13
CA LYS F 672 -30.10 -32.44 -9.39
C LYS F 672 -31.52 -32.81 -9.80
N GLN F 673 -32.36 -31.81 -10.10
CA GLN F 673 -33.76 -32.07 -10.37
C GLN F 673 -33.93 -32.92 -11.63
N SER F 674 -33.25 -32.54 -12.72
CA SER F 674 -33.44 -33.19 -14.00
C SER F 674 -32.15 -33.69 -14.63
N GLY F 675 -31.01 -33.51 -13.98
CA GLY F 675 -29.75 -34.00 -14.54
C GLY F 675 -29.42 -33.39 -15.88
N LYS F 676 -29.60 -32.08 -16.01
CA LYS F 676 -29.33 -31.36 -17.25
C LYS F 676 -28.13 -30.44 -17.07
N THR F 677 -27.27 -30.42 -18.08
CA THR F 677 -26.08 -29.57 -18.06
C THR F 677 -26.42 -28.17 -18.55
N ILE F 678 -25.45 -27.27 -18.40
CA ILE F 678 -25.64 -25.90 -18.86
C ILE F 678 -25.91 -25.89 -20.36
N LEU F 679 -25.18 -26.70 -21.11
CA LEU F 679 -25.41 -26.79 -22.55
C LEU F 679 -26.81 -27.32 -22.85
N ASP F 680 -27.27 -28.30 -22.06
CA ASP F 680 -28.60 -28.84 -22.29
C ASP F 680 -29.68 -27.79 -22.03
N PHE F 681 -29.55 -27.03 -20.95
CA PHE F 681 -30.51 -25.96 -20.69
C PHE F 681 -30.47 -24.92 -21.82
N LEU F 682 -29.27 -24.55 -22.26
CA LEU F 682 -29.16 -23.57 -23.33
C LEU F 682 -29.81 -24.08 -24.61
N LYS F 683 -29.64 -25.37 -24.90
CA LYS F 683 -30.33 -25.94 -26.06
C LYS F 683 -31.84 -25.87 -25.90
N SER F 684 -32.35 -26.21 -24.71
CA SER F 684 -33.78 -26.18 -24.47
C SER F 684 -34.04 -26.18 -22.97
N ASP F 685 -34.62 -25.10 -22.45
CA ASP F 685 -35.03 -25.00 -21.06
C ASP F 685 -36.46 -24.48 -21.05
N GLY F 686 -37.42 -25.40 -21.18
CA GLY F 686 -38.82 -25.00 -21.19
C GLY F 686 -39.07 -23.97 -22.26
N PHE F 687 -39.60 -22.80 -21.84
CA PHE F 687 -39.79 -21.68 -22.75
C PHE F 687 -39.32 -20.36 -22.12
N ALA F 688 -38.51 -20.43 -21.06
CA ALA F 688 -38.02 -19.21 -20.42
C ALA F 688 -36.83 -18.63 -21.16
N ASN F 689 -35.99 -19.48 -21.76
CA ASN F 689 -34.84 -19.04 -22.53
C ASN F 689 -33.92 -18.14 -21.69
N ARG F 690 -33.39 -18.73 -20.62
CA ARG F 690 -32.45 -18.05 -19.74
C ARG F 690 -31.03 -18.21 -20.28
N ASN F 691 -30.20 -17.21 -20.03
CA ASN F 691 -28.83 -17.22 -20.49
C ASN F 691 -27.92 -17.77 -19.38
N PHE F 692 -26.61 -17.69 -19.59
CA PHE F 692 -25.67 -18.33 -18.68
C PHE F 692 -25.70 -17.67 -17.29
N MET F 693 -25.67 -16.34 -17.25
CA MET F 693 -25.68 -15.65 -15.96
C MET F 693 -26.97 -15.94 -15.20
N GLN F 694 -28.10 -15.90 -15.88
CA GLN F 694 -29.37 -16.23 -15.24
C GLN F 694 -29.37 -17.67 -14.74
N LEU F 695 -28.84 -18.59 -15.54
CA LEU F 695 -28.80 -19.99 -15.14
C LEU F 695 -27.97 -20.18 -13.87
N ILE F 696 -26.80 -19.53 -13.81
CA ILE F 696 -25.94 -19.72 -12.65
C ILE F 696 -26.43 -18.95 -11.43
N HIS F 697 -27.21 -17.89 -11.62
CA HIS F 697 -27.72 -17.11 -10.52
C HIS F 697 -29.11 -17.53 -10.07
N ASP F 698 -29.77 -18.43 -10.78
CA ASP F 698 -31.11 -18.85 -10.40
C ASP F 698 -31.06 -19.61 -9.08
N ASP F 699 -31.94 -19.24 -8.15
CA ASP F 699 -31.97 -19.91 -6.86
C ASP F 699 -32.66 -21.26 -6.94
N SER F 700 -33.67 -21.40 -7.81
CA SER F 700 -34.39 -22.66 -7.91
C SER F 700 -33.48 -23.79 -8.34
N LEU F 701 -32.64 -23.54 -9.35
CA LEU F 701 -31.70 -24.56 -9.79
C LEU F 701 -30.55 -24.68 -8.80
N THR F 702 -29.85 -25.80 -8.89
CA THR F 702 -28.75 -26.09 -7.97
C THR F 702 -27.40 -25.58 -8.45
N PHE F 703 -27.35 -24.95 -9.64
CA PHE F 703 -26.08 -24.49 -10.18
C PHE F 703 -25.45 -23.47 -9.23
N LYS F 704 -26.23 -22.48 -8.79
CA LYS F 704 -25.69 -21.45 -7.93
C LYS F 704 -25.04 -22.06 -6.70
N GLU F 705 -25.85 -22.74 -5.88
CA GLU F 705 -25.35 -23.34 -4.65
C GLU F 705 -24.12 -24.20 -4.91
N ASP F 706 -24.21 -25.13 -5.87
CA ASP F 706 -23.10 -26.04 -6.11
C ASP F 706 -21.82 -25.25 -6.41
N ILE F 707 -21.90 -24.27 -7.32
CA ILE F 707 -20.73 -23.46 -7.63
C ILE F 707 -20.20 -22.79 -6.36
N GLN F 708 -21.09 -22.15 -5.60
CA GLN F 708 -20.64 -21.42 -4.42
C GLN F 708 -19.88 -22.33 -3.46
N LYS F 709 -20.45 -23.49 -3.13
CA LYS F 709 -19.79 -24.40 -2.20
C LYS F 709 -18.38 -24.74 -2.68
N ALA F 710 -18.26 -25.19 -3.94
CA ALA F 710 -16.95 -25.55 -4.47
C ALA F 710 -15.96 -24.39 -4.33
N GLN F 711 -16.36 -23.19 -4.77
CA GLN F 711 -15.48 -22.03 -4.69
C GLN F 711 -15.00 -21.81 -3.27
N VAL F 712 -15.94 -21.48 -2.37
CA VAL F 712 -15.57 -21.11 -1.00
C VAL F 712 -14.71 -22.20 -0.38
N SER F 713 -15.12 -23.45 -0.53
CA SER F 713 -14.38 -24.56 0.07
C SER F 713 -12.94 -24.56 -0.39
N GLY F 714 -12.72 -24.54 -1.71
CA GLY F 714 -11.37 -24.56 -2.24
C GLY F 714 -10.64 -23.24 -2.14
N GLN F 715 -11.33 -22.16 -1.77
CA GLN F 715 -10.71 -20.83 -1.67
C GLN F 715 -10.20 -20.64 -0.26
N GLY F 716 -8.92 -20.96 -0.06
CA GLY F 716 -8.25 -20.68 1.20
C GLY F 716 -6.85 -20.17 0.94
N ASP F 717 -6.40 -19.17 1.70
CA ASP F 717 -5.09 -18.58 1.49
C ASP F 717 -4.77 -17.70 2.69
N SER F 718 -3.56 -17.14 2.68
CA SER F 718 -3.11 -16.20 3.69
C SER F 718 -2.99 -14.81 3.08
N LEU F 719 -2.92 -13.80 3.95
CA LEU F 719 -2.88 -12.42 3.47
C LEU F 719 -1.68 -12.20 2.55
N HIS F 720 -0.49 -12.57 3.02
CA HIS F 720 0.71 -12.36 2.21
C HIS F 720 0.60 -13.09 0.87
N GLU F 721 0.16 -14.34 0.91
CA GLU F 721 0.04 -15.12 -0.32
C GLU F 721 -0.89 -14.44 -1.31
N HIS F 722 -2.07 -14.01 -0.83
CA HIS F 722 -3.03 -13.36 -1.72
C HIS F 722 -2.46 -12.06 -2.30
N ILE F 723 -1.86 -11.24 -1.46
CA ILE F 723 -1.30 -9.97 -1.92
C ILE F 723 -0.27 -10.23 -3.01
N ALA F 724 0.60 -11.22 -2.80
CA ALA F 724 1.60 -11.52 -3.81
C ALA F 724 0.95 -12.08 -5.07
N ASN F 725 -0.12 -12.87 -4.90
CA ASN F 725 -0.80 -13.44 -6.06
C ASN F 725 -1.45 -12.38 -6.93
N LEU F 726 -1.82 -11.24 -6.35
CA LEU F 726 -2.41 -10.18 -7.16
C LEU F 726 -1.44 -9.77 -8.27
N ALA F 727 -1.99 -9.13 -9.30
CA ALA F 727 -1.23 -8.69 -10.45
C ALA F 727 -0.85 -7.23 -10.30
N GLY F 728 0.44 -6.94 -10.41
CA GLY F 728 0.92 -5.58 -10.28
C GLY F 728 2.41 -5.58 -10.03
N SER F 729 2.92 -4.39 -9.72
CA SER F 729 4.35 -4.26 -9.44
C SER F 729 4.66 -4.71 -8.03
N PRO F 730 5.83 -5.31 -7.81
CA PRO F 730 6.19 -5.71 -6.43
C PRO F 730 6.24 -4.56 -5.45
N ALA F 731 6.64 -3.37 -5.88
CA ALA F 731 6.63 -2.23 -4.95
C ALA F 731 5.22 -1.93 -4.49
N ILE F 732 4.26 -1.94 -5.40
CA ILE F 732 2.88 -1.69 -5.03
C ILE F 732 2.35 -2.81 -4.14
N LYS F 733 2.71 -4.05 -4.42
CA LYS F 733 2.26 -5.14 -3.56
C LYS F 733 2.81 -4.99 -2.15
N LYS F 734 4.07 -4.59 -2.03
CA LYS F 734 4.65 -4.34 -0.71
C LYS F 734 3.90 -3.22 0.01
N GLY F 735 3.60 -2.14 -0.72
CA GLY F 735 2.84 -1.06 -0.11
C GLY F 735 1.47 -1.52 0.37
N ILE F 736 0.81 -2.38 -0.40
CA ILE F 736 -0.51 -2.85 -0.01
C ILE F 736 -0.41 -3.69 1.26
N LEU F 737 0.58 -4.57 1.35
CA LEU F 737 0.73 -5.37 2.56
C LEU F 737 1.00 -4.48 3.77
N GLN F 738 1.87 -3.50 3.63
CA GLN F 738 2.15 -2.59 4.74
C GLN F 738 0.88 -1.84 5.15
N THR F 739 0.08 -1.42 4.17
CA THR F 739 -1.15 -0.71 4.48
C THR F 739 -2.11 -1.59 5.27
N VAL F 740 -2.25 -2.86 4.88
CA VAL F 740 -3.13 -3.76 5.62
C VAL F 740 -2.65 -3.90 7.06
N LYS F 741 -1.34 -4.07 7.24
CA LYS F 741 -0.84 -4.25 8.60
C LYS F 741 -1.05 -3.00 9.45
N VAL F 742 -0.82 -1.81 8.88
CA VAL F 742 -1.03 -0.61 9.68
C VAL F 742 -2.50 -0.43 9.99
N VAL F 743 -3.39 -0.83 9.09
CA VAL F 743 -4.82 -0.76 9.40
C VAL F 743 -5.14 -1.66 10.58
N ASP F 744 -4.59 -2.88 10.58
CA ASP F 744 -4.87 -3.78 11.69
C ASP F 744 -4.36 -3.20 13.01
N GLU F 745 -3.16 -2.62 13.00
CA GLU F 745 -2.66 -2.06 14.25
C GLU F 745 -3.48 -0.88 14.71
N LEU F 746 -3.85 0.02 13.78
CA LEU F 746 -4.66 1.17 14.18
C LEU F 746 -5.97 0.72 14.78
N VAL F 747 -6.56 -0.35 14.26
CA VAL F 747 -7.79 -0.87 14.84
C VAL F 747 -7.54 -1.36 16.25
N LYS F 748 -6.48 -2.15 16.44
CA LYS F 748 -6.10 -2.57 17.79
C LYS F 748 -5.96 -1.37 18.71
N VAL F 749 -5.27 -0.33 18.24
CA VAL F 749 -4.99 0.84 19.07
C VAL F 749 -6.31 1.47 19.52
N MET F 750 -7.23 1.68 18.59
CA MET F 750 -8.45 2.40 18.92
C MET F 750 -9.48 1.50 19.59
N GLY F 751 -9.08 0.82 20.67
CA GLY F 751 -10.02 0.07 21.46
C GLY F 751 -10.65 -1.10 20.76
N ARG F 752 -10.02 -1.62 19.71
CA ARG F 752 -10.54 -2.78 18.99
C ARG F 752 -11.89 -2.50 18.34
N HIS F 753 -12.16 -1.23 18.04
CA HIS F 753 -13.39 -0.84 17.37
C HIS F 753 -13.12 -0.48 15.92
N LYS F 754 -13.96 -0.98 15.03
CA LYS F 754 -13.74 -0.76 13.61
C LYS F 754 -14.11 0.66 13.21
N PRO F 755 -13.38 1.28 12.30
CA PRO F 755 -13.69 2.65 11.91
C PRO F 755 -14.96 2.71 11.09
N GLU F 756 -15.57 3.90 11.06
CA GLU F 756 -16.76 4.09 10.25
C GLU F 756 -16.40 4.20 8.77
N ASN F 757 -15.28 4.85 8.46
CA ASN F 757 -14.87 5.07 7.08
C ASN F 757 -13.38 4.82 6.93
N ILE F 758 -13.00 4.31 5.77
CA ILE F 758 -11.61 4.15 5.39
C ILE F 758 -11.45 4.76 4.01
N VAL F 759 -10.54 5.73 3.89
CA VAL F 759 -10.32 6.45 2.64
C VAL F 759 -8.89 6.17 2.20
N ILE F 760 -8.73 5.74 0.95
CA ILE F 760 -7.42 5.34 0.43
C ILE F 760 -7.14 6.12 -0.85
N GLU F 761 -5.86 6.21 -1.19
CA GLU F 761 -5.45 6.77 -2.47
C GLU F 761 -4.04 6.26 -2.77
N MET F 762 -3.77 6.01 -4.05
CA MET F 762 -2.47 5.50 -4.48
C MET F 762 -1.95 6.36 -5.62
N ALA F 763 -0.65 6.63 -5.58
CA ALA F 763 -0.02 7.42 -6.63
C ALA F 763 0.11 6.60 -7.91
N ARG F 764 0.11 7.30 -9.04
CA ARG F 764 0.19 6.60 -10.33
C ARG F 764 1.52 5.89 -10.49
N GLU F 765 2.63 6.53 -10.12
CA GLU F 765 3.94 5.90 -10.22
C GLU F 765 4.96 6.63 -9.35
N ASN F 775 16.83 4.00 -20.12
CA ASN F 775 15.84 4.40 -21.13
C ASN F 775 16.52 5.08 -22.31
N SER F 776 17.70 5.66 -22.07
CA SER F 776 18.42 6.34 -23.13
C SER F 776 18.84 5.35 -24.22
N ARG F 777 19.31 4.17 -23.82
CA ARG F 777 19.68 3.16 -24.80
C ARG F 777 18.47 2.68 -25.59
N GLU F 778 17.32 2.54 -24.92
CA GLU F 778 16.11 2.17 -25.63
C GLU F 778 15.73 3.23 -26.64
N ARG F 779 15.84 4.51 -26.27
CA ARG F 779 15.57 5.58 -27.22
C ARG F 779 16.53 5.52 -28.39
N MET F 780 17.81 5.25 -28.12
CA MET F 780 18.80 5.17 -29.19
C MET F 780 18.46 4.04 -30.16
N LYS F 781 18.13 2.87 -29.65
CA LYS F 781 17.81 1.76 -30.54
C LYS F 781 16.52 2.03 -31.31
N ARG F 782 15.53 2.65 -30.66
CA ARG F 782 14.28 2.93 -31.34
C ARG F 782 14.49 3.94 -32.46
N ILE F 783 15.26 4.99 -32.21
CA ILE F 783 15.51 5.99 -33.25
C ILE F 783 16.34 5.40 -34.37
N GLU F 784 17.31 4.54 -34.03
CA GLU F 784 18.11 3.89 -35.07
C GLU F 784 17.22 3.03 -35.96
N GLU F 785 16.33 2.24 -35.36
CA GLU F 785 15.45 1.40 -36.14
C GLU F 785 14.52 2.24 -37.03
N GLY F 786 13.97 3.31 -36.47
CA GLY F 786 13.09 4.16 -37.27
C GLY F 786 13.80 4.81 -38.42
N ILE F 787 15.01 5.32 -38.18
CA ILE F 787 15.78 5.96 -39.25
C ILE F 787 16.11 4.94 -40.32
N LYS F 788 16.51 3.73 -39.93
CA LYS F 788 16.80 2.70 -40.92
C LYS F 788 15.55 2.36 -41.73
N GLU F 789 14.40 2.28 -41.07
CA GLU F 789 13.17 1.93 -41.76
C GLU F 789 12.78 3.01 -42.77
N LEU F 790 12.89 4.27 -42.38
CA LEU F 790 12.48 5.37 -43.24
C LEU F 790 13.53 5.75 -44.27
N GLY F 791 14.76 5.27 -44.14
CA GLY F 791 15.80 5.61 -45.07
C GLY F 791 16.36 7.01 -44.92
N SER F 792 16.02 7.71 -43.83
CA SER F 792 16.50 9.06 -43.61
C SER F 792 17.96 9.06 -43.17
N GLN F 793 18.56 10.25 -43.20
CA GLN F 793 19.97 10.42 -42.86
C GLN F 793 20.16 11.53 -41.84
N ILE F 794 19.13 11.83 -41.05
CA ILE F 794 19.25 12.90 -40.06
C ILE F 794 20.33 12.55 -39.04
N LEU F 795 20.36 11.30 -38.59
CA LEU F 795 21.41 10.88 -37.67
C LEU F 795 22.78 11.02 -38.31
N LYS F 796 22.88 10.67 -39.60
CA LYS F 796 24.14 10.85 -40.31
C LYS F 796 24.51 12.32 -40.45
N GLU F 797 23.50 13.20 -40.53
CA GLU F 797 23.79 14.63 -40.64
C GLU F 797 24.50 15.13 -39.38
N HIS F 798 24.04 14.68 -38.21
CA HIS F 798 24.65 15.08 -36.94
C HIS F 798 24.37 13.99 -35.93
N PRO F 799 25.32 13.08 -35.68
CA PRO F 799 25.10 12.04 -34.68
C PRO F 799 24.86 12.63 -33.30
N VAL F 800 24.03 11.94 -32.53
CA VAL F 800 23.63 12.38 -31.18
C VAL F 800 23.88 11.23 -30.22
N GLU F 801 24.51 11.55 -29.09
CA GLU F 801 24.76 10.55 -28.06
C GLU F 801 23.52 10.33 -27.21
N ASN F 802 23.54 9.23 -26.45
CA ASN F 802 22.37 8.87 -25.63
C ASN F 802 22.09 9.92 -24.57
N THR F 803 23.14 10.43 -23.92
CA THR F 803 22.92 11.41 -22.86
C THR F 803 22.25 12.67 -23.41
N GLN F 804 22.68 13.12 -24.58
CA GLN F 804 22.01 14.26 -25.22
C GLN F 804 20.60 13.90 -25.61
N LEU F 805 20.38 12.67 -26.12
CA LEU F 805 19.05 12.25 -26.52
C LEU F 805 18.11 12.12 -25.33
N GLN F 806 18.65 12.07 -24.10
CA GLN F 806 17.78 12.03 -22.94
C GLN F 806 16.92 13.28 -22.81
N ASN F 807 17.33 14.38 -23.44
CA ASN F 807 16.55 15.60 -23.39
C ASN F 807 15.23 15.42 -24.13
N GLU F 808 14.16 15.92 -23.52
CA GLU F 808 12.82 15.75 -24.11
C GLU F 808 12.71 16.47 -25.44
N LYS F 809 13.20 17.71 -25.51
CA LYS F 809 13.10 18.48 -26.74
C LYS F 809 13.88 17.83 -27.87
N LEU F 810 15.12 17.40 -27.57
CA LEU F 810 15.93 16.74 -28.60
C LEU F 810 15.29 15.43 -29.04
N TYR F 811 14.75 14.67 -28.09
CA TYR F 811 14.10 13.41 -28.45
C TYR F 811 12.91 13.65 -29.36
N LEU F 812 12.10 14.66 -29.05
CA LEU F 812 10.95 14.96 -29.91
C LEU F 812 11.42 15.40 -31.29
N TYR F 813 12.45 16.26 -31.35
CA TYR F 813 12.96 16.72 -32.63
C TYR F 813 13.45 15.54 -33.47
N TYR F 814 14.15 14.61 -32.85
CA TYR F 814 14.70 13.48 -33.58
C TYR F 814 13.60 12.53 -34.03
N LEU F 815 12.60 12.29 -33.17
CA LEU F 815 11.51 11.40 -33.55
C LEU F 815 10.70 11.99 -34.70
N GLN F 816 10.50 13.30 -34.69
CA GLN F 816 9.78 13.94 -35.78
C GLN F 816 10.61 14.06 -37.05
N ASN F 817 11.81 13.49 -37.11
CA ASN F 817 12.67 13.59 -38.29
C ASN F 817 13.02 15.04 -38.61
N GLY F 818 13.03 15.89 -37.59
CA GLY F 818 13.40 17.28 -37.79
C GLY F 818 12.39 18.09 -38.58
N ARG F 819 11.13 17.68 -38.58
CA ARG F 819 10.08 18.39 -39.30
C ARG F 819 8.90 18.65 -38.39
N ASP F 820 8.19 19.74 -38.66
CA ASP F 820 7.04 20.10 -37.85
C ASP F 820 5.92 19.08 -38.01
N MET F 821 5.23 18.80 -36.90
CA MET F 821 4.14 17.84 -36.92
C MET F 821 2.89 18.38 -37.58
N TYR F 822 2.78 19.70 -37.74
CA TYR F 822 1.57 20.32 -38.25
C TYR F 822 1.76 21.00 -39.60
N VAL F 823 2.98 21.39 -39.96
CA VAL F 823 3.26 22.00 -41.25
C VAL F 823 4.42 21.24 -41.88
N ASP F 824 4.48 21.31 -43.22
CA ASP F 824 5.51 20.58 -43.97
C ASP F 824 6.76 21.45 -44.09
N GLN F 825 7.40 21.64 -42.94
CA GLN F 825 8.63 22.43 -42.85
C GLN F 825 9.65 21.66 -42.02
N GLU F 826 10.91 22.05 -42.16
CA GLU F 826 12.02 21.42 -41.45
C GLU F 826 12.49 22.35 -40.35
N LEU F 827 12.59 21.82 -39.13
CA LEU F 827 13.12 22.57 -38.01
C LEU F 827 14.63 22.36 -37.90
N ASP F 828 15.28 23.26 -37.17
CA ASP F 828 16.73 23.24 -37.01
C ASP F 828 17.08 22.83 -35.59
N ILE F 829 18.02 21.88 -35.47
CA ILE F 829 18.47 21.44 -34.15
C ILE F 829 19.13 22.59 -33.41
N ASN F 830 19.96 23.37 -34.10
CA ASN F 830 20.68 24.45 -33.44
C ASN F 830 19.74 25.54 -32.94
N ARG F 831 18.60 25.72 -33.60
CA ARG F 831 17.61 26.70 -33.19
C ARG F 831 16.60 26.14 -32.20
N LEU F 832 16.96 25.08 -31.47
CA LEU F 832 16.06 24.50 -30.48
C LEU F 832 15.96 25.44 -29.28
N SER F 833 15.21 24.99 -28.27
CA SER F 833 14.94 25.78 -27.07
C SER F 833 14.24 27.10 -27.42
N ASP F 834 13.58 27.15 -28.57
CA ASP F 834 12.84 28.34 -29.00
C ASP F 834 11.42 28.05 -29.44
N TYR F 835 11.07 26.80 -29.71
CA TYR F 835 9.74 26.42 -30.14
C TYR F 835 8.92 25.97 -28.94
N ASP F 836 7.73 25.40 -29.21
CA ASP F 836 6.82 24.98 -28.18
C ASP F 836 6.44 23.52 -28.38
N VAL F 837 6.16 22.84 -27.27
CA VAL F 837 5.73 21.45 -27.28
C VAL F 837 4.23 21.43 -27.00
N ASP F 838 3.47 20.82 -27.90
CA ASP F 838 2.01 20.80 -27.82
C ASP F 838 1.53 19.36 -27.66
N ALA F 839 0.71 19.12 -26.64
CA ALA F 839 0.07 17.84 -26.48
C ALA F 839 -0.99 17.64 -27.55
N ILE F 840 -1.17 16.39 -27.98
CA ILE F 840 -2.20 16.10 -28.98
C ILE F 840 -3.58 16.38 -28.39
N VAL F 841 -3.82 15.93 -27.16
CA VAL F 841 -5.08 16.19 -26.47
C VAL F 841 -4.83 17.30 -25.46
N PRO F 842 -5.74 18.27 -25.31
CA PRO F 842 -5.47 19.38 -24.39
C PRO F 842 -5.22 18.89 -22.97
N GLN F 843 -4.31 19.57 -22.27
CA GLN F 843 -3.98 19.19 -20.91
C GLN F 843 -5.16 19.35 -19.97
N SER F 844 -6.11 20.23 -20.30
CA SER F 844 -7.27 20.40 -19.44
C SER F 844 -8.11 19.13 -19.38
N PHE F 845 -8.26 18.44 -20.51
CA PHE F 845 -9.11 17.26 -20.54
C PHE F 845 -8.50 16.11 -19.76
N LEU F 846 -7.21 15.86 -19.97
CA LEU F 846 -6.50 14.81 -19.24
C LEU F 846 -5.09 15.30 -18.96
N LYS F 847 -4.42 14.60 -18.05
CA LYS F 847 -3.05 14.94 -17.65
C LYS F 847 -2.14 13.82 -18.12
N ASP F 848 -1.33 14.11 -19.13
CA ASP F 848 -0.40 13.13 -19.68
C ASP F 848 0.72 13.86 -20.38
N ASP F 849 1.94 13.70 -19.87
CA ASP F 849 3.12 14.37 -20.41
C ASP F 849 4.07 13.38 -21.09
N SER F 850 3.58 12.21 -21.48
CA SER F 850 4.40 11.20 -22.11
C SER F 850 4.70 11.57 -23.56
N ILE F 851 5.68 10.88 -24.13
CA ILE F 851 6.00 11.09 -25.54
C ILE F 851 4.83 10.65 -26.41
N ASP F 852 4.01 9.72 -25.92
CA ASP F 852 2.86 9.26 -26.69
C ASP F 852 1.86 10.38 -26.93
N ASN F 853 1.91 11.46 -26.14
CA ASN F 853 1.02 12.59 -26.29
C ASN F 853 1.71 13.90 -26.62
N LYS F 854 3.01 14.02 -26.36
CA LYS F 854 3.72 15.27 -26.60
C LYS F 854 4.21 15.35 -28.03
N VAL F 855 4.02 16.52 -28.65
CA VAL F 855 4.44 16.78 -30.01
C VAL F 855 5.15 18.13 -30.03
N LEU F 856 6.32 18.18 -30.65
CA LEU F 856 7.11 19.40 -30.76
C LEU F 856 6.88 20.05 -32.11
N THR F 857 6.50 21.33 -32.09
CA THR F 857 6.24 22.09 -33.31
C THR F 857 6.82 23.48 -33.17
N ARG F 858 7.07 24.11 -34.31
CA ARG F 858 7.62 25.46 -34.31
C ARG F 858 6.69 26.44 -33.61
N SER F 859 5.40 26.37 -33.92
CA SER F 859 4.39 27.21 -33.29
C SER F 859 3.21 26.35 -32.89
N ASP F 860 2.79 26.46 -31.63
CA ASP F 860 1.66 25.67 -31.14
C ASP F 860 0.33 26.15 -31.69
N LYS F 861 0.30 27.23 -32.47
CA LYS F 861 -0.93 27.76 -33.04
C LYS F 861 -1.23 27.18 -34.42
N ASN F 862 -0.79 25.94 -34.68
CA ASN F 862 -0.97 25.32 -36.00
C ASN F 862 -1.69 23.98 -35.89
N ARG F 863 -2.31 23.70 -34.75
CA ARG F 863 -3.13 22.50 -34.58
C ARG F 863 -4.58 22.74 -34.95
N GLY F 864 -4.87 23.79 -35.71
CA GLY F 864 -6.26 24.11 -36.01
C GLY F 864 -6.93 24.68 -34.78
N LYS F 865 -8.08 24.11 -34.43
CA LYS F 865 -8.77 24.50 -33.21
C LYS F 865 -7.83 24.40 -32.01
N SER F 866 -7.85 25.43 -31.17
CA SER F 866 -6.94 25.48 -30.03
C SER F 866 -7.27 24.44 -28.96
N ASP F 867 -8.46 23.83 -29.01
CA ASP F 867 -8.86 22.84 -28.03
C ASP F 867 -9.10 21.48 -28.67
N ASN F 868 -10.03 21.38 -29.61
CA ASN F 868 -10.34 20.08 -30.20
C ASN F 868 -9.11 19.48 -30.87
N VAL F 869 -9.21 18.21 -31.22
CA VAL F 869 -8.14 17.49 -31.90
C VAL F 869 -7.75 18.26 -33.16
N PRO F 870 -6.53 18.07 -33.66
CA PRO F 870 -6.07 18.82 -34.84
C PRO F 870 -7.06 18.93 -35.99
N SER F 871 -7.02 20.05 -36.71
CA SER F 871 -7.95 20.34 -37.79
C SER F 871 -7.88 19.30 -38.90
N GLU F 872 -9.00 19.13 -39.60
CA GLU F 872 -9.17 18.03 -40.54
C GLU F 872 -8.14 18.05 -41.67
N GLU F 873 -8.04 19.17 -42.39
CA GLU F 873 -7.17 19.24 -43.55
C GLU F 873 -5.70 18.98 -43.17
N VAL F 874 -5.20 19.71 -42.18
CA VAL F 874 -3.84 19.51 -41.72
C VAL F 874 -3.66 18.07 -41.29
N VAL F 875 -4.70 17.49 -40.69
CA VAL F 875 -4.63 16.11 -40.23
C VAL F 875 -4.50 15.18 -41.41
N LYS F 876 -5.23 15.42 -42.50
CA LYS F 876 -5.12 14.56 -43.68
C LYS F 876 -3.72 14.59 -44.27
N LYS F 877 -3.17 15.80 -44.47
CA LYS F 877 -1.83 15.87 -45.06
C LYS F 877 -0.81 15.22 -44.13
N MET F 878 -0.80 15.65 -42.87
CA MET F 878 0.13 15.01 -41.96
C MET F 878 -0.28 13.57 -41.69
N LYS F 879 -1.45 13.13 -42.15
CA LYS F 879 -1.88 11.75 -41.95
C LYS F 879 -1.18 10.85 -42.94
N ASN F 880 -1.08 11.28 -44.19
CA ASN F 880 -0.17 10.56 -45.08
C ASN F 880 1.24 10.57 -44.51
N TYR F 881 1.69 11.74 -44.03
CA TYR F 881 3.06 11.80 -43.49
C TYR F 881 3.22 10.91 -42.26
N TRP F 882 2.16 10.69 -41.50
CA TRP F 882 2.22 9.88 -40.29
C TRP F 882 1.99 8.41 -40.56
N ARG F 883 1.22 8.06 -41.59
CA ARG F 883 1.25 6.70 -42.08
C ARG F 883 2.68 6.33 -42.44
N GLN F 884 3.42 7.28 -43.02
CA GLN F 884 4.83 7.02 -43.29
C GLN F 884 5.61 6.84 -41.99
N LEU F 885 5.48 7.79 -41.06
CA LEU F 885 6.22 7.69 -39.80
C LEU F 885 5.83 6.44 -39.01
N LEU F 886 4.66 5.88 -39.26
CA LEU F 886 4.20 4.70 -38.55
C LEU F 886 4.78 3.44 -39.19
N ASN F 887 4.77 3.37 -40.52
CA ASN F 887 5.54 2.32 -41.18
C ASN F 887 6.99 2.38 -40.76
N ALA F 888 7.46 3.55 -40.32
CA ALA F 888 8.80 3.70 -39.78
C ALA F 888 8.88 3.37 -38.30
N LYS F 889 7.74 3.40 -37.59
CA LYS F 889 7.62 2.98 -36.19
C LYS F 889 8.12 4.04 -35.22
N LEU F 890 8.29 5.29 -35.66
CA LEU F 890 8.66 6.36 -34.74
C LEU F 890 7.49 6.80 -33.86
N ILE F 891 6.28 6.33 -34.13
CA ILE F 891 5.11 6.63 -33.31
C ILE F 891 4.31 5.36 -33.14
N THR F 892 3.44 5.36 -32.13
CA THR F 892 2.68 4.17 -31.76
C THR F 892 1.28 4.20 -32.39
N GLN F 893 0.61 3.06 -32.28
CA GLN F 893 -0.75 2.94 -32.80
C GLN F 893 -1.66 4.00 -32.18
N ARG F 894 -1.64 4.11 -30.85
CA ARG F 894 -2.52 5.06 -30.18
C ARG F 894 -2.18 6.49 -30.57
N LYS F 895 -0.88 6.81 -30.65
CA LYS F 895 -0.47 8.13 -31.06
C LYS F 895 -1.04 8.46 -32.44
N PHE F 896 -0.86 7.56 -33.40
CA PHE F 896 -1.40 7.78 -34.73
C PHE F 896 -2.91 7.98 -34.69
N ASP F 897 -3.61 7.13 -33.94
CA ASP F 897 -5.05 7.24 -33.86
C ASP F 897 -5.47 8.62 -33.36
N ASN F 898 -4.95 9.02 -32.19
CA ASN F 898 -5.28 10.34 -31.67
C ASN F 898 -4.99 11.42 -32.71
N LEU F 899 -3.83 11.35 -33.35
CA LEU F 899 -3.47 12.39 -34.31
C LEU F 899 -4.47 12.46 -35.45
N THR F 900 -4.92 11.32 -35.96
CA THR F 900 -5.84 11.27 -37.09
C THR F 900 -7.30 11.19 -36.68
N LYS F 901 -7.61 11.34 -35.40
CA LYS F 901 -8.97 11.18 -34.92
C LYS F 901 -9.93 12.10 -35.66
N ALA F 902 -9.59 13.39 -35.75
CA ALA F 902 -10.47 14.42 -36.27
C ALA F 902 -11.22 13.98 -37.54
N GLU F 903 -10.52 13.35 -38.48
CA GLU F 903 -11.15 12.99 -39.74
C GLU F 903 -12.42 12.17 -39.52
N ARG F 904 -12.32 11.09 -38.73
CA ARG F 904 -13.52 10.33 -38.40
C ARG F 904 -14.45 11.16 -37.53
N GLY F 905 -13.89 11.82 -36.52
CA GLY F 905 -14.67 12.68 -35.66
C GLY F 905 -13.76 13.36 -34.66
N GLY F 906 -14.25 14.49 -34.14
CA GLY F 906 -13.51 15.25 -33.15
C GLY F 906 -13.97 14.89 -31.75
N LEU F 907 -13.37 15.57 -30.78
CA LEU F 907 -13.80 15.39 -29.40
C LEU F 907 -15.25 15.81 -29.27
N SER F 908 -16.12 14.85 -28.99
CA SER F 908 -17.54 15.14 -28.80
C SER F 908 -17.78 15.60 -27.37
N GLU F 909 -18.99 16.13 -27.13
CA GLU F 909 -19.33 16.57 -25.78
C GLU F 909 -19.34 15.37 -24.83
N LEU F 910 -19.76 14.21 -25.31
CA LEU F 910 -19.66 13.00 -24.50
C LEU F 910 -18.22 12.69 -24.17
N ASP F 911 -17.32 12.86 -25.14
CA ASP F 911 -15.90 12.62 -24.87
C ASP F 911 -15.36 13.58 -23.82
N LYS F 912 -15.70 14.87 -23.93
CA LYS F 912 -15.29 15.83 -22.91
C LYS F 912 -15.79 15.38 -21.54
N ALA F 913 -17.06 14.99 -21.48
CA ALA F 913 -17.65 14.56 -20.22
C ALA F 913 -16.89 13.37 -19.64
N GLY F 914 -16.65 12.35 -20.46
CA GLY F 914 -15.90 11.19 -19.97
C GLY F 914 -14.53 11.57 -19.46
N PHE F 915 -13.80 12.37 -20.24
CA PHE F 915 -12.46 12.77 -19.84
C PHE F 915 -12.48 13.46 -18.47
N ILE F 916 -13.35 14.46 -18.31
CA ILE F 916 -13.38 15.18 -17.04
C ILE F 916 -13.84 14.25 -15.91
N LYS F 917 -14.77 13.34 -16.21
CA LYS F 917 -15.29 12.43 -15.20
C LYS F 917 -14.18 11.53 -14.65
N ARG F 918 -13.36 10.97 -15.53
CA ARG F 918 -12.30 10.08 -15.06
C ARG F 918 -11.32 10.81 -14.15
N GLN F 919 -11.03 12.08 -14.45
CA GLN F 919 -10.04 12.83 -13.68
C GLN F 919 -10.36 12.88 -12.19
N LEU F 920 -11.59 12.57 -11.79
CA LEU F 920 -11.99 12.61 -10.39
C LEU F 920 -12.45 11.27 -9.83
N VAL F 921 -12.50 10.21 -10.65
CA VAL F 921 -12.97 8.91 -10.21
C VAL F 921 -11.91 7.88 -10.54
N GLU F 922 -11.53 7.08 -9.54
CA GLU F 922 -10.54 6.02 -9.73
C GLU F 922 -11.21 4.77 -10.25
N THR F 923 -10.64 4.19 -11.31
CA THR F 923 -11.18 2.97 -11.92
C THR F 923 -10.11 1.90 -12.08
N ARG F 924 -8.97 2.02 -11.39
CA ARG F 924 -7.87 1.10 -11.59
C ARG F 924 -8.13 -0.21 -10.87
N GLN F 925 -7.81 -1.31 -11.54
CA GLN F 925 -8.05 -2.63 -10.97
C GLN F 925 -7.22 -2.84 -9.70
N ILE F 926 -6.04 -2.23 -9.63
CA ILE F 926 -5.22 -2.37 -8.43
C ILE F 926 -5.90 -1.73 -7.23
N THR F 927 -6.43 -0.52 -7.42
CA THR F 927 -7.15 0.13 -6.33
C THR F 927 -8.41 -0.63 -5.96
N LYS F 928 -9.12 -1.16 -6.96
CA LYS F 928 -10.30 -1.97 -6.65
C LYS F 928 -9.93 -3.20 -5.84
N HIS F 929 -8.82 -3.87 -6.19
CA HIS F 929 -8.39 -5.02 -5.42
C HIS F 929 -8.02 -4.65 -3.99
N VAL F 930 -7.30 -3.55 -3.81
CA VAL F 930 -6.94 -3.12 -2.46
C VAL F 930 -8.19 -2.84 -1.65
N ALA F 931 -9.15 -2.13 -2.24
CA ALA F 931 -10.38 -1.82 -1.53
C ALA F 931 -11.14 -3.10 -1.18
N GLN F 932 -11.19 -4.05 -2.10
CA GLN F 932 -11.91 -5.29 -1.84
C GLN F 932 -11.27 -6.07 -0.70
N ILE F 933 -9.93 -6.11 -0.68
CA ILE F 933 -9.24 -6.81 0.40
C ILE F 933 -9.56 -6.16 1.73
N LEU F 934 -9.48 -4.83 1.79
CA LEU F 934 -9.77 -4.14 3.04
C LEU F 934 -11.21 -4.38 3.47
N ASP F 935 -12.14 -4.35 2.52
CA ASP F 935 -13.55 -4.56 2.85
C ASP F 935 -13.77 -5.96 3.39
N SER F 936 -13.20 -6.97 2.74
CA SER F 936 -13.39 -8.34 3.22
C SER F 936 -12.80 -8.53 4.61
N ARG F 937 -11.63 -7.93 4.87
CA ARG F 937 -11.05 -8.07 6.19
C ARG F 937 -11.88 -7.35 7.25
N MET F 938 -12.32 -6.11 6.97
CA MET F 938 -12.98 -5.32 8.00
C MET F 938 -14.40 -5.81 8.27
N ASN F 939 -15.18 -6.04 7.22
CA ASN F 939 -16.58 -6.39 7.34
C ASN F 939 -16.76 -7.88 7.10
N THR F 940 -17.23 -8.59 8.12
CA THR F 940 -17.39 -10.04 8.02
C THR F 940 -18.69 -10.53 8.64
N LYS F 941 -19.62 -9.65 8.98
CA LYS F 941 -20.87 -10.03 9.62
C LYS F 941 -22.00 -9.98 8.61
N TYR F 942 -22.79 -11.03 8.56
CA TYR F 942 -23.89 -11.14 7.62
C TYR F 942 -25.22 -10.83 8.31
N ASP F 943 -26.30 -10.84 7.54
CA ASP F 943 -27.62 -10.48 8.01
C ASP F 943 -28.55 -11.69 7.91
N GLU F 944 -29.84 -11.45 8.16
CA GLU F 944 -30.81 -12.54 8.17
C GLU F 944 -30.88 -13.26 6.83
N ASN F 945 -30.57 -12.55 5.74
CA ASN F 945 -30.60 -13.13 4.40
C ASN F 945 -29.20 -13.45 3.89
N ASP F 946 -28.27 -13.75 4.79
CA ASP F 946 -26.91 -14.12 4.41
C ASP F 946 -26.27 -13.05 3.53
N LYS F 947 -26.52 -11.79 3.86
CA LYS F 947 -25.99 -10.65 3.13
C LYS F 947 -25.02 -9.90 4.04
N LEU F 948 -23.85 -9.57 3.50
CA LEU F 948 -22.82 -8.91 4.29
C LEU F 948 -23.29 -7.52 4.69
N ILE F 949 -23.12 -7.18 5.97
CA ILE F 949 -23.51 -5.88 6.50
C ILE F 949 -22.32 -4.94 6.38
N ARG F 950 -22.53 -3.80 5.72
CA ARG F 950 -21.45 -2.85 5.47
C ARG F 950 -21.21 -2.04 6.73
N GLU F 951 -20.56 -2.67 7.70
CA GLU F 951 -20.20 -1.97 8.93
C GLU F 951 -19.20 -0.86 8.64
N VAL F 952 -18.22 -1.10 7.78
CA VAL F 952 -17.20 -0.14 7.42
C VAL F 952 -17.25 0.09 5.93
N LYS F 953 -17.17 1.36 5.53
CA LYS F 953 -17.22 1.77 4.14
C LYS F 953 -15.82 2.14 3.65
N VAL F 954 -15.44 1.62 2.49
CA VAL F 954 -14.12 1.85 1.91
C VAL F 954 -14.28 2.84 0.76
N ILE F 955 -13.56 3.95 0.82
CA ILE F 955 -13.67 5.02 -0.17
C ILE F 955 -12.32 5.20 -0.85
N THR F 956 -12.36 5.37 -2.18
CA THR F 956 -11.16 5.54 -2.98
C THR F 956 -11.21 6.89 -3.67
N LEU F 957 -10.15 7.68 -3.52
CA LEU F 957 -10.05 9.00 -4.12
C LEU F 957 -8.80 9.09 -4.97
N LYS F 958 -8.83 10.00 -5.93
CA LYS F 958 -7.66 10.32 -6.73
C LYS F 958 -6.91 11.46 -6.08
N SER F 959 -5.62 11.57 -6.42
CA SER F 959 -4.80 12.61 -5.83
C SER F 959 -5.19 14.00 -6.31
N LYS F 960 -5.96 14.09 -7.40
CA LYS F 960 -6.33 15.40 -7.93
C LYS F 960 -7.17 16.18 -6.94
N LEU F 961 -8.10 15.50 -6.25
CA LEU F 961 -8.96 16.22 -5.31
C LEU F 961 -8.15 16.86 -4.21
N VAL F 962 -7.22 16.10 -3.61
CA VAL F 962 -6.44 16.63 -2.51
C VAL F 962 -5.49 17.72 -3.00
N SER F 963 -4.90 17.54 -4.19
CA SER F 963 -4.02 18.57 -4.72
C SER F 963 -4.79 19.86 -4.97
N ASP F 964 -5.99 19.76 -5.54
CA ASP F 964 -6.82 20.93 -5.77
C ASP F 964 -7.21 21.58 -4.45
N PHE F 965 -7.52 20.78 -3.44
CA PHE F 965 -7.83 21.33 -2.13
C PHE F 965 -6.66 22.13 -1.59
N ARG F 966 -5.46 21.57 -1.67
CA ARG F 966 -4.29 22.26 -1.15
C ARG F 966 -4.04 23.56 -1.89
N LYS F 967 -4.12 23.53 -3.22
CA LYS F 967 -3.89 24.76 -3.98
C LYS F 967 -4.96 25.80 -3.70
N ASP F 968 -6.21 25.37 -3.56
CA ASP F 968 -7.32 26.32 -3.44
C ASP F 968 -7.32 26.99 -2.07
N PHE F 969 -7.05 26.25 -1.00
CA PHE F 969 -7.20 26.78 0.35
C PHE F 969 -5.86 26.99 1.04
N GLN F 970 -4.80 27.23 0.28
CA GLN F 970 -3.49 27.60 0.83
C GLN F 970 -2.99 26.54 1.82
N PHE F 971 -2.84 25.32 1.32
CA PHE F 971 -2.22 24.25 2.09
C PHE F 971 -1.07 23.67 1.28
N TYR F 972 -0.21 24.55 0.76
CA TYR F 972 0.81 24.14 -0.20
C TYR F 972 1.74 23.10 0.43
N LYS F 973 2.15 22.14 -0.39
CA LYS F 973 3.00 21.04 0.03
C LYS F 973 4.36 21.16 -0.62
N VAL F 974 5.42 21.07 0.19
CA VAL F 974 6.79 21.01 -0.30
C VAL F 974 7.36 19.67 0.15
N ARG F 975 7.84 18.88 -0.82
CA ARG F 975 8.30 17.53 -0.53
C ARG F 975 9.72 17.48 0.02
N GLU F 976 10.47 18.56 -0.10
CA GLU F 976 11.88 18.56 0.29
C GLU F 976 12.10 18.98 1.73
N ILE F 977 11.06 19.41 2.44
CA ILE F 977 11.23 19.89 3.80
C ILE F 977 11.44 18.73 4.76
N ASN F 978 10.46 17.83 4.84
CA ASN F 978 10.54 16.67 5.71
C ASN F 978 9.60 15.61 5.15
N ASN F 979 9.38 14.56 5.93
CA ASN F 979 8.53 13.45 5.52
C ASN F 979 7.12 13.56 6.08
N TYR F 980 6.76 14.72 6.63
CA TYR F 980 5.43 14.90 7.18
C TYR F 980 4.37 14.96 6.09
N HIS F 981 4.74 15.16 4.83
CA HIS F 981 3.73 15.34 3.80
C HIS F 981 2.98 14.05 3.52
N HIS F 982 3.57 12.89 3.77
CA HIS F 982 2.83 11.65 3.63
C HIS F 982 1.67 11.60 4.62
N ALA F 983 1.95 11.91 5.89
CA ALA F 983 0.91 11.92 6.90
C ALA F 983 -0.13 12.99 6.60
N HIS F 984 0.32 14.16 6.14
CA HIS F 984 -0.62 15.22 5.81
C HIS F 984 -1.52 14.82 4.64
N ASP F 985 -0.96 14.14 3.64
CA ASP F 985 -1.77 13.67 2.52
C ASP F 985 -2.80 12.66 2.99
N ALA F 986 -2.40 11.74 3.88
CA ALA F 986 -3.38 10.79 4.41
C ALA F 986 -4.51 11.50 5.15
N TYR F 987 -4.15 12.47 6.00
CA TYR F 987 -5.17 13.20 6.75
C TYR F 987 -6.12 13.96 5.84
N LEU F 988 -5.56 14.66 4.86
CA LEU F 988 -6.40 15.39 3.91
C LEU F 988 -7.28 14.45 3.11
N ASN F 989 -6.74 13.27 2.76
CA ASN F 989 -7.55 12.29 2.05
C ASN F 989 -8.76 11.90 2.88
N ALA F 990 -8.55 11.61 4.16
CA ALA F 990 -9.68 11.25 5.01
C ALA F 990 -10.68 12.40 5.08
N VAL F 991 -10.19 13.63 5.27
CA VAL F 991 -11.09 14.76 5.42
C VAL F 991 -11.93 14.95 4.18
N VAL F 992 -11.29 14.94 3.01
CA VAL F 992 -12.01 15.19 1.77
C VAL F 992 -13.00 14.07 1.49
N GLY F 993 -12.59 12.82 1.70
CA GLY F 993 -13.50 11.72 1.44
C GLY F 993 -14.72 11.75 2.34
N THR F 994 -14.51 11.99 3.63
CA THR F 994 -15.62 12.06 4.55
C THR F 994 -16.56 13.21 4.18
N ALA F 995 -16.00 14.38 3.89
CA ALA F 995 -16.83 15.53 3.54
C ALA F 995 -17.63 15.26 2.27
N LEU F 996 -17.01 14.63 1.27
CA LEU F 996 -17.72 14.35 0.02
C LEU F 996 -18.86 13.38 0.26
N ILE F 997 -18.60 12.28 0.99
CA ILE F 997 -19.68 11.32 1.17
C ILE F 997 -20.78 11.87 2.05
N LYS F 998 -20.46 12.81 2.94
CA LYS F 998 -21.51 13.42 3.74
C LYS F 998 -22.32 14.41 2.92
N LYS F 999 -21.67 15.17 2.05
CA LYS F 999 -22.39 16.19 1.29
C LYS F 999 -23.24 15.55 0.20
N TYR F 1000 -22.70 14.57 -0.52
CA TYR F 1000 -23.41 13.90 -1.62
C TYR F 1000 -23.50 12.41 -1.31
N PRO F 1001 -24.57 11.96 -0.65
CA PRO F 1001 -24.75 10.52 -0.43
C PRO F 1001 -25.11 9.74 -1.70
N LYS F 1002 -25.43 10.43 -2.79
CA LYS F 1002 -25.78 9.73 -4.04
C LYS F 1002 -24.56 9.25 -4.81
N LEU F 1003 -23.36 9.71 -4.47
CA LEU F 1003 -22.15 9.34 -5.19
C LEU F 1003 -21.41 8.18 -4.53
N GLU F 1004 -22.00 7.55 -3.53
CA GLU F 1004 -21.33 6.43 -2.88
C GLU F 1004 -21.14 5.27 -3.85
N SER F 1005 -22.02 5.16 -4.86
CA SER F 1005 -21.93 4.02 -5.79
C SER F 1005 -20.61 4.05 -6.56
N GLU F 1006 -20.19 5.22 -7.03
CA GLU F 1006 -18.97 5.34 -7.81
C GLU F 1006 -17.73 5.63 -6.97
N PHE F 1007 -17.90 5.84 -5.66
CA PHE F 1007 -16.77 6.08 -4.76
C PHE F 1007 -16.61 4.93 -3.76
N VAL F 1008 -17.66 4.63 -3.00
CA VAL F 1008 -17.56 3.59 -1.99
C VAL F 1008 -17.54 2.22 -2.65
N TYR F 1009 -16.64 1.36 -2.20
CA TYR F 1009 -16.65 -0.02 -2.66
C TYR F 1009 -17.94 -0.70 -2.22
N GLY F 1010 -18.61 -1.34 -3.16
CA GLY F 1010 -19.89 -1.99 -2.89
C GLY F 1010 -20.46 -2.67 -4.11
N LYS F 1030 -28.40 15.30 -21.50
CA LYS F 1030 -28.01 14.63 -20.27
C LYS F 1030 -26.52 14.83 -20.01
N ALA F 1031 -25.72 14.79 -21.09
CA ALA F 1031 -24.29 14.98 -20.95
C ALA F 1031 -23.96 16.37 -20.41
N THR F 1032 -24.65 17.39 -20.90
CA THR F 1032 -24.40 18.75 -20.42
C THR F 1032 -24.72 18.86 -18.93
N ALA F 1033 -25.83 18.25 -18.50
CA ALA F 1033 -26.17 18.28 -17.07
C ALA F 1033 -25.09 17.58 -16.25
N LYS F 1034 -24.52 16.51 -16.78
CA LYS F 1034 -23.46 15.81 -16.06
C LYS F 1034 -22.18 16.62 -16.00
N TYR F 1035 -21.92 17.45 -17.03
CA TYR F 1035 -20.66 18.18 -17.10
C TYR F 1035 -20.50 19.13 -15.92
N PHE F 1036 -21.45 20.05 -15.75
CA PHE F 1036 -21.31 21.06 -14.70
C PHE F 1036 -21.38 20.44 -13.32
N PHE F 1037 -22.04 19.30 -13.17
CA PHE F 1037 -22.15 18.67 -11.86
C PHE F 1037 -20.81 18.15 -11.38
N TYR F 1038 -20.13 17.36 -12.22
CA TYR F 1038 -18.82 16.84 -11.82
C TYR F 1038 -17.77 17.93 -11.78
N SER F 1039 -17.90 18.95 -12.63
CA SER F 1039 -16.93 20.03 -12.63
C SER F 1039 -16.97 20.81 -11.32
N ASN F 1040 -18.16 20.96 -10.74
CA ASN F 1040 -18.36 21.71 -9.51
C ASN F 1040 -18.72 20.79 -8.35
N ILE F 1041 -18.10 19.61 -8.29
CA ILE F 1041 -18.39 18.69 -7.20
C ILE F 1041 -17.73 19.13 -5.91
N MET F 1042 -16.61 19.85 -6.00
CA MET F 1042 -15.88 20.32 -4.84
C MET F 1042 -16.10 21.80 -4.57
N ASN F 1043 -17.22 22.36 -5.02
CA ASN F 1043 -17.47 23.78 -4.85
C ASN F 1043 -17.94 24.12 -3.44
N PHE F 1044 -18.58 23.18 -2.75
CA PHE F 1044 -19.15 23.50 -1.45
C PHE F 1044 -18.09 23.79 -0.39
N PHE F 1045 -16.82 23.49 -0.66
CA PHE F 1045 -15.77 23.93 0.24
C PHE F 1045 -15.51 25.42 0.09
N LYS F 1046 -15.67 25.95 -1.12
CA LYS F 1046 -15.34 27.34 -1.40
C LYS F 1046 -16.40 28.26 -0.78
N THR F 1047 -15.98 29.52 -0.56
CA THR F 1047 -16.84 30.52 0.08
C THR F 1047 -17.53 31.42 -0.93
N GLU F 1048 -16.75 32.11 -1.77
CA GLU F 1048 -17.28 33.03 -2.77
C GLU F 1048 -17.07 32.43 -4.15
N ILE F 1049 -18.15 32.02 -4.79
CA ILE F 1049 -18.07 31.46 -6.14
C ILE F 1049 -18.98 32.25 -7.07
N ILE F 1056 -21.17 37.08 -8.46
CA ILE F 1056 -20.35 36.30 -7.53
C ILE F 1056 -21.23 35.72 -6.44
N ARG F 1057 -21.43 34.41 -6.48
CA ARG F 1057 -22.26 33.74 -5.49
C ARG F 1057 -21.56 33.69 -4.14
N LYS F 1058 -22.34 33.85 -3.08
CA LYS F 1058 -21.85 33.78 -1.70
C LYS F 1058 -22.55 32.60 -1.03
N ARG F 1059 -21.85 31.47 -0.96
CA ARG F 1059 -22.43 30.28 -0.34
C ARG F 1059 -22.52 30.47 1.17
N PRO F 1060 -23.49 29.82 1.82
CA PRO F 1060 -23.63 29.99 3.28
C PRO F 1060 -22.38 29.54 4.02
N LEU F 1061 -22.14 30.17 5.17
CA LEU F 1061 -21.04 29.78 6.02
C LEU F 1061 -21.12 28.29 6.36
N ILE F 1062 -22.18 27.89 7.04
CA ILE F 1062 -22.41 26.49 7.31
C ILE F 1062 -22.81 25.77 6.01
N GLU F 1063 -22.52 24.48 5.95
CA GLU F 1063 -22.92 23.63 4.83
C GLU F 1063 -23.71 22.46 5.39
N THR F 1064 -24.97 22.34 4.99
CA THR F 1064 -25.79 21.21 5.41
C THR F 1064 -25.68 20.09 4.38
N ASN F 1065 -26.22 18.93 4.75
CA ASN F 1065 -26.20 17.78 3.84
C ASN F 1065 -26.95 18.09 2.55
N GLY F 1066 -27.91 19.01 2.60
CA GLY F 1066 -28.75 19.35 1.48
C GLY F 1066 -30.12 18.70 1.54
N GLU F 1067 -30.22 17.54 2.20
CA GLU F 1067 -31.49 16.89 2.45
C GLU F 1067 -31.75 16.75 3.95
N THR F 1068 -30.84 16.11 4.68
CA THR F 1068 -30.93 16.05 6.13
C THR F 1068 -30.28 17.29 6.73
N GLY F 1069 -30.30 17.39 8.06
CA GLY F 1069 -29.71 18.51 8.75
C GLY F 1069 -28.25 18.37 9.11
N GLU F 1070 -27.60 17.29 8.69
CA GLU F 1070 -26.21 17.06 9.05
C GLU F 1070 -25.31 18.15 8.49
N ILE F 1071 -24.51 18.76 9.38
CA ILE F 1071 -23.54 19.77 8.99
C ILE F 1071 -22.29 19.07 8.47
N VAL F 1072 -21.86 19.43 7.26
CA VAL F 1072 -20.74 18.75 6.62
C VAL F 1072 -19.48 19.59 6.65
N TRP F 1073 -19.62 20.91 6.66
CA TRP F 1073 -18.44 21.76 6.59
C TRP F 1073 -18.79 23.16 7.10
N ASP F 1074 -18.30 23.49 8.29
CA ASP F 1074 -18.46 24.82 8.87
C ASP F 1074 -17.19 25.60 8.52
N LYS F 1075 -17.26 26.43 7.48
CA LYS F 1075 -16.09 27.17 7.05
C LYS F 1075 -15.51 28.03 8.17
N GLY F 1076 -16.31 28.40 9.15
CA GLY F 1076 -15.82 29.27 10.21
C GLY F 1076 -14.68 28.66 10.99
N ARG F 1077 -14.73 27.35 11.22
CA ARG F 1077 -13.76 26.69 12.09
C ARG F 1077 -12.99 25.56 11.42
N ASP F 1078 -13.64 24.75 10.58
CA ASP F 1078 -12.98 23.57 10.03
C ASP F 1078 -11.65 23.91 9.35
N PHE F 1079 -11.54 25.08 8.73
CA PHE F 1079 -10.26 25.45 8.14
C PHE F 1079 -9.22 25.71 9.23
N ALA F 1080 -9.63 26.37 10.31
CA ALA F 1080 -8.72 26.53 11.45
C ALA F 1080 -8.28 25.18 11.98
N THR F 1081 -9.20 24.22 12.05
CA THR F 1081 -8.86 22.88 12.52
C THR F 1081 -7.84 22.22 11.60
N VAL F 1082 -8.06 22.32 10.29
CA VAL F 1082 -7.11 21.71 9.35
C VAL F 1082 -5.74 22.36 9.49
N ARG F 1083 -5.71 23.68 9.62
CA ARG F 1083 -4.44 24.37 9.78
C ARG F 1083 -3.73 23.94 11.05
N LYS F 1084 -4.48 23.77 12.14
CA LYS F 1084 -3.86 23.32 13.38
C LYS F 1084 -3.32 21.90 13.25
N VAL F 1085 -4.07 21.01 12.62
CA VAL F 1085 -3.62 19.63 12.48
C VAL F 1085 -2.38 19.56 11.60
N LEU F 1086 -2.36 20.31 10.50
CA LEU F 1086 -1.20 20.28 9.62
C LEU F 1086 0.02 20.93 10.25
N SER F 1087 -0.13 21.63 11.37
CA SER F 1087 0.97 22.33 12.01
C SER F 1087 1.44 21.65 13.28
N MET F 1088 0.97 20.44 13.56
CA MET F 1088 1.42 19.73 14.75
C MET F 1088 2.88 19.32 14.59
N PRO F 1089 3.77 19.63 15.55
CA PRO F 1089 5.18 19.30 15.38
C PRO F 1089 5.52 17.85 15.67
N GLN F 1090 4.56 17.02 16.04
CA GLN F 1090 4.80 15.62 16.37
C GLN F 1090 4.04 14.75 15.38
N VAL F 1091 4.78 14.03 14.54
CA VAL F 1091 4.20 13.09 13.59
C VAL F 1091 5.05 11.83 13.63
N ASN F 1092 4.39 10.67 13.75
CA ASN F 1092 5.09 9.40 13.94
C ASN F 1092 5.64 8.90 12.61
N ILE F 1093 6.88 9.24 12.33
CA ILE F 1093 7.59 8.76 11.14
C ILE F 1093 8.45 7.56 11.56
N VAL F 1094 8.19 6.41 10.94
CA VAL F 1094 8.87 5.17 11.27
C VAL F 1094 9.41 4.54 9.99
N LYS F 1095 10.70 4.22 9.97
CA LYS F 1095 11.32 3.59 8.82
C LYS F 1095 11.51 2.11 9.12
N LYS F 1096 10.93 1.26 8.27
CA LYS F 1096 10.86 -0.17 8.55
C LYS F 1096 12.25 -0.78 8.51
N THR F 1097 12.64 -1.44 9.61
CA THR F 1097 13.91 -2.13 9.68
C THR F 1097 13.85 -3.42 8.86
N GLU F 1098 14.86 -3.65 8.04
CA GLU F 1098 14.91 -4.83 7.18
C GLU F 1098 16.28 -5.48 7.26
N VAL F 1099 16.29 -6.80 7.27
CA VAL F 1099 17.52 -7.58 7.22
C VAL F 1099 17.97 -7.65 5.77
N GLN F 1100 19.18 -7.16 5.49
CA GLN F 1100 19.66 -7.08 4.13
C GLN F 1100 19.88 -8.48 3.56
N THR F 1101 19.45 -8.68 2.31
CA THR F 1101 19.60 -9.95 1.62
C THR F 1101 20.02 -9.68 0.18
N GLY F 1102 20.66 -10.68 -0.43
CA GLY F 1102 21.03 -10.60 -1.82
C GLY F 1102 22.41 -11.15 -2.12
N GLY F 1103 23.16 -10.47 -2.99
CA GLY F 1103 24.47 -10.95 -3.33
C GLY F 1103 25.42 -10.90 -2.16
N PHE F 1104 26.38 -11.82 -2.15
CA PHE F 1104 27.34 -11.87 -1.05
C PHE F 1104 28.16 -10.60 -0.98
N SER F 1105 28.61 -10.11 -2.14
CA SER F 1105 29.48 -8.94 -2.20
C SER F 1105 29.47 -8.40 -3.61
N LYS F 1106 30.35 -7.44 -3.89
CA LYS F 1106 30.50 -6.94 -5.25
C LYS F 1106 31.07 -8.03 -6.14
N GLU F 1107 30.50 -8.15 -7.34
CA GLU F 1107 30.85 -9.25 -8.24
C GLU F 1107 32.20 -9.04 -8.93
N SER F 1108 32.79 -7.85 -8.83
CA SER F 1108 34.10 -7.63 -9.44
C SER F 1108 35.15 -8.46 -8.74
N ILE F 1109 36.07 -9.02 -9.52
CA ILE F 1109 37.17 -9.82 -8.99
C ILE F 1109 38.43 -8.96 -9.06
N LEU F 1110 38.98 -8.63 -7.90
CA LEU F 1110 40.14 -7.77 -7.83
C LEU F 1110 41.42 -8.58 -7.96
N PRO F 1111 42.52 -7.95 -8.40
CA PRO F 1111 43.79 -8.66 -8.47
C PRO F 1111 44.37 -8.93 -7.08
N LYS F 1112 45.42 -9.74 -7.06
CA LYS F 1112 46.05 -10.12 -5.81
C LYS F 1112 46.63 -8.90 -5.12
N ARG F 1113 46.43 -8.82 -3.81
CA ARG F 1113 47.06 -7.77 -3.01
C ARG F 1113 47.11 -8.24 -1.57
N ASN F 1114 48.01 -7.63 -0.80
CA ASN F 1114 48.20 -7.96 0.60
C ASN F 1114 47.19 -7.20 1.44
N SER F 1115 46.04 -7.83 1.67
CA SER F 1115 44.99 -7.22 2.47
C SER F 1115 44.10 -8.33 3.01
N ASP F 1116 43.43 -8.04 4.13
CA ASP F 1116 42.52 -8.99 4.74
C ASP F 1116 41.09 -8.82 4.29
N LYS F 1117 40.79 -7.78 3.51
CA LYS F 1117 39.42 -7.56 3.07
C LYS F 1117 39.01 -8.47 1.92
N LEU F 1118 39.98 -9.01 1.18
CA LEU F 1118 39.65 -9.86 0.04
C LEU F 1118 39.02 -11.16 0.51
N ILE F 1119 38.12 -11.69 -0.31
CA ILE F 1119 37.43 -12.95 -0.03
C ILE F 1119 37.86 -13.96 -1.08
N ALA F 1120 38.26 -15.14 -0.64
CA ALA F 1120 38.69 -16.18 -1.57
C ALA F 1120 37.52 -16.58 -2.47
N ARG F 1121 37.83 -16.80 -3.75
CA ARG F 1121 36.80 -17.21 -4.69
C ARG F 1121 36.54 -18.70 -4.65
N LYS F 1122 37.54 -19.48 -4.23
CA LYS F 1122 37.36 -20.89 -3.95
C LYS F 1122 38.08 -21.20 -2.65
N LYS F 1123 37.86 -22.41 -2.14
CA LYS F 1123 38.31 -22.72 -0.78
C LYS F 1123 39.82 -22.61 -0.66
N ASP F 1124 40.56 -23.12 -1.64
CA ASP F 1124 42.02 -23.21 -1.56
C ASP F 1124 42.73 -22.13 -2.35
N TRP F 1125 42.02 -21.18 -2.95
CA TRP F 1125 42.64 -20.08 -3.69
C TRP F 1125 42.85 -18.92 -2.73
N ASP F 1126 43.98 -18.94 -2.04
CA ASP F 1126 44.29 -17.88 -1.10
C ASP F 1126 44.20 -16.52 -1.78
N PRO F 1127 43.42 -15.58 -1.24
CA PRO F 1127 43.28 -14.28 -1.92
C PRO F 1127 44.61 -13.56 -2.13
N LYS F 1128 45.55 -13.69 -1.19
CA LYS F 1128 46.80 -12.95 -1.31
C LYS F 1128 47.63 -13.40 -2.50
N LYS F 1129 47.29 -14.52 -3.12
CA LYS F 1129 47.97 -14.98 -4.32
C LYS F 1129 47.06 -15.12 -5.53
N TYR F 1130 45.74 -15.14 -5.36
CA TYR F 1130 44.82 -15.36 -6.46
C TYR F 1130 43.77 -14.27 -6.64
N GLY F 1131 43.77 -13.22 -5.82
CA GLY F 1131 42.72 -12.22 -5.89
C GLY F 1131 41.44 -12.73 -5.25
N GLY F 1132 40.42 -11.88 -5.29
CA GLY F 1132 39.14 -12.27 -4.75
C GLY F 1132 38.20 -11.09 -4.68
N PHE F 1133 37.02 -11.35 -4.13
CA PHE F 1133 35.99 -10.32 -4.00
C PHE F 1133 36.29 -9.43 -2.80
N ASP F 1134 35.45 -8.42 -2.60
CA ASP F 1134 35.56 -7.53 -1.45
C ASP F 1134 34.23 -6.80 -1.29
N SER F 1135 34.13 -6.00 -0.24
CA SER F 1135 32.92 -5.24 0.03
C SER F 1135 31.73 -6.16 0.21
N PRO F 1136 31.72 -6.97 1.27
CA PRO F 1136 30.57 -7.85 1.51
C PRO F 1136 29.42 -7.08 2.15
N THR F 1137 28.21 -7.43 1.72
CA THR F 1137 27.01 -6.81 2.26
C THR F 1137 26.69 -7.42 3.62
N VAL F 1138 26.47 -6.56 4.61
CA VAL F 1138 26.16 -7.03 5.97
C VAL F 1138 24.69 -7.37 6.05
N ALA F 1139 24.37 -8.55 6.60
CA ALA F 1139 22.99 -8.95 6.77
C ALA F 1139 22.35 -8.23 7.94
N TYR F 1140 22.91 -8.39 9.14
CA TYR F 1140 22.44 -7.67 10.32
C TYR F 1140 23.58 -7.58 11.31
N SER F 1141 23.69 -6.44 11.98
CA SER F 1141 24.72 -6.26 13.00
C SER F 1141 24.31 -6.98 14.28
N VAL F 1142 25.31 -7.44 15.03
CA VAL F 1142 25.11 -8.16 16.27
C VAL F 1142 25.94 -7.49 17.35
N LEU F 1143 25.31 -7.19 18.48
CA LEU F 1143 26.00 -6.60 19.61
C LEU F 1143 26.58 -7.71 20.47
N VAL F 1144 27.90 -7.71 20.62
CA VAL F 1144 28.60 -8.74 21.39
C VAL F 1144 29.36 -8.05 22.52
N VAL F 1145 29.16 -8.57 23.74
CA VAL F 1145 29.90 -8.11 24.91
C VAL F 1145 30.78 -9.28 25.36
N ALA F 1146 32.08 -9.14 25.17
CA ALA F 1146 33.01 -10.21 25.50
C ALA F 1146 34.37 -9.61 25.79
N LYS F 1147 35.40 -10.44 25.81
CA LYS F 1147 36.77 -10.02 26.08
C LYS F 1147 37.68 -10.48 24.96
N VAL F 1148 38.59 -9.60 24.56
CA VAL F 1148 39.57 -9.89 23.51
C VAL F 1148 40.96 -9.81 24.10
N GLU F 1149 41.92 -10.37 23.37
CA GLU F 1149 43.32 -10.36 23.78
C GLU F 1149 44.04 -9.25 23.03
N LYS F 1150 44.62 -8.31 23.78
CA LYS F 1150 45.36 -7.19 23.22
C LYS F 1150 46.74 -7.13 23.86
N GLY F 1151 47.74 -6.84 23.03
CA GLY F 1151 49.11 -6.73 23.51
C GLY F 1151 49.80 -8.06 23.63
N LYS F 1152 51.11 -8.00 23.84
CA LYS F 1152 51.90 -9.22 23.98
C LYS F 1152 51.55 -9.98 25.25
N SER F 1153 51.01 -9.29 26.26
CA SER F 1153 50.61 -9.97 27.49
C SER F 1153 49.39 -10.86 27.29
N LYS F 1154 48.66 -10.68 26.20
CA LYS F 1154 47.47 -11.47 25.92
C LYS F 1154 46.47 -11.38 27.06
N LYS F 1155 46.39 -10.20 27.67
CA LYS F 1155 45.42 -10.00 28.74
C LYS F 1155 44.01 -9.81 28.16
N LEU F 1156 43.01 -10.06 29.00
CA LEU F 1156 41.62 -9.97 28.59
C LEU F 1156 41.09 -8.59 28.95
N LYS F 1157 40.87 -7.75 27.95
CA LYS F 1157 40.30 -6.42 28.14
C LYS F 1157 38.82 -6.48 27.78
N SER F 1158 37.97 -6.07 28.71
CA SER F 1158 36.53 -6.06 28.44
C SER F 1158 36.23 -5.09 27.31
N VAL F 1159 35.49 -5.56 26.31
CA VAL F 1159 35.15 -4.76 25.13
C VAL F 1159 33.70 -5.04 24.78
N LYS F 1160 32.98 -3.97 24.41
CA LYS F 1160 31.63 -4.06 23.86
C LYS F 1160 31.64 -3.39 22.50
N GLU F 1161 31.24 -4.13 21.47
CA GLU F 1161 31.40 -3.65 20.10
C GLU F 1161 30.34 -4.26 19.20
N LEU F 1162 30.18 -3.66 18.02
CA LEU F 1162 29.23 -4.11 17.02
C LEU F 1162 29.93 -4.95 15.98
N LEU F 1163 29.34 -6.10 15.65
CA LEU F 1163 29.88 -7.02 14.66
C LEU F 1163 28.89 -7.16 13.51
N GLY F 1164 29.39 -7.07 12.28
CA GLY F 1164 28.55 -7.20 11.11
C GLY F 1164 28.56 -8.61 10.54
N ILE F 1165 27.42 -9.30 10.62
CA ILE F 1165 27.30 -10.66 10.09
C ILE F 1165 26.97 -10.56 8.61
N THR F 1166 27.95 -10.84 7.76
CA THR F 1166 27.74 -10.71 6.32
C THR F 1166 26.78 -11.78 5.82
N ILE F 1167 26.30 -11.59 4.61
CA ILE F 1167 25.29 -12.50 4.07
C ILE F 1167 25.87 -13.89 3.88
N MET F 1168 27.14 -13.99 3.51
CA MET F 1168 27.74 -15.29 3.27
C MET F 1168 27.80 -16.11 4.55
N GLU F 1169 28.17 -15.48 5.66
CA GLU F 1169 28.40 -16.19 6.92
C GLU F 1169 27.20 -16.17 7.84
N ARG F 1170 26.03 -15.73 7.35
CA ARG F 1170 24.87 -15.64 8.21
C ARG F 1170 24.43 -17.02 8.70
N SER F 1171 24.40 -18.01 7.79
CA SER F 1171 24.00 -19.35 8.21
C SER F 1171 24.99 -19.95 9.21
N SER F 1172 26.28 -19.73 8.97
CA SER F 1172 27.29 -20.24 9.89
C SER F 1172 27.15 -19.59 11.26
N PHE F 1173 26.91 -18.28 11.30
CA PHE F 1173 26.73 -17.62 12.59
C PHE F 1173 25.48 -18.12 13.30
N GLU F 1174 24.38 -18.28 12.56
CA GLU F 1174 23.14 -18.73 13.19
C GLU F 1174 23.27 -20.15 13.71
N LYS F 1175 24.04 -21.00 13.02
CA LYS F 1175 24.14 -22.39 13.44
C LYS F 1175 24.80 -22.51 14.81
N ASN F 1176 25.89 -21.78 15.04
CA ASN F 1176 26.57 -21.81 16.34
C ASN F 1176 27.23 -20.47 16.60
N PRO F 1177 26.47 -19.52 17.17
CA PRO F 1177 27.04 -18.19 17.42
C PRO F 1177 28.24 -18.24 18.35
N ILE F 1178 28.24 -19.14 19.33
CA ILE F 1178 29.34 -19.18 20.29
C ILE F 1178 30.66 -19.44 19.57
N ASP F 1179 30.70 -20.49 18.74
CA ASP F 1179 31.93 -20.81 18.02
C ASP F 1179 32.24 -19.75 16.96
N PHE F 1180 31.23 -19.23 16.27
CA PHE F 1180 31.52 -18.19 15.29
C PHE F 1180 32.21 -17.00 15.96
N LEU F 1181 31.69 -16.57 17.11
CA LEU F 1181 32.29 -15.42 17.78
C LEU F 1181 33.66 -15.77 18.33
N GLU F 1182 33.82 -16.98 18.87
CA GLU F 1182 35.12 -17.36 19.43
C GLU F 1182 36.19 -17.42 18.35
N ALA F 1183 35.82 -17.79 17.13
CA ALA F 1183 36.79 -17.82 16.05
C ALA F 1183 37.32 -16.43 15.73
N LYS F 1184 36.46 -15.41 15.80
CA LYS F 1184 36.88 -14.06 15.47
C LYS F 1184 37.83 -13.46 16.50
N GLY F 1185 37.94 -14.06 17.69
CA GLY F 1185 38.87 -13.61 18.71
C GLY F 1185 38.23 -13.30 20.05
N TYR F 1186 36.92 -13.12 20.10
CA TYR F 1186 36.25 -12.87 21.36
C TYR F 1186 36.20 -14.14 22.21
N LYS F 1187 36.29 -13.96 23.52
CA LYS F 1187 36.24 -15.07 24.46
C LYS F 1187 35.19 -14.79 25.53
N GLU F 1188 34.49 -15.83 25.95
CA GLU F 1188 33.49 -15.73 27.01
C GLU F 1188 32.41 -14.72 26.62
N VAL F 1189 31.72 -15.02 25.52
CA VAL F 1189 30.63 -14.17 25.06
C VAL F 1189 29.42 -14.46 25.93
N LYS F 1190 28.40 -13.61 25.85
CA LYS F 1190 27.18 -13.74 26.65
C LYS F 1190 25.99 -13.90 25.70
N LYS F 1191 25.41 -15.10 25.70
CA LYS F 1191 24.27 -15.35 24.82
C LYS F 1191 23.10 -14.43 25.17
N ASP F 1192 22.86 -14.20 26.45
CA ASP F 1192 21.78 -13.31 26.85
C ASP F 1192 22.03 -11.90 26.35
N LEU F 1193 23.28 -11.43 26.43
CA LEU F 1193 23.61 -10.07 26.05
C LEU F 1193 23.73 -9.89 24.54
N ILE F 1194 23.81 -10.97 23.77
CA ILE F 1194 23.85 -10.83 22.32
C ILE F 1194 22.52 -10.27 21.83
N ILE F 1195 22.59 -9.20 21.03
CA ILE F 1195 21.42 -8.51 20.52
C ILE F 1195 21.56 -8.39 19.01
N LYS F 1196 20.52 -8.82 18.28
CA LYS F 1196 20.51 -8.75 16.83
C LYS F 1196 19.94 -7.40 16.40
N LEU F 1197 20.68 -6.71 15.54
CA LEU F 1197 20.32 -5.36 15.10
C LEU F 1197 20.18 -5.31 13.59
N PRO F 1198 18.97 -5.32 13.04
CA PRO F 1198 18.84 -5.18 11.59
C PRO F 1198 19.14 -3.76 11.14
N LYS F 1199 19.06 -3.50 9.83
CA LYS F 1199 19.32 -2.15 9.33
C LYS F 1199 18.25 -1.18 9.80
N TYR F 1200 18.61 0.10 9.80
CA TYR F 1200 17.69 1.18 10.18
C TYR F 1200 17.22 1.02 11.62
N SER F 1201 18.12 0.64 12.51
CA SER F 1201 17.78 0.54 13.92
C SER F 1201 18.01 1.88 14.57
N LEU F 1202 17.08 2.29 15.42
CA LEU F 1202 17.05 3.63 15.97
C LEU F 1202 17.74 3.69 17.33
N PHE F 1203 18.31 4.85 17.62
CA PHE F 1203 18.99 5.09 18.89
C PHE F 1203 18.84 6.56 19.22
N GLU F 1204 18.57 6.87 20.48
CA GLU F 1204 18.47 8.26 20.93
C GLU F 1204 19.63 8.61 21.85
N LEU F 1205 20.14 9.83 21.69
CA LEU F 1205 21.27 10.32 22.46
C LEU F 1205 21.07 11.80 22.74
N GLU F 1206 21.85 12.33 23.66
CA GLU F 1206 21.97 13.77 23.84
C GLU F 1206 20.58 14.41 23.97
N ASN F 1207 20.38 15.58 23.36
CA ASN F 1207 19.13 16.33 23.49
C ASN F 1207 18.18 15.96 22.36
N GLY F 1208 17.75 14.71 22.37
CA GLY F 1208 16.81 14.25 21.37
C GLY F 1208 17.41 13.85 20.06
N ARG F 1209 18.74 13.78 19.96
CA ARG F 1209 19.38 13.32 18.74
C ARG F 1209 19.10 11.84 18.53
N LYS F 1210 18.75 11.47 17.29
CA LYS F 1210 18.47 10.09 16.94
C LYS F 1210 19.25 9.70 15.71
N ARG F 1211 19.81 8.49 15.72
CA ARG F 1211 20.60 7.98 14.62
C ARG F 1211 20.12 6.59 14.25
N MET F 1212 20.15 6.27 12.96
CA MET F 1212 19.78 4.96 12.47
C MET F 1212 21.02 4.18 12.04
N LEU F 1213 20.86 2.87 11.92
CA LEU F 1213 21.97 1.96 11.68
C LEU F 1213 22.01 1.58 10.20
N ALA F 1214 23.02 2.08 9.49
CA ALA F 1214 23.21 1.70 8.10
C ALA F 1214 23.97 0.38 8.00
N SER F 1215 24.96 0.19 8.86
CA SER F 1215 25.74 -1.04 8.91
C SER F 1215 26.47 -1.06 10.25
N ALA F 1216 27.38 -2.01 10.40
CA ALA F 1216 28.12 -2.13 11.65
C ALA F 1216 29.09 -0.97 11.87
N GLY F 1217 29.32 -0.14 10.87
CA GLY F 1217 30.31 0.93 11.01
C GLY F 1217 29.87 2.29 10.51
N GLU F 1218 28.58 2.47 10.26
CA GLU F 1218 28.07 3.75 9.75
C GLU F 1218 26.70 4.03 10.33
N LEU F 1219 26.40 5.32 10.48
CA LEU F 1219 25.13 5.78 11.04
C LEU F 1219 24.41 6.70 10.06
N GLN F 1220 23.09 6.67 10.11
CA GLN F 1220 22.23 7.55 9.32
C GLN F 1220 21.51 8.53 10.25
N LYS F 1221 21.07 9.64 9.66
CA LYS F 1221 20.26 10.59 10.40
C LYS F 1221 18.88 10.00 10.70
N GLY F 1222 18.26 10.47 11.77
CA GLY F 1222 16.97 9.95 12.15
C GLY F 1222 16.02 10.96 12.74
N ASN F 1223 16.19 12.24 12.40
CA ASN F 1223 15.37 13.31 12.94
C ASN F 1223 14.77 14.13 11.81
N GLU F 1224 13.57 14.67 12.07
CA GLU F 1224 12.82 15.45 11.12
C GLU F 1224 12.64 16.89 11.62
N LEU F 1225 12.76 17.84 10.70
CA LEU F 1225 12.62 19.25 11.03
C LEU F 1225 11.16 19.66 10.83
N ALA F 1226 10.54 20.20 11.87
CA ALA F 1226 9.14 20.61 11.81
C ALA F 1226 9.10 22.12 11.55
N LEU F 1227 9.29 22.48 10.30
CA LEU F 1227 9.25 23.89 9.93
C LEU F 1227 7.80 24.38 10.01
N PRO F 1228 7.59 25.63 10.44
CA PRO F 1228 6.22 26.15 10.51
C PRO F 1228 5.55 26.21 9.15
N SER F 1229 4.23 26.02 9.15
CA SER F 1229 3.49 26.06 7.90
C SER F 1229 3.58 27.44 7.26
N LYS F 1230 3.74 28.49 8.05
CA LYS F 1230 3.90 29.83 7.48
C LYS F 1230 5.17 29.89 6.62
N TYR F 1231 6.29 29.40 7.15
CA TYR F 1231 7.51 29.37 6.37
C TYR F 1231 7.38 28.44 5.17
N VAL F 1232 6.70 27.31 5.34
CA VAL F 1232 6.52 26.40 4.21
C VAL F 1232 5.78 27.11 3.09
N ASN F 1233 4.70 27.80 3.42
CA ASN F 1233 3.93 28.49 2.40
C ASN F 1233 4.74 29.60 1.75
N PHE F 1234 5.51 30.34 2.55
CA PHE F 1234 6.32 31.40 1.98
C PHE F 1234 7.35 30.84 1.00
N LEU F 1235 8.01 29.75 1.37
CA LEU F 1235 8.97 29.14 0.47
C LEU F 1235 8.31 28.67 -0.82
N TYR F 1236 7.15 28.02 -0.69
CA TYR F 1236 6.43 27.58 -1.89
C TYR F 1236 6.13 28.75 -2.81
N LEU F 1237 5.56 29.81 -2.25
CA LEU F 1237 5.15 30.94 -3.08
C LEU F 1237 6.35 31.67 -3.67
N ALA F 1238 7.46 31.74 -2.94
CA ALA F 1238 8.63 32.43 -3.46
C ALA F 1238 9.30 31.62 -4.57
N SER F 1239 9.34 30.29 -4.42
CA SER F 1239 9.96 29.47 -5.43
C SER F 1239 9.05 29.23 -6.64
N HIS F 1240 7.76 29.50 -6.52
CA HIS F 1240 6.83 29.32 -7.63
C HIS F 1240 6.79 27.86 -8.06
N TYR F 1241 6.49 26.99 -7.10
CA TYR F 1241 6.38 25.56 -7.39
C TYR F 1241 5.34 25.34 -8.48
N GLU F 1242 5.68 24.50 -9.44
CA GLU F 1242 4.82 24.22 -10.59
C GLU F 1242 4.47 25.52 -11.32
N LYS F 1243 5.43 26.43 -11.41
CA LYS F 1243 5.24 27.72 -12.06
C LYS F 1243 4.08 28.52 -11.48
N PRO F 1248 -4.87 36.67 -12.95
CA PRO F 1248 -3.94 37.81 -12.95
C PRO F 1248 -3.87 38.51 -11.61
N GLU F 1249 -5.04 38.87 -11.06
CA GLU F 1249 -5.07 39.52 -9.76
C GLU F 1249 -4.63 38.57 -8.65
N ASP F 1250 -4.95 37.29 -8.77
CA ASP F 1250 -4.49 36.31 -7.78
C ASP F 1250 -2.98 36.20 -7.80
N ASN F 1251 -2.38 36.17 -9.00
CA ASN F 1251 -0.93 36.16 -9.09
C ASN F 1251 -0.34 37.51 -8.70
N GLU F 1252 -1.10 38.59 -8.87
CA GLU F 1252 -0.60 39.90 -8.51
C GLU F 1252 -0.38 40.00 -7.01
N GLN F 1253 -1.27 39.41 -6.22
CA GLN F 1253 -1.15 39.49 -4.77
C GLN F 1253 -0.07 38.58 -4.21
N LYS F 1254 0.29 37.51 -4.92
CA LYS F 1254 1.30 36.59 -4.41
C LYS F 1254 2.67 37.25 -4.37
N GLN F 1255 3.05 37.94 -5.44
CA GLN F 1255 4.33 38.62 -5.47
C GLN F 1255 4.39 39.72 -4.44
N LEU F 1256 3.29 40.45 -4.25
CA LEU F 1256 3.26 41.47 -3.20
C LEU F 1256 3.42 40.84 -1.83
N PHE F 1257 2.76 39.70 -1.60
CA PHE F 1257 2.87 39.01 -0.33
C PHE F 1257 4.31 38.58 -0.07
N VAL F 1258 4.97 38.03 -1.09
CA VAL F 1258 6.36 37.61 -0.94
C VAL F 1258 7.25 38.81 -0.66
N GLU F 1259 7.04 39.90 -1.39
CA GLU F 1259 7.86 41.08 -1.18
C GLU F 1259 7.70 41.60 0.24
N GLN F 1260 6.47 41.60 0.76
CA GLN F 1260 6.25 42.02 2.13
C GLN F 1260 6.93 41.10 3.12
N HIS F 1261 6.89 39.80 2.87
CA HIS F 1261 7.49 38.81 3.77
C HIS F 1261 8.88 38.37 3.32
N LYS F 1262 9.62 39.26 2.67
CA LYS F 1262 11.00 38.94 2.29
C LYS F 1262 11.83 38.50 3.49
N HIS F 1263 11.49 38.98 4.68
CA HIS F 1263 12.31 38.74 5.87
C HIS F 1263 12.12 37.35 6.45
N TYR F 1264 11.42 36.45 5.76
CA TYR F 1264 11.29 35.08 6.25
C TYR F 1264 12.48 34.21 5.90
N LEU F 1265 13.27 34.58 4.90
CA LEU F 1265 14.41 33.75 4.53
C LEU F 1265 15.43 33.69 5.65
N ASP F 1266 15.68 34.81 6.32
CA ASP F 1266 16.61 34.80 7.43
C ASP F 1266 16.12 33.90 8.55
N GLU F 1267 14.82 33.94 8.85
CA GLU F 1267 14.29 33.08 9.89
C GLU F 1267 14.39 31.60 9.49
N ILE F 1268 14.17 31.30 8.21
CA ILE F 1268 14.31 29.91 7.76
C ILE F 1268 15.75 29.45 7.92
N ILE F 1269 16.70 30.30 7.56
CA ILE F 1269 18.11 29.96 7.72
C ILE F 1269 18.43 29.76 9.19
N GLU F 1270 17.88 30.61 10.05
CA GLU F 1270 18.13 30.47 11.49
C GLU F 1270 17.59 29.15 12.01
N GLN F 1271 16.38 28.76 11.57
CA GLN F 1271 15.81 27.49 11.99
C GLN F 1271 16.68 26.33 11.53
N ILE F 1272 17.14 26.36 10.27
CA ILE F 1272 18.00 25.30 9.79
C ILE F 1272 19.28 25.24 10.61
N SER F 1273 19.86 26.41 10.91
CA SER F 1273 21.11 26.44 11.65
C SER F 1273 20.95 25.86 13.05
N GLU F 1274 19.88 26.23 13.75
CA GLU F 1274 19.71 25.74 15.11
C GLU F 1274 19.38 24.23 15.11
N PHE F 1275 18.57 23.77 14.16
CA PHE F 1275 18.31 22.34 14.10
C PHE F 1275 19.58 21.55 13.81
N SER F 1276 20.41 22.04 12.89
CA SER F 1276 21.66 21.36 12.59
C SER F 1276 22.59 21.37 13.78
N LYS F 1277 22.64 22.49 14.52
CA LYS F 1277 23.48 22.55 15.70
C LYS F 1277 23.03 21.56 16.75
N ARG F 1278 21.71 21.38 16.90
CA ARG F 1278 21.20 20.49 17.93
C ARG F 1278 21.30 19.02 17.56
N VAL F 1279 21.15 18.68 16.27
CA VAL F 1279 20.98 17.28 15.90
C VAL F 1279 22.01 16.82 14.86
N ILE F 1280 22.07 17.52 13.72
CA ILE F 1280 22.90 17.05 12.61
C ILE F 1280 24.36 17.05 13.00
N LEU F 1281 24.81 18.10 13.68
CA LEU F 1281 26.19 18.19 14.16
C LEU F 1281 27.19 18.04 13.01
N ALA F 1282 26.98 18.82 11.95
CA ALA F 1282 27.91 18.93 10.84
C ALA F 1282 28.43 20.36 10.83
N ASP F 1283 29.48 20.62 11.60
CA ASP F 1283 29.92 21.99 11.83
C ASP F 1283 30.49 22.62 10.56
N ALA F 1284 31.38 21.91 9.87
CA ALA F 1284 32.00 22.48 8.68
C ALA F 1284 30.97 22.73 7.59
N ASN F 1285 30.07 21.77 7.38
CA ASN F 1285 29.02 21.96 6.38
C ASN F 1285 28.12 23.12 6.75
N LEU F 1286 27.79 23.26 8.03
CA LEU F 1286 26.97 24.39 8.45
C LEU F 1286 27.68 25.71 8.18
N ASP F 1287 28.98 25.77 8.47
CA ASP F 1287 29.72 27.00 8.22
C ASP F 1287 29.72 27.33 6.72
N LYS F 1288 29.94 26.33 5.88
CA LYS F 1288 29.91 26.58 4.44
C LYS F 1288 28.55 27.07 3.98
N VAL F 1289 27.48 26.44 4.48
CA VAL F 1289 26.13 26.83 4.08
C VAL F 1289 25.84 28.26 4.49
N LEU F 1290 26.20 28.62 5.73
CA LEU F 1290 25.95 29.97 6.20
C LEU F 1290 26.76 30.99 5.41
N SER F 1291 28.02 30.68 5.12
CA SER F 1291 28.84 31.59 4.34
C SER F 1291 28.26 31.78 2.94
N ALA F 1292 27.83 30.70 2.30
CA ALA F 1292 27.22 30.82 0.99
C ALA F 1292 25.97 31.67 1.04
N TYR F 1293 25.13 31.45 2.04
CA TYR F 1293 23.91 32.26 2.16
C TYR F 1293 24.24 33.72 2.34
N ASN F 1294 25.24 34.03 3.16
CA ASN F 1294 25.62 35.43 3.35
C ASN F 1294 26.13 36.04 2.05
N LYS F 1295 26.96 35.31 1.30
CA LYS F 1295 27.51 35.87 0.08
C LYS F 1295 26.48 36.00 -1.03
N HIS F 1296 25.41 35.21 -1.00
CA HIS F 1296 24.37 35.26 -2.02
C HIS F 1296 23.10 35.97 -1.52
N ARG F 1297 23.25 37.02 -0.73
CA ARG F 1297 22.08 37.70 -0.17
C ARG F 1297 21.46 38.69 -1.13
N ASP F 1298 22.17 39.10 -2.18
CA ASP F 1298 21.68 40.15 -3.07
C ASP F 1298 20.91 39.60 -4.28
N LYS F 1299 20.89 38.29 -4.47
CA LYS F 1299 20.22 37.71 -5.63
C LYS F 1299 18.70 37.80 -5.46
N PRO F 1300 17.95 37.62 -6.54
CA PRO F 1300 16.49 37.77 -6.46
C PRO F 1300 15.88 36.83 -5.44
N ILE F 1301 14.73 37.24 -4.90
CA ILE F 1301 14.06 36.44 -3.87
C ILE F 1301 13.62 35.10 -4.44
N ARG F 1302 13.16 35.09 -5.69
CA ARG F 1302 12.74 33.85 -6.32
C ARG F 1302 13.88 32.84 -6.35
N GLU F 1303 15.05 33.26 -6.85
CA GLU F 1303 16.20 32.37 -6.90
C GLU F 1303 16.64 31.98 -5.50
N GLN F 1304 16.62 32.94 -4.57
CA GLN F 1304 17.06 32.66 -3.20
C GLN F 1304 16.21 31.56 -2.57
N ALA F 1305 14.89 31.66 -2.73
CA ALA F 1305 14.02 30.63 -2.17
C ALA F 1305 14.23 29.30 -2.88
N GLU F 1306 14.37 29.34 -4.20
CA GLU F 1306 14.58 28.10 -4.94
C GLU F 1306 15.86 27.39 -4.49
N ASN F 1307 16.89 28.16 -4.13
CA ASN F 1307 18.14 27.57 -3.65
C ASN F 1307 18.08 27.19 -2.19
N ILE F 1308 17.26 27.87 -1.39
CA ILE F 1308 17.10 27.50 0.01
C ILE F 1308 16.34 26.19 0.11
N ILE F 1309 15.47 25.89 -0.86
CA ILE F 1309 14.82 24.59 -0.85
C ILE F 1309 15.85 23.46 -0.83
N HIS F 1310 16.99 23.68 -1.48
CA HIS F 1310 18.03 22.65 -1.52
C HIS F 1310 18.69 22.46 -0.16
N LEU F 1311 18.77 23.52 0.65
CA LEU F 1311 19.54 23.44 1.88
C LEU F 1311 18.96 22.43 2.86
N PHE F 1312 17.69 22.05 2.70
CA PHE F 1312 17.10 21.10 3.64
C PHE F 1312 17.67 19.70 3.50
N THR F 1313 18.47 19.45 2.44
CA THR F 1313 19.16 18.17 2.35
C THR F 1313 20.16 18.01 3.48
N LEU F 1314 20.67 19.11 4.04
CA LEU F 1314 21.57 19.02 5.18
C LEU F 1314 20.88 18.41 6.39
N THR F 1315 19.64 18.82 6.65
CA THR F 1315 18.87 18.35 7.80
C THR F 1315 17.70 17.53 7.26
N ASN F 1316 17.94 16.25 7.02
CA ASN F 1316 16.94 15.35 6.47
C ASN F 1316 17.02 14.02 7.21
N LEU F 1317 16.10 13.12 6.88
CA LEU F 1317 16.06 11.80 7.47
C LEU F 1317 16.59 10.79 6.46
N GLY F 1318 17.56 9.98 6.88
CA GLY F 1318 18.16 9.01 6.01
C GLY F 1318 19.65 9.21 5.85
N ALA F 1319 20.24 8.66 4.80
CA ALA F 1319 21.67 8.76 4.62
C ALA F 1319 22.07 10.18 4.21
N PRO F 1320 23.26 10.63 4.59
CA PRO F 1320 23.73 11.93 4.11
C PRO F 1320 23.84 11.95 2.59
N ALA F 1321 23.65 13.14 2.03
CA ALA F 1321 23.69 13.31 0.58
C ALA F 1321 24.20 14.71 0.27
N ALA F 1322 24.75 14.86 -0.93
CA ALA F 1322 25.36 16.11 -1.34
C ALA F 1322 24.33 16.99 -2.04
N PHE F 1323 24.32 18.27 -1.69
CA PHE F 1323 23.41 19.23 -2.28
C PHE F 1323 24.19 20.40 -2.85
N LYS F 1324 23.49 21.43 -3.34
CA LYS F 1324 24.13 22.57 -3.96
C LYS F 1324 23.36 23.84 -3.63
N TYR F 1325 24.07 24.90 -3.30
CA TYR F 1325 23.49 26.21 -3.02
C TYR F 1325 24.10 27.21 -3.99
N PHE F 1326 23.35 27.55 -5.04
CA PHE F 1326 23.85 28.43 -6.10
C PHE F 1326 25.10 27.76 -6.65
N ASP F 1327 26.25 28.44 -6.72
CA ASP F 1327 27.45 27.82 -7.26
C ASP F 1327 28.10 26.88 -6.26
N THR F 1328 28.06 27.22 -4.97
CA THR F 1328 28.74 26.41 -3.96
C THR F 1328 28.10 25.04 -3.84
N THR F 1329 28.94 24.02 -3.73
CA THR F 1329 28.50 22.65 -3.54
C THR F 1329 28.98 22.14 -2.19
N ILE F 1330 28.14 21.34 -1.53
CA ILE F 1330 28.44 20.79 -0.21
C ILE F 1330 28.38 19.28 -0.32
N ASP F 1331 29.46 18.62 0.09
CA ASP F 1331 29.58 17.17 -0.03
C ASP F 1331 28.94 16.49 1.17
N ARG F 1332 29.00 15.16 1.18
CA ARG F 1332 28.41 14.41 2.27
C ARG F 1332 29.23 14.56 3.54
N LYS F 1333 28.53 14.56 4.67
CA LYS F 1333 29.15 14.44 5.98
C LYS F 1333 28.64 13.12 6.55
N ARG F 1334 29.49 12.10 6.53
CA ARG F 1334 29.11 10.76 6.91
C ARG F 1334 29.54 10.49 8.34
N TYR F 1335 28.76 9.67 9.04
CA TYR F 1335 29.05 9.28 10.41
C TYR F 1335 29.59 7.86 10.38
N THR F 1336 30.89 7.74 10.15
CA THR F 1336 31.55 6.45 9.98
C THR F 1336 31.94 5.81 11.31
N SER F 1337 31.35 6.25 12.42
CA SER F 1337 31.65 5.72 13.73
C SER F 1337 30.36 5.26 14.39
N THR F 1338 30.36 4.04 14.93
CA THR F 1338 29.19 3.46 15.57
C THR F 1338 29.54 3.03 16.99
N LYS F 1339 30.22 3.92 17.71
CA LYS F 1339 30.60 3.64 19.09
C LYS F 1339 29.69 4.31 20.09
N GLU F 1340 29.34 5.58 19.87
CA GLU F 1340 28.47 6.29 20.80
C GLU F 1340 27.11 5.61 20.93
N VAL F 1341 26.62 4.97 19.87
CA VAL F 1341 25.31 4.34 19.92
C VAL F 1341 25.29 3.20 20.93
N LEU F 1342 26.44 2.69 21.33
CA LEU F 1342 26.48 1.59 22.30
C LEU F 1342 26.13 2.07 23.70
N ASP F 1343 26.16 3.39 23.95
CA ASP F 1343 25.71 3.97 25.20
C ASP F 1343 24.40 4.73 25.03
N ALA F 1344 23.71 4.53 23.92
CA ALA F 1344 22.46 5.20 23.63
C ALA F 1344 21.30 4.34 24.10
N THR F 1345 20.08 4.72 23.71
CA THR F 1345 18.86 3.99 24.03
C THR F 1345 18.33 3.35 22.76
N LEU F 1346 18.19 2.04 22.76
CA LEU F 1346 17.70 1.31 21.59
C LEU F 1346 16.18 1.27 21.62
N ILE F 1347 15.54 1.74 20.56
CA ILE F 1347 14.10 1.85 20.49
C ILE F 1347 13.58 0.87 19.44
N HIS F 1348 12.67 0.00 19.85
CA HIS F 1348 11.97 -0.90 18.95
C HIS F 1348 10.58 -0.34 18.71
N GLN F 1349 10.27 -0.03 17.46
CA GLN F 1349 9.01 0.61 17.09
C GLN F 1349 8.15 -0.34 16.26
N SER F 1350 6.85 -0.34 16.54
CA SER F 1350 5.93 -1.18 15.78
C SER F 1350 5.72 -0.56 14.40
N ILE F 1351 4.83 -1.16 13.60
CA ILE F 1351 4.64 -0.68 12.24
C ILE F 1351 4.04 0.72 12.20
N THR F 1352 3.49 1.19 13.32
CA THR F 1352 2.96 2.55 13.39
C THR F 1352 3.80 3.47 14.26
N GLY F 1353 4.68 2.92 15.09
CA GLY F 1353 5.53 3.71 15.95
C GLY F 1353 4.91 4.12 17.25
N LEU F 1354 3.62 3.84 17.47
CA LEU F 1354 2.98 4.22 18.71
C LEU F 1354 3.39 3.32 19.86
N TYR F 1355 3.73 2.07 19.57
CA TYR F 1355 4.18 1.11 20.57
C TYR F 1355 5.70 1.01 20.51
N GLU F 1356 6.35 1.21 21.65
CA GLU F 1356 7.80 1.26 21.71
C GLU F 1356 8.31 0.35 22.83
N THR F 1357 9.59 0.03 22.75
CA THR F 1357 10.28 -0.76 23.77
C THR F 1357 11.68 -0.17 23.87
N ARG F 1358 11.85 0.74 24.83
CA ARG F 1358 13.12 1.44 24.99
C ARG F 1358 14.07 0.60 25.83
N ILE F 1359 15.17 0.15 25.23
CA ILE F 1359 16.16 -0.66 25.89
C ILE F 1359 17.41 0.19 26.08
N ASP F 1360 17.80 0.42 27.33
CA ASP F 1360 18.99 1.20 27.62
C ASP F 1360 20.21 0.31 27.49
N LEU F 1361 21.16 0.70 26.65
CA LEU F 1361 22.35 -0.10 26.40
C LEU F 1361 23.50 0.23 27.33
N SER F 1362 23.37 1.26 28.17
CA SER F 1362 24.44 1.55 29.13
C SER F 1362 24.53 0.49 30.21
N GLN F 1363 23.41 -0.16 30.52
CA GLN F 1363 23.42 -1.17 31.57
C GLN F 1363 24.23 -2.40 31.17
N LEU F 1364 24.20 -2.76 29.89
CA LEU F 1364 24.89 -3.96 29.43
C LEU F 1364 26.39 -3.86 29.63
#